data_6S70
#
_entry.id   6S70
#
_cell.length_a   74.684
_cell.length_b   98.677
_cell.length_c   207.100
_cell.angle_alpha   90.000
_cell.angle_beta   90.000
_cell.angle_gamma   90.000
#
_symmetry.space_group_name_H-M   'P 21 21 2'
#
loop_
_entity.id
_entity.type
_entity.pdbx_description
1 polymer 'Histone-arginine methyltransferase CARM1'
2 non-polymer 1-[5-[[(2~{R},3~{S},4~{R},5~{R})-5-(6-aminopurin-9-yl)-3,4-bis(oxidanyl)oxolan-2-yl]methyl-(3-azanylpropyl)amino]pentyl]guanidine
3 non-polymer GLYCEROL
4 water water
#
_entity_poly.entity_id   1
_entity_poly.type   'polypeptide(L)'
_entity_poly.pdbx_seq_one_letter_code
;SVFSERTEESSAVQYFQFYGYLSQQQNMMQDYVRTGTYQRAILQNHTDFKDKIVLDVGCGSGILSFFAAQAGARKIYAVE
ASTMAQHAEVLVKSNNLTDRIVVIPGKVEEVSLPEQVDIIISEPMGYMLFNERMLESYLHAKKYLKPSGNMFPTIGDVHL
APFTDEQLYMEQFTKANFWYQPSFHGVDLSALRGAAVDEYFRQPVVDTFDIRILMAKSVKYTVNFLEAKEGDLHRIEIPF
KFHMLHSGLVHGLAFWFDVAFIGSIMTVWLSTAPTEPLTHWYQVRCLFQSPLFAKAGDTLSGTCLLIANKRQSYDISIVA
QVDQTGSKSSNLLDLKNPFFRYTGTHHHHHH
;
_entity_poly.pdbx_strand_id   A,B,C,D
#
# COMPACT_ATOMS: atom_id res chain seq x y z
N SER A 1 -20.85 32.70 25.23
CA SER A 1 -20.64 33.34 23.90
C SER A 1 -21.94 33.22 23.05
N VAL A 2 -21.91 33.85 21.89
CA VAL A 2 -22.96 33.75 20.92
C VAL A 2 -23.09 32.30 20.42
N PHE A 3 -21.97 31.56 20.36
CA PHE A 3 -22.01 30.16 19.93
C PHE A 3 -22.69 29.26 20.96
N SER A 4 -22.25 29.34 22.22
CA SER A 4 -22.80 28.49 23.30
C SER A 4 -24.28 28.76 23.54
N GLU A 5 -24.70 30.04 23.43
CA GLU A 5 -26.13 30.40 23.64
C GLU A 5 -27.07 29.83 22.55
N ARG A 6 -26.58 29.67 21.32
CA ARG A 6 -27.39 29.16 20.22
C ARG A 6 -27.26 27.62 19.99
N THR A 7 -26.40 26.96 20.76
CA THR A 7 -26.02 25.56 20.47
C THR A 7 -26.11 24.71 21.76
N GLU A 8 -26.87 23.61 21.70
CA GLU A 8 -26.84 22.60 22.78
C GLU A 8 -25.41 22.01 22.85
N GLU A 9 -24.87 21.91 24.07
CA GLU A 9 -23.54 21.33 24.30
C GLU A 9 -23.40 19.94 23.62
N SER A 10 -24.44 19.11 23.73
CA SER A 10 -24.45 17.80 23.13
C SER A 10 -24.15 17.78 21.61
N SER A 11 -24.77 18.73 20.91
CA SER A 11 -24.61 18.86 19.47
C SER A 11 -23.21 19.39 19.13
N ALA A 12 -22.73 20.37 19.88
CA ALA A 12 -21.36 20.96 19.70
C ALA A 12 -20.25 19.92 19.85
N VAL A 13 -20.37 19.07 20.87
CA VAL A 13 -19.36 18.04 21.16
C VAL A 13 -19.30 17.06 19.99
N GLN A 14 -20.44 16.52 19.56
CA GLN A 14 -20.52 15.61 18.40
C GLN A 14 -19.96 16.24 17.13
N TYR A 15 -20.38 17.50 16.88
CA TYR A 15 -19.95 18.29 15.72
C TYR A 15 -18.42 18.47 15.65
N PHE A 16 -17.82 18.96 16.72
CA PHE A 16 -16.38 19.20 16.73
C PHE A 16 -15.55 17.90 16.83
N GLN A 17 -16.09 16.87 17.44
CA GLN A 17 -15.46 15.54 17.37
C GLN A 17 -15.37 15.00 15.92
N PHE A 18 -16.47 15.15 15.17
CA PHE A 18 -16.55 14.75 13.78
C PHE A 18 -15.49 15.45 12.90
N TYR A 19 -15.37 16.77 13.04
CA TYR A 19 -14.36 17.52 12.26
C TYR A 19 -12.89 17.37 12.75
N GLY A 20 -12.73 16.75 13.92
CA GLY A 20 -11.40 16.36 14.43
C GLY A 20 -10.73 15.21 13.73
N TYR A 21 -11.45 14.44 12.93
CA TYR A 21 -10.83 13.27 12.20
C TYR A 21 -10.19 13.75 10.89
N LEU A 22 -8.94 13.34 10.71
CA LEU A 22 -8.24 13.54 9.44
C LEU A 22 -8.98 12.92 8.26
N SER A 23 -9.64 11.76 8.47
CA SER A 23 -10.44 11.14 7.41
C SER A 23 -11.52 12.05 6.88
N GLN A 24 -12.14 12.82 7.77
CA GLN A 24 -13.20 13.73 7.36
C GLN A 24 -12.65 14.96 6.61
N GLN A 25 -11.55 15.50 7.08
CA GLN A 25 -10.86 16.59 6.36
C GLN A 25 -10.44 16.11 4.98
N GLN A 26 -9.91 14.90 4.90
CA GLN A 26 -9.53 14.28 3.62
C GLN A 26 -10.68 14.12 2.69
N ASN A 27 -11.82 13.65 3.18
CA ASN A 27 -12.99 13.46 2.32
C ASN A 27 -13.36 14.79 1.68
N MET A 28 -13.28 15.87 2.44
CA MET A 28 -13.63 17.20 1.92
C MET A 28 -12.57 17.73 0.97
N MET A 29 -11.29 17.58 1.31
CA MET A 29 -10.21 17.97 0.42
C MET A 29 -10.25 17.23 -0.91
N GLN A 30 -10.63 15.97 -0.93
CA GLN A 30 -10.71 15.13 -2.16
C GLN A 30 -11.86 15.47 -3.10
N ASP A 31 -12.80 16.31 -2.67
CA ASP A 31 -13.81 16.88 -3.57
C ASP A 31 -13.11 17.89 -4.45
N TYR A 32 -12.77 17.49 -5.67
CA TYR A 32 -11.98 18.34 -6.57
C TYR A 32 -12.63 19.67 -6.93
N VAL A 33 -13.94 19.64 -7.17
CA VAL A 33 -14.67 20.83 -7.56
C VAL A 33 -14.57 21.87 -6.43
N ARG A 34 -14.76 21.43 -5.20
CA ARG A 34 -14.66 22.29 -4.04
C ARG A 34 -13.24 22.85 -3.90
N THR A 35 -12.25 21.98 -3.78
CA THR A 35 -10.91 22.39 -3.46
C THR A 35 -10.29 23.23 -4.60
N GLY A 36 -10.51 22.77 -5.82
CA GLY A 36 -9.98 23.46 -6.99
C GLY A 36 -10.62 24.81 -7.26
N THR A 37 -11.94 24.91 -7.01
CA THR A 37 -12.63 26.19 -7.19
C THR A 37 -12.20 27.22 -6.12
N TYR A 38 -12.05 26.80 -4.87
CA TYR A 38 -11.51 27.68 -3.84
C TYR A 38 -10.12 28.17 -4.21
N GLN A 39 -9.24 27.27 -4.63
CA GLN A 39 -7.87 27.67 -5.04
C GLN A 39 -7.90 28.69 -6.19
N ARG A 40 -8.71 28.40 -7.18
CA ARG A 40 -8.84 29.27 -8.34
C ARG A 40 -9.39 30.65 -7.96
N ALA A 41 -10.45 30.68 -7.11
CA ALA A 41 -11.02 31.93 -6.63
C ALA A 41 -9.97 32.81 -5.92
N ILE A 42 -9.14 32.19 -5.10
CA ILE A 42 -8.14 32.90 -4.34
C ILE A 42 -6.92 33.34 -5.25
N LEU A 43 -6.34 32.40 -5.99
CA LEU A 43 -5.17 32.69 -6.81
C LEU A 43 -5.45 33.64 -8.00
N GLN A 44 -6.58 33.47 -8.67
CA GLN A 44 -6.95 34.38 -9.73
C GLN A 44 -7.37 35.77 -9.27
N ASN A 45 -7.66 35.92 -7.98
CA ASN A 45 -7.90 37.21 -7.34
C ASN A 45 -6.74 37.59 -6.40
N HIS A 46 -5.53 37.38 -6.88
CA HIS A 46 -4.30 37.64 -6.07
C HIS A 46 -4.16 39.06 -5.51
N THR A 47 -4.69 40.05 -6.19
CA THR A 47 -4.76 41.43 -5.67
C THR A 47 -5.61 41.60 -4.42
N ASP A 48 -6.57 40.72 -4.20
CA ASP A 48 -7.37 40.73 -2.93
C ASP A 48 -6.61 40.11 -1.77
N PHE A 49 -5.48 39.46 -2.04
CA PHE A 49 -4.67 38.80 -1.05
C PHE A 49 -3.24 39.32 -0.85
N LYS A 50 -2.58 39.78 -1.92
CA LYS A 50 -1.15 40.20 -1.85
C LYS A 50 -0.95 41.26 -0.77
N ASP A 51 -0.10 40.98 0.19
CA ASP A 51 0.23 41.86 1.33
C ASP A 51 -0.95 42.23 2.20
N LYS A 52 -1.99 41.41 2.23
CA LYS A 52 -3.20 41.69 3.00
C LYS A 52 -3.25 40.82 4.26
N ILE A 53 -4.14 41.20 5.17
CA ILE A 53 -4.42 40.47 6.39
C ILE A 53 -5.72 39.67 6.15
N VAL A 54 -5.67 38.38 6.46
CA VAL A 54 -6.75 37.46 6.24
C VAL A 54 -7.17 36.70 7.45
N LEU A 55 -8.49 36.47 7.59
CA LEU A 55 -9.04 35.61 8.61
C LEU A 55 -9.65 34.39 7.92
N ASP A 56 -9.26 33.18 8.35
CA ASP A 56 -9.80 31.91 7.88
C ASP A 56 -10.71 31.33 8.98
N VAL A 57 -12.03 31.39 8.76
CA VAL A 57 -12.97 30.93 9.80
C VAL A 57 -13.22 29.44 9.66
N GLY A 58 -12.74 28.67 10.63
CA GLY A 58 -12.94 27.22 10.60
C GLY A 58 -11.97 26.58 9.57
N CYS A 59 -10.67 26.75 9.80
CA CYS A 59 -9.66 26.45 8.86
C CYS A 59 -9.43 24.94 8.61
N GLY A 60 -9.83 24.11 9.56
CA GLY A 60 -9.64 22.70 9.45
C GLY A 60 -8.17 22.33 9.33
N SER A 61 -7.82 21.56 8.33
CA SER A 61 -6.38 21.22 8.07
C SER A 61 -5.52 22.45 7.72
N GLY A 62 -6.16 23.53 7.25
CA GLY A 62 -5.52 24.78 6.95
C GLY A 62 -5.44 25.11 5.47
N ILE A 63 -5.96 24.24 4.63
CA ILE A 63 -5.80 24.33 3.18
C ILE A 63 -6.07 25.72 2.57
N LEU A 64 -7.14 26.40 2.99
CA LEU A 64 -7.50 27.72 2.41
C LEU A 64 -6.50 28.80 2.83
N SER A 65 -5.97 28.67 4.07
CA SER A 65 -4.95 29.59 4.52
C SER A 65 -3.67 29.43 3.69
N PHE A 66 -3.32 28.20 3.32
CA PHE A 66 -2.19 27.94 2.42
C PHE A 66 -2.44 28.56 1.05
N PHE A 67 -3.65 28.48 0.52
CA PHE A 67 -3.96 29.16 -0.73
C PHE A 67 -3.78 30.68 -0.60
N ALA A 68 -4.20 31.26 0.54
CA ALA A 68 -4.02 32.69 0.80
C ALA A 68 -2.53 33.05 0.83
N ALA A 69 -1.73 32.18 1.43
CA ALA A 69 -0.29 32.35 1.46
C ALA A 69 0.37 32.24 0.06
N GLN A 70 -0.03 31.26 -0.72
CA GLN A 70 0.42 31.14 -2.12
C GLN A 70 0.12 32.44 -2.92
N ALA A 71 -1.00 33.09 -2.61
CA ALA A 71 -1.40 34.33 -3.27
C ALA A 71 -0.75 35.60 -2.73
N GLY A 72 0.07 35.48 -1.69
CA GLY A 72 0.87 36.57 -1.18
C GLY A 72 0.41 37.28 0.10
N ALA A 73 -0.55 36.72 0.81
CA ALA A 73 -1.05 37.34 2.04
C ALA A 73 0.13 37.58 3.01
N ARG A 74 0.08 38.70 3.72
CA ARG A 74 1.12 39.05 4.69
C ARG A 74 0.90 38.33 6.00
N LYS A 75 -0.35 38.20 6.43
CA LYS A 75 -0.68 37.54 7.67
C LYS A 75 -2.07 36.92 7.56
N ILE A 76 -2.19 35.68 8.03
CA ILE A 76 -3.41 34.92 8.00
C ILE A 76 -3.68 34.38 9.40
N TYR A 77 -4.82 34.77 10.00
CA TYR A 77 -5.26 34.16 11.25
C TYR A 77 -6.20 33.00 10.90
N ALA A 78 -5.85 31.82 11.34
CA ALA A 78 -6.58 30.60 11.03
C ALA A 78 -7.24 30.07 12.30
N VAL A 79 -8.57 30.27 12.39
CA VAL A 79 -9.32 29.88 13.58
C VAL A 79 -9.96 28.50 13.38
N GLU A 80 -9.82 27.62 14.35
CA GLU A 80 -10.39 26.28 14.34
C GLU A 80 -10.68 25.78 15.73
N ALA A 81 -11.90 25.31 15.96
CA ALA A 81 -12.36 24.88 17.32
C ALA A 81 -12.20 23.42 17.61
N SER A 82 -12.13 22.58 16.60
CA SER A 82 -11.88 21.14 16.81
C SER A 82 -10.37 20.89 17.14
N THR A 83 -10.07 19.66 17.53
CA THR A 83 -8.69 19.23 17.73
C THR A 83 -7.85 19.24 16.42
N MET A 84 -8.51 19.40 15.26
CA MET A 84 -7.83 19.64 14.02
C MET A 84 -6.86 20.83 14.03
N ALA A 85 -7.07 21.79 14.94
CA ALA A 85 -6.15 22.94 15.10
C ALA A 85 -4.70 22.56 15.31
N GLN A 86 -4.47 21.48 16.05
CA GLN A 86 -3.11 20.97 16.32
C GLN A 86 -2.47 20.43 15.03
N HIS A 87 -3.23 19.73 14.22
CA HIS A 87 -2.76 19.19 12.94
C HIS A 87 -2.42 20.33 11.99
N ALA A 88 -3.30 21.36 11.94
CA ALA A 88 -3.02 22.56 11.17
C ALA A 88 -1.70 23.21 11.57
N GLU A 89 -1.44 23.33 12.86
CA GLU A 89 -0.18 23.97 13.38
C GLU A 89 1.06 23.16 12.90
N VAL A 90 0.99 21.83 12.96
CA VAL A 90 2.03 20.98 12.41
C VAL A 90 2.29 21.28 10.92
N LEU A 91 1.25 21.43 10.13
CA LEU A 91 1.41 21.77 8.71
C LEU A 91 1.99 23.16 8.47
N VAL A 92 1.60 24.12 9.30
CA VAL A 92 2.15 25.45 9.18
C VAL A 92 3.67 25.44 9.40
N LYS A 93 4.13 24.71 10.43
CA LYS A 93 5.57 24.58 10.69
C LYS A 93 6.27 23.83 9.55
N SER A 94 5.75 22.69 9.13
CA SER A 94 6.41 21.88 8.09
C SER A 94 6.47 22.56 6.72
N ASN A 95 5.58 23.50 6.43
CA ASN A 95 5.61 24.28 5.18
C ASN A 95 6.30 25.66 5.36
N ASN A 96 7.00 25.87 6.49
CA ASN A 96 7.78 27.05 6.75
C ASN A 96 7.02 28.36 6.60
N LEU A 97 5.85 28.42 7.22
CA LEU A 97 4.95 29.58 7.13
C LEU A 97 4.56 30.09 8.51
N THR A 98 5.36 29.82 9.54
CA THR A 98 5.06 30.34 10.90
C THR A 98 5.11 31.85 11.00
N ASP A 99 5.87 32.49 10.13
CA ASP A 99 5.85 33.99 10.05
C ASP A 99 4.58 34.58 9.38
N ARG A 100 3.75 33.76 8.77
CA ARG A 100 2.60 34.27 7.98
C ARG A 100 1.21 33.70 8.37
N ILE A 101 1.14 32.46 8.82
CA ILE A 101 -0.09 31.82 9.26
C ILE A 101 -0.01 31.58 10.76
N VAL A 102 -0.98 32.16 11.49
CA VAL A 102 -1.11 31.97 12.93
C VAL A 102 -2.40 31.23 13.19
N VAL A 103 -2.27 30.01 13.65
CA VAL A 103 -3.36 29.18 14.07
C VAL A 103 -3.80 29.59 15.45
N ILE A 104 -5.10 29.84 15.60
CA ILE A 104 -5.74 30.24 16.86
C ILE A 104 -6.80 29.18 17.23
N PRO A 105 -6.51 28.34 18.24
CA PRO A 105 -7.49 27.34 18.64
C PRO A 105 -8.72 27.93 19.34
N GLY A 106 -9.90 27.50 18.99
CA GLY A 106 -11.13 27.89 19.63
C GLY A 106 -12.21 28.32 18.64
N LYS A 107 -13.35 28.75 19.21
CA LYS A 107 -14.48 29.20 18.41
C LYS A 107 -14.28 30.66 18.05
N VAL A 108 -14.60 31.01 16.79
CA VAL A 108 -14.45 32.39 16.30
C VAL A 108 -15.27 33.41 17.13
N GLU A 109 -16.31 32.93 17.80
CA GLU A 109 -17.11 33.73 18.75
C GLU A 109 -16.44 33.98 20.11
N GLU A 110 -15.34 33.30 20.41
CA GLU A 110 -14.73 33.29 21.77
C GLU A 110 -13.26 33.74 21.80
N VAL A 111 -12.53 33.54 20.72
CA VAL A 111 -11.16 33.92 20.61
C VAL A 111 -10.98 35.44 20.44
N SER A 112 -9.72 35.91 20.54
CA SER A 112 -9.31 37.25 20.23
C SER A 112 -8.37 37.23 19.01
N LEU A 113 -8.56 38.17 18.10
CA LEU A 113 -7.54 38.48 17.09
C LEU A 113 -6.83 39.78 17.53
N PRO A 114 -5.53 39.89 17.22
CA PRO A 114 -4.79 41.08 17.57
C PRO A 114 -5.08 42.31 16.69
N GLU A 115 -5.62 42.11 15.49
CA GLU A 115 -5.89 43.22 14.56
C GLU A 115 -7.13 42.94 13.70
N GLN A 116 -7.60 43.96 12.98
CA GLN A 116 -8.66 43.83 12.02
C GLN A 116 -8.08 43.28 10.72
N VAL A 117 -8.92 42.68 9.86
CA VAL A 117 -8.46 42.03 8.66
C VAL A 117 -9.08 42.60 7.39
N ASP A 118 -8.44 42.37 6.25
CA ASP A 118 -8.90 42.86 4.95
C ASP A 118 -9.95 41.98 4.31
N ILE A 119 -9.89 40.69 4.59
CA ILE A 119 -10.72 39.72 3.90
C ILE A 119 -10.92 38.48 4.76
N ILE A 120 -12.15 37.98 4.78
CA ILE A 120 -12.48 36.74 5.51
C ILE A 120 -12.71 35.65 4.44
N ILE A 121 -12.09 34.49 4.68
CA ILE A 121 -12.33 33.31 3.86
C ILE A 121 -12.87 32.16 4.72
N SER A 122 -13.72 31.34 4.16
CA SER A 122 -14.34 30.22 4.87
C SER A 122 -15.06 29.32 3.93
N GLU A 123 -15.35 28.13 4.42
CA GLU A 123 -16.24 27.19 3.74
C GLU A 123 -17.39 26.83 4.68
N PRO A 124 -18.34 27.76 4.86
CA PRO A 124 -19.39 27.56 5.87
C PRO A 124 -20.63 26.81 5.37
N MET A 125 -20.65 26.35 4.12
CA MET A 125 -21.84 25.77 3.50
C MET A 125 -22.06 24.35 3.92
N GLY A 126 -23.26 24.04 4.40
CA GLY A 126 -23.70 22.64 4.62
C GLY A 126 -24.71 22.21 3.59
N TYR A 127 -25.30 21.05 3.79
CA TYR A 127 -26.49 20.61 2.95
C TYR A 127 -27.49 21.69 2.87
N MET A 128 -28.06 21.92 1.67
CA MET A 128 -29.09 22.98 1.45
C MET A 128 -28.53 24.36 1.86
N LEU A 129 -27.21 24.53 1.79
CA LEU A 129 -26.48 25.75 2.21
C LEU A 129 -26.42 25.97 3.71
N PHE A 130 -27.57 25.97 4.37
CA PHE A 130 -27.74 26.41 5.72
C PHE A 130 -27.49 25.34 6.82
N ASN A 131 -27.47 24.08 6.49
CA ASN A 131 -27.24 23.06 7.53
C ASN A 131 -25.89 23.25 8.25
N GLU A 132 -25.90 22.96 9.55
CA GLU A 132 -24.76 23.13 10.48
C GLU A 132 -24.67 24.53 11.11
N ARG A 133 -25.37 25.52 10.52
CA ARG A 133 -25.44 26.89 11.04
C ARG A 133 -24.05 27.54 11.14
N MET A 134 -23.14 27.15 10.28
CA MET A 134 -21.81 27.70 10.24
C MET A 134 -21.81 29.05 9.55
N LEU A 135 -22.81 29.33 8.71
CA LEU A 135 -22.92 30.69 8.13
C LEU A 135 -23.00 31.80 9.21
N GLU A 136 -23.62 31.49 10.33
CA GLU A 136 -23.67 32.41 11.45
C GLU A 136 -22.30 32.78 12.04
N SER A 137 -21.43 31.77 12.20
CA SER A 137 -20.03 32.02 12.67
C SER A 137 -19.27 32.87 11.65
N TYR A 138 -19.49 32.58 10.37
CA TYR A 138 -18.88 33.33 9.28
C TYR A 138 -19.30 34.83 9.35
N LEU A 139 -20.58 35.09 9.54
CA LEU A 139 -21.08 36.45 9.62
C LEU A 139 -20.67 37.12 10.91
N HIS A 140 -20.72 36.38 12.02
CA HIS A 140 -20.22 36.84 13.31
C HIS A 140 -18.80 37.40 13.21
N ALA A 141 -17.94 36.72 12.41
CA ALA A 141 -16.56 37.11 12.20
C ALA A 141 -16.36 38.49 11.56
N LYS A 142 -17.41 39.07 10.99
CA LYS A 142 -17.36 40.45 10.45
C LYS A 142 -17.04 41.52 11.46
N LYS A 143 -17.19 41.23 12.76
CA LYS A 143 -16.68 42.15 13.78
C LYS A 143 -15.17 42.40 13.65
N TYR A 144 -14.44 41.49 13.00
CA TYR A 144 -13.02 41.65 12.72
C TYR A 144 -12.70 42.20 11.35
N LEU A 145 -13.73 42.54 10.58
CA LEU A 145 -13.52 42.96 9.19
C LEU A 145 -13.40 44.47 9.13
N LYS A 146 -12.32 44.96 8.54
CA LYS A 146 -12.14 46.40 8.24
C LYS A 146 -13.31 46.91 7.41
N PRO A 147 -13.66 48.19 7.56
CA PRO A 147 -14.75 48.72 6.66
C PRO A 147 -14.33 48.56 5.22
N SER A 148 -15.24 48.16 4.35
CA SER A 148 -14.93 47.80 2.97
C SER A 148 -14.02 46.55 2.80
N GLY A 149 -13.86 45.73 3.85
CA GLY A 149 -13.26 44.42 3.66
C GLY A 149 -14.15 43.49 2.85
N ASN A 150 -13.57 42.42 2.29
CA ASN A 150 -14.28 41.51 1.42
C ASN A 150 -14.58 40.18 2.18
N MET A 151 -15.42 39.36 1.58
CA MET A 151 -15.76 38.03 2.08
C MET A 151 -15.73 37.03 0.94
N PHE A 152 -15.06 35.89 1.18
CA PHE A 152 -14.88 34.82 0.20
C PHE A 152 -15.37 33.52 0.80
N PRO A 153 -16.59 33.06 0.46
CA PRO A 153 -17.50 33.55 -0.57
C PRO A 153 -18.20 34.84 -0.22
N THR A 154 -18.63 35.57 -1.26
CA THR A 154 -19.29 36.85 -1.11
C THR A 154 -20.82 36.73 -0.99
N ILE A 155 -21.40 35.88 -1.81
CA ILE A 155 -22.82 35.62 -1.79
C ILE A 155 -23.12 34.12 -1.86
N GLY A 156 -24.34 33.75 -1.44
CA GLY A 156 -24.86 32.39 -1.52
C GLY A 156 -26.28 32.38 -2.04
N ASP A 157 -26.55 31.54 -3.04
CA ASP A 157 -27.85 31.40 -3.64
C ASP A 157 -28.38 29.99 -3.36
N VAL A 158 -29.51 29.89 -2.70
CA VAL A 158 -30.26 28.66 -2.59
C VAL A 158 -31.29 28.60 -3.73
N HIS A 159 -31.33 27.47 -4.41
CA HIS A 159 -32.28 27.22 -5.49
C HIS A 159 -33.27 26.14 -5.08
N LEU A 160 -34.54 26.35 -5.34
CA LEU A 160 -35.56 25.35 -5.12
C LEU A 160 -36.44 25.18 -6.36
N ALA A 161 -36.84 23.93 -6.62
CA ALA A 161 -37.67 23.62 -7.76
C ALA A 161 -38.54 22.38 -7.41
N PRO A 162 -39.79 22.35 -7.90
CA PRO A 162 -40.64 21.19 -7.72
C PRO A 162 -40.17 20.01 -8.58
N PHE A 163 -40.30 18.79 -8.06
CA PHE A 163 -39.87 17.59 -8.79
C PHE A 163 -40.95 16.48 -8.77
N THR A 164 -40.82 15.54 -9.72
CA THR A 164 -41.64 14.35 -9.78
C THR A 164 -40.70 13.14 -9.66
N ASP A 165 -40.97 12.26 -8.69
CA ASP A 165 -40.21 11.03 -8.53
C ASP A 165 -41.05 9.99 -7.77
N GLU A 166 -41.85 9.24 -8.53
CA GLU A 166 -42.76 8.28 -8.04
C GLU A 166 -42.08 7.16 -7.22
N GLN A 167 -40.95 6.69 -7.69
CA GLN A 167 -40.19 5.62 -7.02
C GLN A 167 -39.64 6.08 -5.64
N LEU A 168 -39.11 7.33 -5.55
CA LEU A 168 -38.71 7.87 -4.26
C LEU A 168 -39.86 7.94 -3.28
N TYR A 169 -40.98 8.51 -3.73
CA TYR A 169 -42.18 8.60 -2.91
C TYR A 169 -42.63 7.23 -2.36
N MET A 170 -42.73 6.24 -3.26
CA MET A 170 -43.18 4.92 -2.92
C MET A 170 -42.24 4.17 -1.95
N GLU A 171 -40.94 4.40 -2.08
CA GLU A 171 -39.97 3.84 -1.16
C GLU A 171 -40.32 4.17 0.30
N GLN A 172 -40.88 5.33 0.60
CA GLN A 172 -41.23 5.68 1.98
C GLN A 172 -42.34 4.83 2.55
N PHE A 173 -43.33 4.51 1.72
CA PHE A 173 -44.45 3.73 2.21
C PHE A 173 -44.05 2.28 2.28
N THR A 174 -43.22 1.81 1.35
CA THR A 174 -42.71 0.47 1.41
C THR A 174 -41.93 0.23 2.73
N LYS A 175 -41.08 1.20 3.12
CA LYS A 175 -40.34 1.07 4.34
C LYS A 175 -41.23 1.11 5.58
N ALA A 176 -42.15 2.07 5.63
CA ALA A 176 -43.06 2.19 6.75
C ALA A 176 -44.05 1.06 6.91
N ASN A 177 -44.38 0.40 5.79
CA ASN A 177 -45.37 -0.68 5.81
C ASN A 177 -44.87 -1.90 6.52
N PHE A 178 -43.57 -1.96 6.85
CA PHE A 178 -43.09 -2.89 7.83
C PHE A 178 -43.99 -2.92 9.10
N TRP A 179 -44.42 -1.75 9.57
CA TRP A 179 -45.23 -1.71 10.78
C TRP A 179 -46.72 -2.15 10.55
N TYR A 180 -47.15 -2.36 9.32
CA TYR A 180 -48.54 -2.69 8.99
C TYR A 180 -48.67 -4.18 8.82
N GLN A 181 -48.39 -4.87 9.90
CA GLN A 181 -48.36 -6.34 10.03
C GLN A 181 -49.17 -6.65 11.30
N PRO A 182 -50.24 -7.43 11.25
CA PRO A 182 -50.95 -7.82 12.47
C PRO A 182 -50.26 -8.87 13.34
N SER A 183 -49.23 -9.54 12.83
CA SER A 183 -48.58 -10.60 13.58
C SER A 183 -47.10 -10.76 13.18
N PHE A 184 -46.30 -9.72 13.47
CA PHE A 184 -44.85 -9.79 13.36
C PHE A 184 -44.37 -10.57 14.58
N HIS A 185 -44.00 -11.83 14.38
CA HIS A 185 -43.68 -12.74 15.48
C HIS A 185 -44.78 -12.71 16.58
N GLY A 186 -46.02 -12.68 16.13
CA GLY A 186 -47.16 -12.68 17.03
C GLY A 186 -47.63 -11.32 17.59
N VAL A 187 -47.03 -10.24 17.09
CA VAL A 187 -47.26 -8.91 17.63
C VAL A 187 -47.87 -8.04 16.54
N ASP A 188 -48.94 -7.33 16.93
CA ASP A 188 -49.64 -6.44 16.03
C ASP A 188 -48.95 -5.09 16.07
N LEU A 189 -48.21 -4.74 15.01
CA LEU A 189 -47.44 -3.53 14.92
C LEU A 189 -48.17 -2.34 14.31
N SER A 190 -49.36 -2.57 13.80
CA SER A 190 -50.05 -1.64 12.90
C SER A 190 -50.33 -0.25 13.42
N ALA A 191 -50.50 -0.14 14.72
CA ALA A 191 -50.79 1.13 15.35
C ALA A 191 -49.62 2.11 15.30
N LEU A 192 -48.41 1.65 15.01
CA LEU A 192 -47.23 2.54 14.79
C LEU A 192 -46.98 2.95 13.30
N ARG A 193 -47.77 2.46 12.36
CA ARG A 193 -47.51 2.69 10.97
C ARG A 193 -47.58 4.20 10.59
N GLY A 194 -48.58 4.90 11.11
CA GLY A 194 -48.71 6.30 10.85
C GLY A 194 -47.51 7.10 11.37
N ALA A 195 -47.07 6.77 12.60
CA ALA A 195 -45.93 7.43 13.16
C ALA A 195 -44.66 7.14 12.34
N ALA A 196 -44.52 5.93 11.82
CA ALA A 196 -43.37 5.60 10.97
C ALA A 196 -43.36 6.35 9.63
N VAL A 197 -44.52 6.47 9.00
CA VAL A 197 -44.68 7.24 7.76
C VAL A 197 -44.20 8.71 8.03
N ASP A 198 -44.72 9.32 9.08
CA ASP A 198 -44.37 10.67 9.48
C ASP A 198 -42.87 10.82 9.67
N GLU A 199 -42.24 9.86 10.36
CA GLU A 199 -40.79 9.92 10.58
C GLU A 199 -40.02 9.83 9.28
N TYR A 200 -40.40 8.93 8.36
CA TYR A 200 -39.67 8.81 7.09
C TYR A 200 -39.82 10.10 6.24
N PHE A 201 -41.01 10.66 6.17
CA PHE A 201 -41.26 11.88 5.40
C PHE A 201 -40.63 13.13 6.03
N ARG A 202 -40.31 13.09 7.31
CA ARG A 202 -39.57 14.19 7.95
C ARG A 202 -38.07 14.26 7.56
N GLN A 203 -37.54 13.24 6.87
CA GLN A 203 -36.15 13.21 6.49
C GLN A 203 -35.91 13.84 5.12
N PRO A 204 -35.11 14.89 5.04
CA PRO A 204 -34.68 15.32 3.70
C PRO A 204 -33.77 14.29 3.05
N VAL A 205 -33.89 14.11 1.78
CA VAL A 205 -33.20 13.09 1.02
C VAL A 205 -32.01 13.68 0.33
N VAL A 206 -30.81 13.26 0.75
CA VAL A 206 -29.54 13.72 0.18
C VAL A 206 -29.12 12.67 -0.82
N ASP A 207 -29.13 13.06 -2.10
CA ASP A 207 -28.67 12.23 -3.21
C ASP A 207 -28.68 13.10 -4.44
N THR A 208 -28.33 12.54 -5.58
CA THR A 208 -28.43 13.30 -6.82
C THR A 208 -29.55 12.70 -7.67
N PHE A 209 -29.83 13.34 -8.80
CA PHE A 209 -30.90 12.95 -9.67
C PHE A 209 -30.73 13.53 -11.06
N ASP A 210 -31.39 12.92 -12.03
CA ASP A 210 -31.44 13.39 -13.40
C ASP A 210 -32.33 14.67 -13.42
N ILE A 211 -31.88 15.68 -14.13
CA ILE A 211 -32.58 16.97 -14.21
C ILE A 211 -33.99 16.90 -14.84
N ARG A 212 -34.31 15.82 -15.55
CA ARG A 212 -35.60 15.63 -16.16
C ARG A 212 -36.74 15.49 -15.15
N ILE A 213 -36.43 15.17 -13.88
CA ILE A 213 -37.45 15.13 -12.84
C ILE A 213 -37.99 16.53 -12.44
N LEU A 214 -37.27 17.59 -12.79
CA LEU A 214 -37.68 18.93 -12.42
C LEU A 214 -38.80 19.44 -13.29
N MET A 215 -39.81 20.05 -12.67
CA MET A 215 -41.05 20.45 -13.32
C MET A 215 -41.22 21.94 -13.59
N ALA A 216 -40.32 22.75 -13.13
CA ALA A 216 -40.34 24.22 -13.36
C ALA A 216 -38.97 24.76 -13.11
N LYS A 217 -38.73 25.94 -13.64
CA LYS A 217 -37.53 26.71 -13.47
C LYS A 217 -37.38 27.03 -11.98
N SER A 218 -36.15 27.00 -11.50
CA SER A 218 -35.94 27.16 -10.02
C SER A 218 -36.21 28.60 -9.60
N VAL A 219 -36.58 28.76 -8.32
CA VAL A 219 -36.64 30.03 -7.65
C VAL A 219 -35.32 30.15 -6.82
N LYS A 220 -34.80 31.35 -6.73
CA LYS A 220 -33.49 31.68 -6.16
C LYS A 220 -33.69 32.56 -4.92
N TYR A 221 -33.09 32.19 -3.78
CA TYR A 221 -33.06 33.02 -2.58
C TYR A 221 -31.56 33.30 -2.24
N THR A 222 -31.19 34.57 -2.17
CA THR A 222 -29.86 35.05 -2.07
C THR A 222 -29.52 35.64 -0.75
N VAL A 223 -28.41 35.21 -0.18
CA VAL A 223 -27.84 35.81 1.03
C VAL A 223 -26.55 36.52 0.58
N ASN A 224 -26.49 37.81 0.82
CA ASN A 224 -25.33 38.61 0.58
C ASN A 224 -24.53 38.67 1.89
N PHE A 225 -23.35 38.04 1.90
CA PHE A 225 -22.56 37.91 3.15
C PHE A 225 -21.89 39.19 3.57
N LEU A 226 -21.73 40.13 2.64
CA LEU A 226 -21.26 41.50 3.01
C LEU A 226 -22.29 42.29 3.82
N GLU A 227 -23.57 42.04 3.60
CA GLU A 227 -24.67 42.78 4.28
C GLU A 227 -25.40 42.04 5.37
N ALA A 228 -25.50 40.71 5.28
CA ALA A 228 -26.30 39.95 6.24
C ALA A 228 -25.70 39.98 7.66
N LYS A 229 -26.60 39.96 8.64
CA LYS A 229 -26.26 39.81 10.04
C LYS A 229 -26.61 38.37 10.41
N GLU A 230 -25.96 37.86 11.45
CA GLU A 230 -26.22 36.52 12.02
C GLU A 230 -27.70 36.25 12.21
N GLY A 231 -28.38 37.22 12.80
CA GLY A 231 -29.78 37.14 13.10
C GLY A 231 -30.67 36.89 11.93
N ASP A 232 -30.22 37.31 10.75
CA ASP A 232 -30.95 37.07 9.49
C ASP A 232 -31.15 35.60 9.19
N LEU A 233 -30.30 34.74 9.73
CA LEU A 233 -30.36 33.30 9.47
C LEU A 233 -31.15 32.49 10.48
N HIS A 234 -31.69 33.11 11.50
CA HIS A 234 -32.51 32.39 12.50
C HIS A 234 -33.85 31.96 11.92
N ARG A 235 -34.39 32.76 10.99
CA ARG A 235 -35.66 32.53 10.35
C ARG A 235 -35.54 32.94 8.91
N ILE A 236 -35.67 31.98 8.00
CA ILE A 236 -35.45 32.23 6.58
C ILE A 236 -36.72 31.88 5.88
N GLU A 237 -37.38 32.93 5.32
CA GLU A 237 -38.69 32.76 4.66
C GLU A 237 -38.46 32.87 3.16
N ILE A 238 -38.73 31.78 2.44
CA ILE A 238 -38.58 31.76 0.99
C ILE A 238 -39.92 31.55 0.33
N PRO A 239 -40.56 32.66 -0.11
CA PRO A 239 -41.82 32.49 -0.88
C PRO A 239 -41.49 31.98 -2.30
N PHE A 240 -42.45 31.27 -2.89
CA PHE A 240 -42.27 30.74 -4.25
C PHE A 240 -43.55 30.75 -5.03
N LYS A 241 -43.40 31.01 -6.32
CA LYS A 241 -44.44 30.85 -7.34
C LYS A 241 -43.79 30.18 -8.54
N PHE A 242 -44.06 28.88 -8.71
CA PHE A 242 -43.51 28.12 -9.86
C PHE A 242 -44.52 28.08 -11.00
N HIS A 243 -44.06 28.41 -12.19
CA HIS A 243 -44.84 28.29 -13.41
C HIS A 243 -44.47 26.93 -14.05
N MET A 244 -45.41 25.99 -13.96
CA MET A 244 -45.17 24.58 -14.25
C MET A 244 -44.90 24.37 -15.75
N LEU A 245 -43.75 23.75 -16.08
CA LEU A 245 -43.35 23.48 -17.47
C LEU A 245 -43.77 22.09 -17.95
N HIS A 246 -44.05 21.19 -17.03
CA HIS A 246 -44.46 19.81 -17.32
C HIS A 246 -45.65 19.47 -16.43
N SER A 247 -46.52 18.61 -16.95
CA SER A 247 -47.66 18.10 -16.20
C SER A 247 -47.28 16.85 -15.46
N GLY A 248 -47.78 16.67 -14.25
CA GLY A 248 -47.58 15.44 -13.49
C GLY A 248 -47.88 15.63 -12.00
N LEU A 249 -47.58 14.61 -11.19
CA LEU A 249 -47.57 14.67 -9.78
C LEU A 249 -46.29 15.28 -9.23
N VAL A 250 -46.44 16.36 -8.44
CA VAL A 250 -45.34 17.01 -7.74
C VAL A 250 -45.18 16.28 -6.41
N HIS A 251 -44.04 15.60 -6.24
CA HIS A 251 -43.77 14.87 -5.04
C HIS A 251 -43.01 15.65 -4.01
N GLY A 252 -42.48 16.83 -4.38
CA GLY A 252 -41.72 17.69 -3.39
C GLY A 252 -40.88 18.79 -4.02
N LEU A 253 -40.03 19.38 -3.23
CA LEU A 253 -39.08 20.41 -3.67
C LEU A 253 -37.64 19.90 -3.56
N ALA A 254 -36.86 20.19 -4.60
CA ALA A 254 -35.44 19.88 -4.64
C ALA A 254 -34.68 21.18 -4.39
N PHE A 255 -33.60 21.08 -3.66
CA PHE A 255 -32.76 22.19 -3.23
C PHE A 255 -31.32 21.97 -3.64
N TRP A 256 -30.69 23.04 -4.09
CA TRP A 256 -29.24 23.08 -4.26
C TRP A 256 -28.75 24.50 -4.01
N PHE A 257 -27.44 24.71 -4.10
CA PHE A 257 -26.90 26.07 -3.86
C PHE A 257 -25.67 26.38 -4.66
N ASP A 258 -25.47 27.69 -4.92
CA ASP A 258 -24.27 28.26 -5.54
C ASP A 258 -23.68 29.29 -4.59
N VAL A 259 -22.34 29.40 -4.57
CA VAL A 259 -21.70 30.57 -3.94
C VAL A 259 -20.81 31.27 -4.94
N ALA A 260 -20.68 32.56 -4.80
CA ALA A 260 -19.82 33.36 -5.70
C ALA A 260 -18.74 34.07 -4.91
N PHE A 261 -17.54 34.00 -5.44
CA PHE A 261 -16.38 34.72 -4.86
C PHE A 261 -16.18 35.94 -5.73
N ILE A 262 -16.65 37.11 -5.27
CA ILE A 262 -16.66 38.33 -6.09
C ILE A 262 -15.37 39.09 -5.80
N GLY A 263 -14.33 38.81 -6.57
CA GLY A 263 -13.01 39.48 -6.36
C GLY A 263 -12.82 40.70 -7.26
N SER A 264 -11.71 41.38 -7.09
CA SER A 264 -11.35 42.56 -7.89
C SER A 264 -11.01 42.21 -9.34
N ILE A 265 -10.45 41.02 -9.58
CA ILE A 265 -10.07 40.62 -10.95
C ILE A 265 -11.23 39.87 -11.61
N MET A 266 -11.82 38.91 -10.89
CA MET A 266 -12.94 38.15 -11.44
C MET A 266 -13.85 37.53 -10.40
N THR A 267 -15.02 37.13 -10.88
CA THR A 267 -16.00 36.42 -10.08
C THR A 267 -15.86 34.96 -10.40
N VAL A 268 -15.66 34.13 -9.37
CA VAL A 268 -15.65 32.66 -9.52
C VAL A 268 -16.81 32.05 -8.80
N TRP A 269 -17.47 31.10 -9.46
CA TRP A 269 -18.67 30.41 -8.93
C TRP A 269 -18.34 28.97 -8.55
N LEU A 270 -18.88 28.54 -7.41
CA LEU A 270 -18.88 27.12 -7.02
C LEU A 270 -20.36 26.72 -6.97
N SER A 271 -20.78 25.84 -7.85
CA SER A 271 -22.18 25.44 -8.00
C SER A 271 -22.41 23.97 -7.62
N THR A 272 -23.49 23.69 -6.87
CA THR A 272 -23.86 22.32 -6.56
C THR A 272 -25.15 21.90 -7.29
N ALA A 273 -25.48 22.61 -8.35
CA ALA A 273 -26.64 22.30 -9.18
C ALA A 273 -26.57 20.92 -9.82
N PRO A 274 -27.75 20.29 -10.07
CA PRO A 274 -27.79 18.97 -10.73
C PRO A 274 -27.35 18.97 -12.19
N THR A 275 -27.22 20.13 -12.79
CA THR A 275 -26.61 20.31 -14.13
C THR A 275 -25.06 20.36 -14.11
N GLU A 276 -24.45 20.37 -12.94
CA GLU A 276 -23.02 20.51 -12.81
C GLU A 276 -22.41 19.25 -12.22
N PRO A 277 -21.08 19.10 -12.30
CA PRO A 277 -20.48 17.88 -11.77
C PRO A 277 -20.74 17.74 -10.24
N LEU A 278 -20.88 16.52 -9.82
CA LEU A 278 -21.24 16.16 -8.50
C LEU A 278 -20.19 16.57 -7.47
N THR A 279 -20.66 17.05 -6.32
CA THR A 279 -19.84 17.40 -5.12
C THR A 279 -20.37 16.62 -3.98
N HIS A 280 -19.65 16.63 -2.88
CA HIS A 280 -20.07 15.90 -1.66
C HIS A 280 -21.29 16.53 -0.96
N TRP A 281 -21.75 17.70 -1.42
CA TRP A 281 -23.05 18.24 -0.97
C TRP A 281 -24.27 17.61 -1.69
N TYR A 282 -24.02 16.96 -2.81
CA TYR A 282 -25.07 16.36 -3.63
C TYR A 282 -26.15 17.42 -3.90
N GLN A 283 -27.43 17.00 -3.85
CA GLN A 283 -28.57 17.85 -3.77
C GLN A 283 -29.49 17.32 -2.65
N VAL A 284 -30.52 18.06 -2.30
CA VAL A 284 -31.42 17.70 -1.26
C VAL A 284 -32.91 17.79 -1.72
N ARG A 285 -33.68 16.75 -1.40
CA ARG A 285 -35.11 16.76 -1.70
C ARG A 285 -35.96 16.57 -0.48
N CYS A 286 -36.97 17.42 -0.36
CA CYS A 286 -37.95 17.35 0.71
C CYS A 286 -39.26 16.88 0.06
N LEU A 287 -39.77 15.74 0.51
CA LEU A 287 -41.00 15.15 -0.01
C LEU A 287 -42.20 15.76 0.59
N PHE A 288 -43.30 15.82 -0.19
CA PHE A 288 -44.63 16.12 0.35
C PHE A 288 -45.27 14.81 0.74
N GLN A 289 -45.93 14.74 1.88
CA GLN A 289 -46.66 13.50 2.30
C GLN A 289 -47.89 13.25 1.41
N SER A 290 -48.47 14.33 0.89
CA SER A 290 -49.49 14.24 -0.15
C SER A 290 -49.05 14.96 -1.39
N PRO A 291 -48.86 14.23 -2.50
CA PRO A 291 -48.38 14.86 -3.71
C PRO A 291 -49.48 15.68 -4.36
N LEU A 292 -49.11 16.61 -5.24
CA LEU A 292 -50.04 17.53 -5.86
C LEU A 292 -50.04 17.43 -7.33
N PHE A 293 -51.18 17.29 -7.99
CA PHE A 293 -51.25 17.23 -9.46
CA PHE A 293 -51.25 17.23 -9.45
C PHE A 293 -51.23 18.65 -10.01
N ALA A 294 -50.38 18.89 -10.98
CA ALA A 294 -50.38 20.13 -11.71
C ALA A 294 -50.17 19.89 -13.19
N LYS A 295 -50.84 20.69 -14.01
CA LYS A 295 -50.68 20.64 -15.44
C LYS A 295 -49.70 21.72 -15.84
N ALA A 296 -49.00 21.51 -16.96
CA ALA A 296 -48.19 22.53 -17.52
C ALA A 296 -49.03 23.81 -17.69
N GLY A 297 -48.43 24.96 -17.35
CA GLY A 297 -49.12 26.26 -17.30
C GLY A 297 -49.76 26.66 -15.97
N ASP A 298 -50.01 25.71 -15.08
CA ASP A 298 -50.47 26.02 -13.72
C ASP A 298 -49.36 26.68 -12.86
N THR A 299 -49.77 27.17 -11.71
CA THR A 299 -48.87 27.85 -10.79
C THR A 299 -48.93 27.11 -9.47
N LEU A 300 -47.74 26.75 -8.97
CA LEU A 300 -47.59 26.12 -7.65
C LEU A 300 -46.93 27.20 -6.77
N SER A 301 -47.64 27.58 -5.73
CA SER A 301 -47.24 28.68 -4.88
C SER A 301 -47.24 28.27 -3.41
N GLY A 302 -46.48 29.00 -2.62
CA GLY A 302 -46.41 28.82 -1.19
C GLY A 302 -45.10 29.32 -0.58
N THR A 303 -44.68 28.70 0.53
CA THR A 303 -43.58 29.18 1.31
C THR A 303 -42.74 28.03 1.84
N CYS A 304 -41.44 28.21 1.81
CA CYS A 304 -40.51 27.39 2.51
C CYS A 304 -39.97 28.25 3.67
N LEU A 305 -40.19 27.80 4.89
CA LEU A 305 -39.75 28.50 6.08
C LEU A 305 -38.71 27.65 6.80
N LEU A 306 -37.52 28.20 7.01
CA LEU A 306 -36.46 27.52 7.72
C LEU A 306 -36.29 28.20 9.08
N ILE A 307 -36.42 27.42 10.15
CA ILE A 307 -36.38 27.89 11.51
C ILE A 307 -35.19 27.25 12.23
N ALA A 308 -34.20 28.05 12.63
CA ALA A 308 -32.98 27.53 13.25
C ALA A 308 -33.29 26.87 14.59
N ASN A 309 -32.71 25.72 14.85
CA ASN A 309 -32.83 25.03 16.17
C ASN A 309 -31.42 24.95 16.83
N LYS A 310 -31.38 24.55 18.08
CA LYS A 310 -30.12 24.50 18.81
C LYS A 310 -29.29 23.20 18.55
N ARG A 311 -29.72 22.35 17.62
CA ARG A 311 -28.93 21.20 17.17
C ARG A 311 -28.13 21.52 15.91
N GLN A 312 -27.84 22.80 15.73
CA GLN A 312 -27.06 23.30 14.58
C GLN A 312 -27.71 22.98 13.29
N SER A 313 -29.03 22.99 13.25
CA SER A 313 -29.75 22.72 12.01
C SER A 313 -31.03 23.56 11.94
N TYR A 314 -31.95 23.12 11.09
CA TYR A 314 -33.20 23.80 10.87
C TYR A 314 -34.39 22.85 10.86
N ASP A 315 -35.50 23.33 11.38
CA ASP A 315 -36.84 22.79 11.15
C ASP A 315 -37.33 23.48 9.85
N ILE A 316 -37.75 22.67 8.87
CA ILE A 316 -38.20 23.17 7.61
C ILE A 316 -39.69 22.98 7.51
N SER A 317 -40.38 24.05 7.17
CA SER A 317 -41.81 23.98 6.94
C SER A 317 -42.05 24.36 5.48
N ILE A 318 -42.71 23.48 4.75
CA ILE A 318 -43.04 23.72 3.34
C ILE A 318 -44.56 23.65 3.16
N VAL A 319 -45.18 24.73 2.70
CA VAL A 319 -46.58 24.74 2.35
C VAL A 319 -46.71 25.13 0.90
N ALA A 320 -47.50 24.33 0.14
CA ALA A 320 -47.61 24.49 -1.29
C ALA A 320 -49.05 24.29 -1.71
N GLN A 321 -49.45 25.02 -2.75
CA GLN A 321 -50.76 24.81 -3.34
C GLN A 321 -50.71 24.99 -4.86
N VAL A 322 -51.55 24.26 -5.57
CA VAL A 322 -51.78 24.51 -6.97
C VAL A 322 -52.88 25.58 -7.07
N ASP A 323 -52.55 26.75 -7.57
CA ASP A 323 -53.51 27.89 -7.51
C ASP A 323 -54.80 27.64 -8.29
N GLN A 324 -54.68 26.94 -9.43
CA GLN A 324 -55.83 26.68 -10.29
C GLN A 324 -56.83 25.70 -9.70
N THR A 325 -56.44 24.81 -8.80
CA THR A 325 -57.40 23.87 -8.14
C THR A 325 -57.65 24.04 -6.68
N GLY A 326 -56.82 24.82 -6.00
CA GLY A 326 -56.81 24.89 -4.50
C GLY A 326 -56.32 23.65 -3.75
N SER A 327 -55.74 22.69 -4.42
CA SER A 327 -55.14 21.49 -3.76
C SER A 327 -53.81 21.93 -3.04
N LYS A 328 -53.73 21.56 -1.77
CA LYS A 328 -52.76 21.98 -0.78
C LYS A 328 -51.95 20.83 -0.18
N SER A 329 -50.66 21.05 0.09
CA SER A 329 -49.85 20.16 0.92
C SER A 329 -48.98 20.94 1.86
N SER A 330 -48.85 20.48 3.09
CA SER A 330 -48.11 21.16 4.21
C SER A 330 -47.21 20.16 4.84
N ASN A 331 -45.90 20.44 4.99
CA ASN A 331 -44.91 19.42 5.35
C ASN A 331 -43.86 19.97 6.27
N LEU A 332 -43.39 19.16 7.21
CA LEU A 332 -42.47 19.52 8.25
C LEU A 332 -41.29 18.62 8.17
N LEU A 333 -40.07 19.14 8.11
CA LEU A 333 -38.91 18.27 7.98
C LEU A 333 -37.84 18.69 8.94
N ASP A 334 -36.96 17.78 9.24
CA ASP A 334 -35.93 17.91 10.29
C ASP A 334 -34.61 17.68 9.59
N LEU A 335 -33.96 18.76 9.23
CA LEU A 335 -32.69 18.77 8.51
C LEU A 335 -31.52 18.14 9.25
N LYS A 336 -31.64 17.92 10.55
CA LYS A 336 -30.61 17.27 11.34
C LYS A 336 -30.52 15.78 11.11
N ASN A 337 -31.56 15.14 10.60
CA ASN A 337 -31.58 13.69 10.38
C ASN A 337 -31.92 13.36 8.90
N PRO A 338 -31.01 13.73 7.97
CA PRO A 338 -31.22 13.45 6.57
C PRO A 338 -31.09 12.03 6.22
N PHE A 339 -31.72 11.58 5.13
CA PHE A 339 -31.54 10.26 4.62
C PHE A 339 -30.52 10.30 3.50
N PHE A 340 -29.38 9.67 3.70
CA PHE A 340 -28.31 9.56 2.69
C PHE A 340 -28.61 8.44 1.80
N ARG A 341 -29.30 8.73 0.70
CA ARG A 341 -29.79 7.70 -0.22
C ARG A 341 -28.78 7.29 -1.25
N TYR A 342 -27.87 8.18 -1.61
CA TYR A 342 -26.65 7.84 -2.40
C TYR A 342 -25.66 7.14 -1.47
N SER B 1 46.34 -4.86 2.01
CA SER B 1 45.83 -5.82 3.01
C SER B 1 45.71 -7.22 2.44
N VAL B 2 45.37 -8.18 3.29
CA VAL B 2 45.09 -9.55 2.86
C VAL B 2 43.87 -9.57 1.92
N PHE B 3 42.90 -8.66 2.12
CA PHE B 3 41.72 -8.60 1.23
C PHE B 3 42.08 -8.10 -0.17
N SER B 4 42.76 -6.96 -0.24
CA SER B 4 43.14 -6.35 -1.54
C SER B 4 44.08 -7.26 -2.35
N GLU B 5 44.98 -7.95 -1.66
CA GLU B 5 45.95 -8.87 -2.33
C GLU B 5 45.27 -10.11 -2.95
N ARG B 6 44.19 -10.58 -2.36
CA ARG B 6 43.44 -11.73 -2.90
C ARG B 6 42.27 -11.35 -3.85
N THR B 7 41.99 -10.08 -4.05
CA THR B 7 40.75 -9.65 -4.72
C THR B 7 41.04 -8.56 -5.78
N GLU B 8 40.63 -8.79 -7.01
CA GLU B 8 40.65 -7.73 -8.04
C GLU B 8 39.70 -6.60 -7.64
N GLU B 9 40.19 -5.37 -7.75
CA GLU B 9 39.42 -4.17 -7.38
C GLU B 9 38.04 -4.15 -8.10
N SER B 10 38.03 -4.52 -9.36
CA SER B 10 36.81 -4.63 -10.16
C SER B 10 35.68 -5.50 -9.50
N SER B 11 36.09 -6.65 -8.97
CA SER B 11 35.17 -7.57 -8.32
C SER B 11 34.70 -6.99 -6.96
N ALA B 12 35.64 -6.41 -6.19
CA ALA B 12 35.33 -5.79 -4.88
C ALA B 12 34.29 -4.66 -4.99
N VAL B 13 34.44 -3.80 -6.01
CA VAL B 13 33.54 -2.67 -6.21
C VAL B 13 32.12 -3.18 -6.45
N GLN B 14 31.96 -4.09 -7.43
CA GLN B 14 30.67 -4.72 -7.73
C GLN B 14 30.04 -5.39 -6.51
N TYR B 15 30.88 -6.17 -5.80
CA TYR B 15 30.48 -6.91 -4.60
C TYR B 15 29.90 -6.00 -3.49
N PHE B 16 30.67 -4.98 -3.11
CA PHE B 16 30.22 -4.06 -2.04
C PHE B 16 29.08 -3.12 -2.48
N GLN B 17 29.03 -2.77 -3.76
CA GLN B 17 27.86 -2.05 -4.28
C GLN B 17 26.53 -2.89 -4.15
N PHE B 18 26.63 -4.17 -4.49
CA PHE B 18 25.51 -5.10 -4.37
C PHE B 18 24.96 -5.19 -2.90
N TYR B 19 25.87 -5.35 -1.94
CA TYR B 19 25.45 -5.42 -0.53
C TYR B 19 25.04 -4.04 0.11
N GLY B 20 25.32 -2.94 -0.62
CA GLY B 20 24.86 -1.64 -0.23
C GLY B 20 23.35 -1.37 -0.39
N TYR B 21 22.64 -2.21 -1.12
CA TYR B 21 21.19 -2.01 -1.33
C TYR B 21 20.37 -2.60 -0.16
N LEU B 22 19.47 -1.78 0.37
CA LEU B 22 18.52 -2.25 1.37
C LEU B 22 17.65 -3.40 0.86
N SER B 23 17.30 -3.38 -0.42
CA SER B 23 16.53 -4.47 -1.01
C SER B 23 17.23 -5.81 -0.89
N GLN B 24 18.55 -5.82 -1.04
CA GLN B 24 19.30 -7.06 -0.91
C GLN B 24 19.40 -7.53 0.57
N GLN B 25 19.61 -6.61 1.49
CA GLN B 25 19.57 -6.92 2.93
C GLN B 25 18.18 -7.48 3.30
N GLN B 26 17.12 -6.86 2.79
CA GLN B 26 15.77 -7.33 2.99
C GLN B 26 15.53 -8.72 2.46
N ASN B 27 15.98 -8.99 1.25
CA ASN B 27 15.82 -10.32 0.65
CA ASN B 27 15.83 -10.33 0.65
C ASN B 27 16.41 -11.37 1.58
N MET B 28 17.58 -11.07 2.17
CA MET B 28 18.24 -12.02 3.07
C MET B 28 17.51 -12.11 4.42
N MET B 29 17.10 -10.98 4.98
CA MET B 29 16.37 -10.97 6.25
C MET B 29 15.04 -11.73 6.15
N GLN B 30 14.36 -11.64 4.99
CA GLN B 30 13.06 -12.33 4.79
C GLN B 30 13.14 -13.83 4.62
N ASP B 31 14.35 -14.39 4.48
CA ASP B 31 14.55 -15.83 4.53
C ASP B 31 14.39 -16.23 5.99
N TYR B 32 13.19 -16.74 6.33
CA TYR B 32 12.84 -17.03 7.72
C TYR B 32 13.75 -18.12 8.35
N VAL B 33 14.11 -19.16 7.57
CA VAL B 33 14.91 -20.21 8.07
C VAL B 33 16.28 -19.66 8.54
N ARG B 34 16.87 -18.83 7.69
CA ARG B 34 18.14 -18.18 7.99
CA ARG B 34 18.14 -18.18 7.99
C ARG B 34 18.03 -17.29 9.24
N THR B 35 17.13 -16.31 9.20
CA THR B 35 17.05 -15.31 10.24
C THR B 35 16.62 -15.90 11.59
N GLY B 36 15.62 -16.79 11.52
CA GLY B 36 15.12 -17.43 12.72
C GLY B 36 16.09 -18.40 13.37
N THR B 37 16.83 -19.14 12.56
CA THR B 37 17.82 -20.08 13.07
C THR B 37 19.02 -19.33 13.73
N TYR B 38 19.50 -18.24 13.11
CA TYR B 38 20.52 -17.42 13.73
C TYR B 38 20.03 -16.86 15.09
N GLN B 39 18.80 -16.32 15.14
CA GLN B 39 18.27 -15.80 16.39
C GLN B 39 18.19 -16.89 17.48
N ARG B 40 17.69 -18.05 17.10
CA ARG B 40 17.55 -19.15 18.01
C ARG B 40 18.91 -19.64 18.52
N ALA B 41 19.91 -19.77 17.62
CA ALA B 41 21.25 -20.18 18.03
C ALA B 41 21.85 -19.22 19.05
N ILE B 42 21.67 -17.94 18.86
CA ILE B 42 22.24 -16.93 19.75
C ILE B 42 21.45 -16.84 21.09
N LEU B 43 20.11 -16.69 21.02
CA LEU B 43 19.31 -16.56 22.24
C LEU B 43 19.28 -17.82 23.12
N GLN B 44 19.20 -19.01 22.50
CA GLN B 44 19.20 -20.25 23.28
C GLN B 44 20.57 -20.60 23.84
N ASN B 45 21.63 -19.94 23.36
CA ASN B 45 22.98 -20.03 23.94
C ASN B 45 23.37 -18.70 24.62
N HIS B 46 22.45 -18.16 25.39
CA HIS B 46 22.63 -16.81 26.03
C HIS B 46 23.87 -16.68 26.93
N THR B 47 24.28 -17.77 27.55
CA THR B 47 25.56 -17.83 28.31
C THR B 47 26.81 -17.58 27.48
N ASP B 48 26.76 -17.85 26.17
CA ASP B 48 27.91 -17.52 25.28
C ASP B 48 27.97 -16.05 24.93
N PHE B 49 26.92 -15.31 25.27
CA PHE B 49 26.83 -13.87 24.97
C PHE B 49 26.75 -12.93 26.19
N LYS B 50 26.10 -13.38 27.28
CA LYS B 50 25.85 -12.49 28.43
C LYS B 50 27.17 -11.87 28.98
N ASP B 51 27.25 -10.55 28.99
CA ASP B 51 28.43 -9.81 29.47
C ASP B 51 29.71 -10.08 28.70
N LYS B 52 29.59 -10.52 27.45
CA LYS B 52 30.75 -10.85 26.64
C LYS B 52 31.02 -9.76 25.61
N ILE B 53 32.23 -9.83 25.04
CA ILE B 53 32.64 -8.95 23.94
C ILE B 53 32.49 -9.75 22.64
N VAL B 54 31.84 -9.15 21.65
CA VAL B 54 31.47 -9.81 20.41
C VAL B 54 31.97 -9.02 19.21
N LEU B 55 32.41 -9.77 18.18
CA LEU B 55 32.72 -9.19 16.90
C LEU B 55 31.72 -9.74 15.87
N ASP B 56 31.06 -8.85 15.12
CA ASP B 56 30.15 -9.21 14.04
C ASP B 56 30.82 -8.89 12.70
N VAL B 57 31.23 -9.94 11.99
CA VAL B 57 31.98 -9.77 10.74
C VAL B 57 31.02 -9.62 9.58
N GLY B 58 30.93 -8.43 9.02
CA GLY B 58 30.06 -8.19 7.88
C GLY B 58 28.61 -8.07 8.34
N CYS B 59 28.36 -7.08 9.18
CA CYS B 59 27.12 -6.97 9.94
C CYS B 59 25.91 -6.61 9.07
N GLY B 60 26.15 -5.99 7.93
CA GLY B 60 25.07 -5.59 7.04
C GLY B 60 24.16 -4.61 7.74
N SER B 61 22.85 -4.89 7.73
CA SER B 61 21.87 -4.01 8.47
C SER B 61 22.11 -3.98 10.01
N GLY B 62 22.77 -5.01 10.53
CA GLY B 62 23.11 -5.12 11.93
C GLY B 62 22.35 -6.19 12.71
N ILE B 63 21.48 -6.91 12.03
CA ILE B 63 20.54 -7.83 12.67
C ILE B 63 21.15 -8.80 13.70
N LEU B 64 22.27 -9.41 13.38
CA LEU B 64 22.93 -10.38 14.29
C LEU B 64 23.53 -9.70 15.53
N SER B 65 24.00 -8.47 15.37
CA SER B 65 24.47 -7.70 16.50
C SER B 65 23.33 -7.36 17.45
N PHE B 66 22.15 -7.10 16.91
CA PHE B 66 20.95 -6.89 17.76
C PHE B 66 20.59 -8.18 18.49
N PHE B 67 20.71 -9.35 17.83
CA PHE B 67 20.49 -10.61 18.52
C PHE B 67 21.49 -10.80 19.66
N ALA B 68 22.76 -10.43 19.44
CA ALA B 68 23.78 -10.53 20.48
C ALA B 68 23.45 -9.62 21.65
N ALA B 69 22.92 -8.42 21.36
CA ALA B 69 22.49 -7.49 22.38
C ALA B 69 21.27 -8.00 23.17
N GLN B 70 20.27 -8.56 22.47
CA GLN B 70 19.13 -9.18 23.13
C GLN B 70 19.60 -10.27 24.13
N ALA B 71 20.65 -10.99 23.79
CA ALA B 71 21.19 -12.06 24.64
C ALA B 71 22.11 -11.58 25.78
N GLY B 72 22.38 -10.27 25.86
CA GLY B 72 23.11 -9.69 26.95
C GLY B 72 24.55 -9.31 26.73
N ALA B 73 25.04 -9.30 25.49
CA ALA B 73 26.44 -8.92 25.23
C ALA B 73 26.74 -7.53 25.81
N ARG B 74 27.93 -7.37 26.36
CA ARG B 74 28.36 -6.09 26.94
C ARG B 74 28.82 -5.11 25.89
N LYS B 75 29.56 -5.60 24.90
CA LYS B 75 30.04 -4.77 23.81
C LYS B 75 30.13 -5.59 22.52
N ILE B 76 29.66 -4.98 21.42
CA ILE B 76 29.64 -5.61 20.11
C ILE B 76 30.32 -4.68 19.11
N TYR B 77 31.40 -5.13 18.49
CA TYR B 77 31.98 -4.41 17.34
C TYR B 77 31.37 -4.98 16.05
N ALA B 78 30.73 -4.14 15.27
CA ALA B 78 30.03 -4.53 14.08
C ALA B 78 30.77 -3.96 12.85
N VAL B 79 31.49 -4.82 12.15
CA VAL B 79 32.29 -4.39 10.99
C VAL B 79 31.54 -4.61 9.69
N GLU B 80 31.50 -3.61 8.83
CA GLU B 80 30.86 -3.70 7.51
C GLU B 80 31.53 -2.76 6.53
N ALA B 81 31.86 -3.28 5.35
CA ALA B 81 32.63 -2.57 4.32
C ALA B 81 31.80 -1.82 3.28
N SER B 82 30.58 -2.27 3.05
CA SER B 82 29.67 -1.53 2.14
C SER B 82 29.09 -0.27 2.81
N THR B 83 28.42 0.53 2.02
CA THR B 83 27.69 1.71 2.50
C THR B 83 26.53 1.35 3.43
N MET B 84 26.15 0.07 3.50
CA MET B 84 25.23 -0.43 4.53
C MET B 84 25.63 -0.08 5.97
N ALA B 85 26.92 0.17 6.22
CA ALA B 85 27.39 0.57 7.56
C ALA B 85 26.68 1.81 8.11
N GLN B 86 26.36 2.77 7.22
CA GLN B 86 25.64 3.98 7.61
C GLN B 86 24.20 3.67 8.07
N HIS B 87 23.54 2.77 7.36
CA HIS B 87 22.18 2.35 7.71
C HIS B 87 22.19 1.58 9.03
N ALA B 88 23.18 0.72 9.23
CA ALA B 88 23.35 0.02 10.51
C ALA B 88 23.50 1.02 11.67
N GLU B 89 24.30 2.08 11.50
CA GLU B 89 24.50 3.08 12.56
C GLU B 89 23.19 3.79 12.91
N VAL B 90 22.39 4.14 11.90
CA VAL B 90 21.06 4.69 12.13
C VAL B 90 20.20 3.73 12.99
N LEU B 91 20.22 2.44 12.71
CA LEU B 91 19.48 1.47 13.51
C LEU B 91 19.99 1.31 14.94
N VAL B 92 21.31 1.39 15.11
CA VAL B 92 21.88 1.33 16.43
C VAL B 92 21.40 2.52 17.30
N LYS B 93 21.37 3.72 16.73
CA LYS B 93 20.84 4.90 17.45
C LYS B 93 19.35 4.76 17.72
N SER B 94 18.55 4.39 16.72
CA SER B 94 17.09 4.32 16.90
C SER B 94 16.64 3.21 17.86
N ASN B 95 17.45 2.19 18.08
CA ASN B 95 17.18 1.13 19.08
C ASN B 95 17.92 1.36 20.41
N ASN B 96 18.47 2.56 20.61
CA ASN B 96 19.08 3.00 21.87
C ASN B 96 20.18 2.08 22.37
N LEU B 97 21.08 1.70 21.49
CA LEU B 97 22.16 0.73 21.80
C LEU B 97 23.54 1.28 21.45
N THR B 98 23.69 2.59 21.41
CA THR B 98 24.99 3.24 21.13
C THR B 98 26.03 2.96 22.23
N ASP B 99 25.59 2.67 23.45
CA ASP B 99 26.51 2.24 24.52
C ASP B 99 27.00 0.77 24.38
N ARG B 100 26.44 -0.01 23.47
CA ARG B 100 26.74 -1.44 23.40
C ARG B 100 27.19 -1.95 22.01
N ILE B 101 26.69 -1.36 20.92
CA ILE B 101 27.08 -1.71 19.58
C ILE B 101 27.87 -0.55 18.97
N VAL B 102 29.09 -0.83 18.53
CA VAL B 102 29.92 0.12 17.81
C VAL B 102 30.12 -0.39 16.37
N VAL B 103 29.55 0.33 15.43
CA VAL B 103 29.71 0.08 14.03
C VAL B 103 31.03 0.66 13.56
N ILE B 104 31.80 -0.17 12.86
CA ILE B 104 33.12 0.19 12.33
C ILE B 104 33.10 0.02 10.81
N PRO B 105 33.06 1.12 10.05
CA PRO B 105 33.06 1.00 8.60
C PRO B 105 34.42 0.51 8.05
N GLY B 106 34.38 -0.40 7.10
CA GLY B 106 35.58 -0.90 6.43
C GLY B 106 35.68 -2.41 6.41
N LYS B 107 36.78 -2.92 5.83
CA LYS B 107 37.00 -4.36 5.73
C LYS B 107 37.64 -4.86 7.02
N VAL B 108 37.24 -6.04 7.50
CA VAL B 108 37.77 -6.61 8.73
C VAL B 108 39.28 -6.87 8.64
N GLU B 109 39.81 -7.01 7.43
CA GLU B 109 41.25 -7.11 7.19
C GLU B 109 42.00 -5.75 7.28
N GLU B 110 41.31 -4.64 7.38
CA GLU B 110 41.91 -3.28 7.26
C GLU B 110 41.67 -2.37 8.47
N VAL B 111 40.55 -2.55 9.17
CA VAL B 111 40.26 -1.76 10.34
C VAL B 111 41.07 -2.28 11.54
N SER B 112 41.05 -1.51 12.65
CA SER B 112 41.57 -1.93 13.94
C SER B 112 40.45 -2.07 14.95
N LEU B 113 40.45 -3.15 15.73
CA LEU B 113 39.60 -3.25 16.90
C LEU B 113 40.46 -2.94 18.14
N PRO B 114 39.86 -2.27 19.13
CA PRO B 114 40.62 -1.89 20.31
C PRO B 114 40.91 -3.05 21.30
N GLU B 115 40.15 -4.14 21.23
CA GLU B 115 40.33 -5.25 22.18
C GLU B 115 40.03 -6.60 21.51
N GLN B 116 40.45 -7.66 22.21
CA GLN B 116 40.17 -9.01 21.78
C GLN B 116 38.74 -9.34 22.23
N VAL B 117 38.13 -10.33 21.54
CA VAL B 117 36.71 -10.62 21.77
C VAL B 117 36.51 -12.07 22.22
N ASP B 118 35.38 -12.31 22.85
CA ASP B 118 35.00 -13.65 23.33
C ASP B 118 34.40 -14.54 22.26
N ILE B 119 33.76 -13.94 21.28
CA ILE B 119 33.00 -14.70 20.28
C ILE B 119 32.85 -13.90 19.01
N ILE B 120 33.03 -14.58 17.87
CA ILE B 120 32.81 -13.95 16.58
C ILE B 120 31.50 -14.55 16.01
N ILE B 121 30.66 -13.66 15.48
CA ILE B 121 29.47 -14.07 14.73
C ILE B 121 29.49 -13.53 13.31
N SER B 122 28.90 -14.29 12.37
CA SER B 122 28.90 -13.89 10.98
C SER B 122 27.97 -14.74 10.16
N GLU B 123 27.63 -14.25 8.99
CA GLU B 123 26.96 -15.06 7.97
C GLU B 123 27.83 -15.06 6.69
N PRO B 124 28.93 -15.82 6.70
CA PRO B 124 29.86 -15.76 5.58
C PRO B 124 29.56 -16.73 4.41
N MET B 125 28.43 -17.46 4.46
CA MET B 125 28.19 -18.54 3.50
C MET B 125 27.64 -17.98 2.19
N GLY B 126 28.24 -18.35 1.07
CA GLY B 126 27.64 -18.13 -0.26
C GLY B 126 27.09 -19.40 -0.88
N TYR B 127 26.73 -19.34 -2.17
CA TYR B 127 26.32 -20.58 -2.91
C TYR B 127 27.38 -21.63 -2.75
N MET B 128 26.98 -22.90 -2.56
CA MET B 128 27.96 -24.00 -2.39
C MET B 128 28.87 -23.76 -1.18
N LEU B 129 28.41 -22.96 -0.22
CA LEU B 129 29.20 -22.52 0.98
C LEU B 129 30.27 -21.51 0.69
N PHE B 130 31.18 -21.86 -0.25
CA PHE B 130 32.43 -21.15 -0.42
C PHE B 130 32.36 -19.91 -1.37
N ASN B 131 31.34 -19.80 -2.21
CA ASN B 131 31.28 -18.67 -3.15
C ASN B 131 31.28 -17.33 -2.39
N GLU B 132 31.92 -16.32 -3.00
CA GLU B 132 32.17 -14.99 -2.45
C GLU B 132 33.44 -14.89 -1.57
N ARG B 133 33.97 -16.02 -1.12
CA ARG B 133 35.24 -16.09 -0.35
C ARG B 133 35.15 -15.30 0.96
N MET B 134 33.95 -15.19 1.51
CA MET B 134 33.76 -14.46 2.75
C MET B 134 34.21 -15.31 3.95
N LEU B 135 34.24 -16.61 3.80
CA LEU B 135 34.78 -17.46 4.89
C LEU B 135 36.22 -17.11 5.29
N GLU B 136 37.01 -16.66 4.31
CA GLU B 136 38.36 -16.21 4.57
C GLU B 136 38.41 -14.97 5.48
N SER B 137 37.53 -13.98 5.26
CA SER B 137 37.41 -12.83 6.16
C SER B 137 37.01 -13.25 7.56
N TYR B 138 36.10 -14.20 7.64
CA TYR B 138 35.63 -14.76 8.91
C TYR B 138 36.80 -15.39 9.68
N LEU B 139 37.59 -16.21 8.99
CA LEU B 139 38.75 -16.87 9.62
C LEU B 139 39.86 -15.89 9.92
N HIS B 140 40.10 -14.96 9.02
CA HIS B 140 41.04 -13.83 9.27
C HIS B 140 40.76 -13.11 10.58
N ALA B 141 39.47 -12.92 10.89
CA ALA B 141 39.02 -12.22 12.11
C ALA B 141 39.42 -12.93 13.40
N LYS B 142 39.84 -14.21 13.33
CA LYS B 142 40.36 -14.93 14.50
C LYS B 142 41.59 -14.34 15.13
N LYS B 143 42.32 -13.48 14.42
CA LYS B 143 43.39 -12.70 15.06
C LYS B 143 42.89 -11.86 16.22
N TYR B 144 41.58 -11.52 16.22
CA TYR B 144 40.94 -10.79 17.32
C TYR B 144 40.28 -11.69 18.36
N LEU B 145 40.39 -13.00 18.23
CA LEU B 145 39.67 -13.92 19.11
C LEU B 145 40.56 -14.32 20.26
N LYS B 146 40.07 -14.12 21.48
CA LYS B 146 40.75 -14.60 22.71
C LYS B 146 40.98 -16.11 22.61
N PRO B 147 42.04 -16.62 23.25
CA PRO B 147 42.22 -18.11 23.22
C PRO B 147 40.99 -18.75 23.89
N SER B 148 40.52 -19.84 23.32
CA SER B 148 39.23 -20.45 23.78
C SER B 148 37.97 -19.58 23.52
N GLY B 149 38.06 -18.56 22.68
CA GLY B 149 36.85 -17.88 22.18
C GLY B 149 36.06 -18.81 21.25
N ASN B 150 34.79 -18.49 21.02
CA ASN B 150 33.92 -19.30 20.17
C ASN B 150 33.69 -18.63 18.82
N MET B 151 33.09 -19.35 17.89
CA MET B 151 32.70 -18.88 16.57
C MET B 151 31.31 -19.37 16.24
N PHE B 152 30.47 -18.45 15.76
CA PHE B 152 29.06 -18.72 15.42
C PHE B 152 28.80 -18.27 13.99
N PRO B 153 28.79 -19.19 13.02
CA PRO B 153 28.81 -20.64 13.13
C PRO B 153 30.19 -21.22 13.49
N THR B 154 30.15 -22.42 14.06
CA THR B 154 31.36 -23.10 14.51
C THR B 154 31.94 -24.04 13.43
N ILE B 155 31.08 -24.76 12.72
CA ILE B 155 31.50 -25.62 11.64
C ILE B 155 30.62 -25.45 10.42
N GLY B 156 31.15 -25.87 9.26
CA GLY B 156 30.42 -25.91 8.00
C GLY B 156 30.66 -27.20 7.27
N ASP B 157 29.59 -27.82 6.78
CA ASP B 157 29.63 -29.07 6.06
C ASP B 157 29.14 -28.82 4.65
N VAL B 158 29.98 -29.07 3.65
CA VAL B 158 29.57 -29.15 2.25
C VAL B 158 29.17 -30.59 1.93
N HIS B 159 28.02 -30.74 1.29
CA HIS B 159 27.52 -32.05 0.88
C HIS B 159 27.55 -32.08 -0.67
N LEU B 160 28.08 -33.16 -1.22
CA LEU B 160 27.95 -33.46 -2.64
C LEU B 160 27.33 -34.83 -2.86
N ALA B 161 26.53 -34.93 -3.92
CA ALA B 161 25.88 -36.19 -4.30
C ALA B 161 25.66 -36.24 -5.80
N PRO B 162 25.84 -37.41 -6.43
CA PRO B 162 25.56 -37.55 -7.86
C PRO B 162 24.06 -37.48 -8.13
N PHE B 163 23.69 -36.91 -9.27
CA PHE B 163 22.27 -36.79 -9.66
C PHE B 163 22.04 -37.25 -11.12
N THR B 164 20.77 -37.56 -11.41
CA THR B 164 20.30 -37.85 -12.74
C THR B 164 19.25 -36.79 -13.10
N ASP B 165 19.44 -36.11 -14.22
CA ASP B 165 18.46 -35.15 -14.71
C ASP B 165 18.61 -34.98 -16.21
N GLU B 166 17.93 -35.86 -16.95
CA GLU B 166 18.03 -35.93 -18.39
C GLU B 166 17.57 -34.63 -19.06
N GLN B 167 16.52 -34.01 -18.56
CA GLN B 167 15.99 -32.76 -19.12
C GLN B 167 16.97 -31.58 -18.93
N LEU B 168 17.62 -31.47 -17.76
CA LEU B 168 18.66 -30.48 -17.56
C LEU B 168 19.82 -30.64 -18.53
N TYR B 169 20.33 -31.86 -18.64
CA TYR B 169 21.42 -32.16 -19.57
C TYR B 169 21.07 -31.78 -21.01
N MET B 170 19.91 -32.22 -21.46
CA MET B 170 19.44 -31.96 -22.83
C MET B 170 19.21 -30.48 -23.14
N GLU B 171 18.75 -29.71 -22.14
CA GLU B 171 18.56 -28.29 -22.27
C GLU B 171 19.82 -27.62 -22.72
N GLN B 172 21.02 -28.04 -22.33
CA GLN B 172 22.25 -27.41 -22.76
C GLN B 172 22.47 -27.50 -24.28
N PHE B 173 22.16 -28.67 -24.83
CA PHE B 173 22.39 -28.90 -26.24
C PHE B 173 21.29 -28.22 -27.03
N THR B 174 20.08 -28.25 -26.55
CA THR B 174 18.97 -27.54 -27.16
C THR B 174 19.25 -26.02 -27.29
N LYS B 175 19.81 -25.41 -26.22
CA LYS B 175 20.16 -24.00 -26.25
C LYS B 175 21.29 -23.72 -27.21
N ALA B 176 22.35 -24.53 -27.15
CA ALA B 176 23.51 -24.33 -28.04
C ALA B 176 23.23 -24.63 -29.51
N ASN B 177 22.23 -25.47 -29.78
CA ASN B 177 21.85 -25.83 -31.14
C ASN B 177 21.26 -24.68 -31.91
N PHE B 178 20.89 -23.61 -31.24
CA PHE B 178 20.67 -22.32 -31.91
C PHE B 178 21.81 -22.02 -32.93
N TRP B 179 23.06 -22.26 -32.56
CA TRP B 179 24.16 -21.95 -33.46
C TRP B 179 24.31 -22.92 -34.65
N TYR B 180 23.61 -24.06 -34.64
CA TYR B 180 23.80 -25.14 -35.61
C TYR B 180 22.74 -24.99 -36.69
N GLN B 181 22.92 -23.92 -37.42
CA GLN B 181 21.93 -23.36 -38.39
C GLN B 181 22.79 -22.89 -39.57
N PRO B 182 22.60 -23.44 -40.79
CA PRO B 182 23.42 -22.97 -41.92
C PRO B 182 22.97 -21.64 -42.53
N SER B 183 21.78 -21.15 -42.18
CA SER B 183 21.31 -19.88 -42.76
C SER B 183 20.35 -19.14 -41.83
N PHE B 184 20.89 -18.68 -40.68
CA PHE B 184 20.20 -17.77 -39.79
C PHE B 184 20.21 -16.42 -40.41
N HIS B 185 19.11 -15.99 -40.98
CA HIS B 185 19.06 -14.74 -41.80
C HIS B 185 20.20 -14.68 -42.80
N GLY B 186 20.48 -15.82 -43.44
CA GLY B 186 21.51 -15.91 -44.47
C GLY B 186 22.92 -16.19 -43.99
N VAL B 187 23.09 -16.46 -42.70
CA VAL B 187 24.42 -16.59 -42.12
C VAL B 187 24.57 -18.00 -41.55
N ASP B 188 25.71 -18.63 -41.86
CA ASP B 188 26.02 -19.95 -41.38
C ASP B 188 26.69 -19.78 -39.95
N LEU B 189 25.94 -20.11 -38.90
CA LEU B 189 26.38 -19.99 -37.55
C LEU B 189 27.12 -21.21 -36.95
N SER B 190 27.10 -22.31 -37.68
CA SER B 190 27.43 -23.64 -37.15
C SER B 190 28.82 -23.80 -36.53
N ALA B 191 29.78 -23.05 -37.04
CA ALA B 191 31.14 -23.13 -36.55
C ALA B 191 31.31 -22.64 -35.10
N LEU B 192 30.32 -21.91 -34.55
CA LEU B 192 30.32 -21.53 -33.14
C LEU B 192 29.63 -22.54 -32.11
N ARG B 193 29.04 -23.60 -32.63
CA ARG B 193 28.22 -24.44 -31.79
C ARG B 193 29.00 -25.12 -30.65
N GLY B 194 30.18 -25.60 -30.95
CA GLY B 194 31.07 -26.17 -29.96
C GLY B 194 31.42 -25.22 -28.85
N ALA B 195 31.74 -23.99 -29.22
CA ALA B 195 32.08 -22.96 -28.23
C ALA B 195 30.90 -22.66 -27.36
N ALA B 196 29.68 -22.65 -27.94
CA ALA B 196 28.48 -22.39 -27.15
C ALA B 196 28.19 -23.54 -26.13
N VAL B 197 28.37 -24.81 -26.56
CA VAL B 197 28.18 -25.94 -25.71
C VAL B 197 29.16 -25.83 -24.51
N ASP B 198 30.43 -25.58 -24.80
CA ASP B 198 31.46 -25.40 -23.78
C ASP B 198 31.06 -24.35 -22.77
N GLU B 199 30.61 -23.17 -23.26
CA GLU B 199 30.23 -22.08 -22.38
C GLU B 199 29.05 -22.47 -21.47
N TYR B 200 28.02 -23.14 -22.00
CA TYR B 200 26.86 -23.47 -21.17
C TYR B 200 27.26 -24.51 -20.07
N PHE B 201 28.06 -25.51 -20.40
CA PHE B 201 28.51 -26.45 -19.45
C PHE B 201 29.48 -25.89 -18.36
N ARG B 202 30.11 -24.75 -18.59
CA ARG B 202 30.95 -24.13 -17.55
C ARG B 202 30.10 -23.41 -16.44
N GLN B 203 28.75 -23.30 -16.63
CA GLN B 203 27.93 -22.59 -15.66
C GLN B 203 27.35 -23.56 -14.63
N PRO B 204 27.68 -23.39 -13.34
CA PRO B 204 26.91 -24.16 -12.35
C PRO B 204 25.44 -23.69 -12.30
N VAL B 205 24.57 -24.62 -12.05
CA VAL B 205 23.15 -24.37 -12.09
C VAL B 205 22.62 -24.15 -10.67
N VAL B 206 22.15 -22.94 -10.38
CA VAL B 206 21.54 -22.63 -9.10
C VAL B 206 20.03 -22.75 -9.25
N ASP B 207 19.45 -23.73 -8.59
CA ASP B 207 18.02 -23.93 -8.51
C ASP B 207 17.75 -25.01 -7.46
N THR B 208 16.51 -25.41 -7.31
CA THR B 208 16.21 -26.51 -6.42
C THR B 208 15.69 -27.67 -7.25
N PHE B 209 15.50 -28.82 -6.61
CA PHE B 209 15.11 -30.03 -7.29
C PHE B 209 14.50 -31.03 -6.31
N ASP B 210 13.75 -31.97 -6.87
CA ASP B 210 13.19 -33.07 -6.11
C ASP B 210 14.34 -34.02 -5.72
N ILE B 211 14.31 -34.47 -4.47
CA ILE B 211 15.37 -35.38 -3.98
C ILE B 211 15.46 -36.72 -4.67
N ARG B 212 14.42 -37.11 -5.43
CA ARG B 212 14.44 -38.38 -6.16
C ARG B 212 15.49 -38.45 -7.25
N ILE B 213 16.00 -37.29 -7.70
CA ILE B 213 17.08 -37.26 -8.69
C ILE B 213 18.44 -37.71 -8.12
N LEU B 214 18.59 -37.71 -6.81
CA LEU B 214 19.86 -38.09 -6.17
C LEU B 214 20.03 -39.58 -6.19
N MET B 215 21.23 -40.03 -6.56
CA MET B 215 21.50 -41.44 -6.80
C MET B 215 22.34 -42.13 -5.74
N ALA B 216 22.85 -41.35 -4.76
CA ALA B 216 23.61 -41.91 -3.66
C ALA B 216 23.51 -41.00 -2.48
N LYS B 217 23.84 -41.52 -1.30
CA LYS B 217 23.91 -40.73 -0.10
C LYS B 217 25.08 -39.76 -0.30
N SER B 218 24.94 -38.54 0.23
CA SER B 218 25.93 -37.51 0.04
C SER B 218 27.23 -37.81 0.79
N VAL B 219 28.32 -37.26 0.27
CA VAL B 219 29.62 -37.24 0.91
C VAL B 219 29.74 -35.81 1.53
N LYS B 220 30.32 -35.79 2.74
CA LYS B 220 30.41 -34.58 3.55
C LYS B 220 31.88 -34.12 3.68
N TYR B 221 32.13 -32.86 3.42
CA TYR B 221 33.46 -32.26 3.65
C TYR B 221 33.27 -31.10 4.67
N THR B 222 33.98 -31.21 5.80
CA THR B 222 33.74 -30.41 6.98
C THR B 222 34.90 -29.45 7.19
N VAL B 223 34.56 -28.17 7.40
CA VAL B 223 35.52 -27.16 7.78
C VAL B 223 35.17 -26.78 9.21
N ASN B 224 36.11 -26.93 10.12
CA ASN B 224 35.95 -26.54 11.50
C ASN B 224 36.53 -25.11 11.61
N PHE B 225 35.69 -24.13 11.87
CA PHE B 225 36.11 -22.72 11.85
C PHE B 225 36.95 -22.33 13.07
N LEU B 226 36.86 -23.10 14.15
CA LEU B 226 37.75 -22.90 15.30
C LEU B 226 39.20 -23.25 15.00
N GLU B 227 39.42 -24.24 14.11
CA GLU B 227 40.78 -24.71 13.82
C GLU B 227 41.34 -24.28 12.45
N ALA B 228 40.48 -24.06 11.48
CA ALA B 228 40.91 -23.71 10.12
C ALA B 228 41.64 -22.37 10.02
N LYS B 229 42.58 -22.31 9.09
CA LYS B 229 43.28 -21.09 8.74
C LYS B 229 42.69 -20.58 7.41
N GLU B 230 42.81 -19.30 7.15
CA GLU B 230 42.41 -18.71 5.86
C GLU B 230 42.89 -19.49 4.66
N GLY B 231 44.16 -19.82 4.69
CA GLY B 231 44.87 -20.53 3.67
C GLY B 231 44.28 -21.86 3.31
N ASP B 232 43.59 -22.50 4.27
CA ASP B 232 42.89 -23.76 4.01
C ASP B 232 41.83 -23.64 2.92
N LEU B 233 41.31 -22.43 2.67
CA LEU B 233 40.29 -22.22 1.68
C LEU B 233 40.74 -21.81 0.29
N HIS B 234 42.04 -21.68 0.08
CA HIS B 234 42.57 -21.30 -1.26
C HIS B 234 42.46 -22.47 -2.24
N ARG B 235 42.59 -23.68 -1.72
CA ARG B 235 42.55 -24.92 -2.51
C ARG B 235 41.79 -25.91 -1.64
N ILE B 236 40.63 -26.34 -2.12
CA ILE B 236 39.77 -27.22 -1.35
C ILE B 236 39.61 -28.47 -2.17
N GLU B 237 40.15 -29.58 -1.63
CA GLU B 237 40.17 -30.84 -2.31
C GLU B 237 39.19 -31.74 -1.61
N ILE B 238 38.12 -32.13 -2.33
CA ILE B 238 37.08 -32.96 -1.78
C ILE B 238 37.08 -34.29 -2.52
N PRO B 239 37.73 -35.33 -1.91
CA PRO B 239 37.64 -36.64 -2.50
C PRO B 239 36.26 -37.22 -2.25
N PHE B 240 35.80 -38.08 -3.16
CA PHE B 240 34.52 -38.74 -2.99
C PHE B 240 34.56 -40.15 -3.48
N LYS B 241 33.84 -40.99 -2.75
CA LYS B 241 33.53 -42.36 -3.17
C LYS B 241 32.03 -42.53 -2.84
N PHE B 242 31.19 -42.52 -3.88
CA PHE B 242 29.75 -42.74 -3.70
C PHE B 242 29.38 -44.22 -3.89
N HIS B 243 28.58 -44.74 -2.96
CA HIS B 243 28.04 -46.05 -3.10
C HIS B 243 26.62 -45.84 -3.71
N MET B 244 26.47 -46.24 -4.99
CA MET B 244 25.30 -45.91 -5.75
C MET B 244 24.08 -46.69 -5.22
N LEU B 245 22.99 -45.99 -4.92
CA LEU B 245 21.75 -46.61 -4.44
C LEU B 245 20.75 -46.90 -5.59
N HIS B 246 20.92 -46.25 -6.73
CA HIS B 246 20.04 -46.41 -7.88
C HIS B 246 20.86 -46.57 -9.16
N SER B 247 20.37 -47.32 -10.11
CA SER B 247 20.99 -47.54 -11.40
C SER B 247 20.51 -46.46 -12.38
N GLY B 248 21.39 -45.92 -13.21
CA GLY B 248 21.02 -44.96 -14.21
C GLY B 248 22.20 -44.15 -14.72
N LEU B 249 21.88 -43.10 -15.47
CA LEU B 249 22.85 -42.18 -16.03
C LEU B 249 23.08 -41.05 -15.01
N VAL B 250 24.34 -40.87 -14.61
CA VAL B 250 24.75 -39.79 -13.71
C VAL B 250 25.11 -38.59 -14.57
N HIS B 251 24.34 -37.53 -14.45
CA HIS B 251 24.58 -36.30 -15.23
C HIS B 251 25.48 -35.28 -14.53
N GLY B 252 25.74 -35.46 -13.23
CA GLY B 252 26.66 -34.52 -12.49
C GLY B 252 26.59 -34.61 -10.98
N LEU B 253 27.15 -33.61 -10.29
CA LEU B 253 27.13 -33.53 -8.84
C LEU B 253 26.30 -32.35 -8.36
N ALA B 254 25.52 -32.60 -7.31
CA ALA B 254 24.69 -31.57 -6.66
C ALA B 254 25.39 -31.23 -5.34
N PHE B 255 25.34 -29.96 -4.98
CA PHE B 255 25.99 -29.42 -3.81
C PHE B 255 25.02 -28.67 -2.93
N TRP B 256 25.17 -28.84 -1.61
CA TRP B 256 24.51 -28.01 -0.63
C TRP B 256 25.36 -27.91 0.63
N PHE B 257 24.89 -27.19 1.66
CA PHE B 257 25.67 -27.07 2.89
C PHE B 257 24.85 -26.90 4.16
N ASP B 258 25.43 -27.35 5.28
CA ASP B 258 24.92 -27.11 6.62
C ASP B 258 25.96 -26.35 7.43
N VAL B 259 25.53 -25.49 8.35
CA VAL B 259 26.45 -24.98 9.40
C VAL B 259 25.88 -25.26 10.76
N ALA B 260 26.75 -25.43 11.75
CA ALA B 260 26.32 -25.71 13.12
C ALA B 260 26.87 -24.65 14.05
N PHE B 261 26.00 -24.17 14.94
CA PHE B 261 26.38 -23.22 15.98
C PHE B 261 26.53 -24.06 17.27
N ILE B 262 27.76 -24.37 17.66
CA ILE B 262 28.04 -25.25 18.81
C ILE B 262 28.19 -24.40 20.06
N GLY B 263 27.11 -24.15 20.75
CA GLY B 263 27.13 -23.34 21.98
C GLY B 263 27.24 -24.18 23.26
N SER B 264 27.36 -23.48 24.39
CA SER B 264 27.44 -24.11 25.71
C SER B 264 26.13 -24.81 26.13
N ILE B 265 24.98 -24.27 25.71
CA ILE B 265 23.69 -24.87 26.06
C ILE B 265 23.25 -25.89 25.02
N MET B 266 23.34 -25.53 23.75
CA MET B 266 22.93 -26.44 22.68
C MET B 266 23.60 -26.17 21.32
N THR B 267 23.51 -27.15 20.47
CA THR B 267 23.98 -27.07 19.13
C THR B 267 22.78 -26.84 18.23
N VAL B 268 22.82 -25.75 17.44
CA VAL B 268 21.77 -25.45 16.47
C VAL B 268 22.31 -25.54 15.06
N TRP B 269 21.55 -26.16 14.17
CA TRP B 269 21.89 -26.40 12.79
C TRP B 269 21.07 -25.55 11.82
N LEU B 270 21.73 -25.01 10.81
CA LEU B 270 21.08 -24.32 9.69
C LEU B 270 21.45 -25.13 8.45
N SER B 271 20.47 -25.77 7.83
CA SER B 271 20.65 -26.64 6.69
C SER B 271 20.05 -26.08 5.39
N THR B 272 20.77 -26.21 4.26
CA THR B 272 20.24 -25.82 2.95
C THR B 272 20.02 -27.06 2.04
N ALA B 273 19.87 -28.21 2.68
CA ALA B 273 19.65 -29.46 1.95
C ALA B 273 18.33 -29.46 1.19
N PRO B 274 18.27 -30.22 0.07
CA PRO B 274 17.01 -30.33 -0.69
C PRO B 274 15.89 -31.10 0.08
N THR B 275 16.21 -31.78 1.16
CA THR B 275 15.21 -32.33 2.08
C THR B 275 14.59 -31.32 3.09
N GLU B 276 15.08 -30.10 3.10
CA GLU B 276 14.66 -29.10 4.06
C GLU B 276 13.99 -27.94 3.34
N PRO B 277 13.28 -27.07 4.07
CA PRO B 277 12.60 -25.98 3.35
C PRO B 277 13.62 -25.08 2.62
N LEU B 278 13.20 -24.56 1.48
CA LEU B 278 14.00 -23.80 0.59
C LEU B 278 14.52 -22.51 1.26
N THR B 279 15.80 -22.17 0.95
CA THR B 279 16.41 -20.89 1.41
C THR B 279 16.87 -20.17 0.17
N HIS B 280 17.30 -18.92 0.34
N HIS B 280 17.29 -18.91 0.34
CA HIS B 280 17.78 -18.16 -0.83
CA HIS B 280 17.80 -18.14 -0.82
C HIS B 280 19.17 -18.63 -1.35
C HIS B 280 19.18 -18.63 -1.36
N TRP B 281 19.81 -19.61 -0.69
CA TRP B 281 20.98 -20.27 -1.26
C TRP B 281 20.63 -21.39 -2.25
N TYR B 282 19.37 -21.83 -2.24
CA TYR B 282 18.91 -22.92 -3.10
C TYR B 282 19.87 -24.13 -2.93
N GLN B 283 20.15 -24.82 -4.06
CA GLN B 283 21.20 -25.76 -4.17
C GLN B 283 21.95 -25.47 -5.47
N VAL B 284 23.10 -26.16 -5.68
CA VAL B 284 23.90 -25.97 -6.86
C VAL B 284 24.25 -27.30 -7.58
N ARG B 285 24.13 -27.31 -8.91
CA ARG B 285 24.49 -28.50 -9.69
C ARG B 285 25.51 -28.21 -10.75
N CYS B 286 26.55 -29.04 -10.80
CA CYS B 286 27.57 -28.98 -11.81
C CYS B 286 27.42 -30.20 -12.71
N LEU B 287 27.27 -29.96 -14.00
CA LEU B 287 27.10 -31.09 -14.98
C LEU B 287 28.43 -31.72 -15.34
N PHE B 288 28.37 -32.98 -15.73
CA PHE B 288 29.49 -33.62 -16.46
C PHE B 288 29.25 -33.39 -17.93
N GLN B 289 30.31 -33.23 -18.68
CA GLN B 289 30.29 -33.13 -20.17
C GLN B 289 29.72 -34.36 -20.88
N SER B 290 29.98 -35.51 -20.31
CA SER B 290 29.49 -36.79 -20.74
C SER B 290 28.95 -37.49 -19.52
N PRO B 291 27.71 -37.99 -19.60
CA PRO B 291 27.16 -38.73 -18.46
C PRO B 291 27.72 -40.07 -18.29
N LEU B 292 27.62 -40.64 -17.09
CA LEU B 292 28.25 -41.90 -16.74
C LEU B 292 27.22 -42.90 -16.32
N PHE B 293 27.22 -44.11 -16.91
CA PHE B 293 26.30 -45.16 -16.43
C PHE B 293 26.83 -45.84 -15.19
N ALA B 294 25.99 -45.97 -14.18
CA ALA B 294 26.33 -46.72 -12.98
C ALA B 294 25.15 -47.54 -12.49
N LYS B 295 25.43 -48.74 -11.98
CA LYS B 295 24.42 -49.62 -11.47
C LYS B 295 24.42 -49.47 -9.97
N ALA B 296 23.26 -49.71 -9.35
CA ALA B 296 23.18 -49.75 -7.91
C ALA B 296 24.22 -50.73 -7.40
N GLY B 297 24.93 -50.36 -6.32
CA GLY B 297 26.04 -51.14 -5.77
C GLY B 297 27.44 -50.79 -6.30
N ASP B 298 27.53 -50.11 -7.45
CA ASP B 298 28.82 -49.61 -7.93
C ASP B 298 29.34 -48.45 -7.09
N THR B 299 30.60 -48.08 -7.36
CA THR B 299 31.19 -46.94 -6.73
C THR B 299 31.55 -45.92 -7.79
N LEU B 300 31.16 -44.67 -7.54
CA LEU B 300 31.57 -43.53 -8.36
C LEU B 300 32.57 -42.73 -7.48
N SER B 301 33.78 -42.61 -7.97
CA SER B 301 34.88 -42.04 -7.23
C SER B 301 35.58 -40.93 -8.03
N GLY B 302 36.26 -40.05 -7.31
CA GLY B 302 37.03 -39.00 -7.92
C GLY B 302 37.22 -37.82 -6.96
N THR B 303 37.35 -36.64 -7.56
CA THR B 303 37.72 -35.46 -6.81
C THR B 303 36.97 -34.24 -7.30
N CYS B 304 36.53 -33.45 -6.34
CA CYS B 304 36.08 -32.11 -6.65
C CYS B 304 37.19 -31.20 -6.08
N LEU B 305 37.79 -30.38 -6.97
CA LEU B 305 38.79 -29.44 -6.56
C LEU B 305 38.32 -28.03 -6.77
N LEU B 306 38.32 -27.24 -5.70
CA LEU B 306 37.90 -25.84 -5.76
C LEU B 306 39.15 -24.99 -5.59
N ILE B 307 39.40 -24.13 -6.58
CA ILE B 307 40.64 -23.33 -6.64
C ILE B 307 40.22 -21.86 -6.60
N ALA B 308 40.62 -21.16 -5.53
CA ALA B 308 40.22 -19.79 -5.36
C ALA B 308 40.81 -18.90 -6.45
N ASN B 309 40.00 -17.98 -6.97
CA ASN B 309 40.47 -16.97 -7.94
C ASN B 309 40.28 -15.57 -7.32
N LYS B 310 40.81 -14.57 -7.99
CA LYS B 310 40.71 -13.19 -7.50
C LYS B 310 39.38 -12.47 -7.80
N ARG B 311 38.39 -13.18 -8.33
CA ARG B 311 37.03 -12.65 -8.54
C ARG B 311 36.11 -13.07 -7.42
N GLN B 312 36.70 -13.35 -6.25
CA GLN B 312 35.96 -13.74 -5.05
C GLN B 312 35.13 -14.99 -5.29
N SER B 313 35.67 -15.91 -6.10
CA SER B 313 34.99 -17.15 -6.36
C SER B 313 36.00 -18.27 -6.56
N TYR B 314 35.52 -19.35 -7.18
CA TYR B 314 36.30 -20.53 -7.40
C TYR B 314 36.16 -21.04 -8.83
N ASP B 315 37.26 -21.57 -9.34
CA ASP B 315 37.29 -22.47 -10.50
C ASP B 315 37.07 -23.88 -9.91
N ILE B 316 36.09 -24.60 -10.44
CA ILE B 316 35.74 -25.89 -9.94
C ILE B 316 36.14 -26.95 -10.95
N SER B 317 36.86 -27.95 -10.47
CA SER B 317 37.30 -29.01 -11.37
C SER B 317 36.77 -30.29 -10.79
N ILE B 318 36.01 -31.04 -11.64
CA ILE B 318 35.42 -32.31 -11.19
C ILE B 318 35.89 -33.43 -12.08
N VAL B 319 36.50 -34.48 -11.48
CA VAL B 319 36.81 -35.69 -12.21
C VAL B 319 36.11 -36.84 -11.51
N ALA B 320 35.47 -37.70 -12.30
CA ALA B 320 34.71 -38.83 -11.77
C ALA B 320 34.91 -40.05 -12.62
N GLN B 321 34.86 -41.21 -11.96
CA GLN B 321 34.91 -42.48 -12.67
C GLN B 321 34.02 -43.50 -11.98
N VAL B 322 33.43 -44.40 -12.77
CA VAL B 322 32.72 -45.55 -12.21
C VAL B 322 33.78 -46.63 -12.05
N ASP B 323 34.06 -47.02 -10.82
CA ASP B 323 35.24 -47.94 -10.60
C ASP B 323 35.10 -49.28 -11.27
N GLN B 324 33.86 -49.81 -11.30
CA GLN B 324 33.62 -51.15 -11.86
C GLN B 324 33.77 -51.23 -13.39
N THR B 325 33.61 -50.13 -14.12
CA THR B 325 33.72 -50.14 -15.60
C THR B 325 34.85 -49.33 -16.20
N GLY B 326 35.50 -48.48 -15.37
CA GLY B 326 36.50 -47.51 -15.90
C GLY B 326 35.97 -46.33 -16.73
N SER B 327 34.65 -46.14 -16.78
CA SER B 327 34.07 -44.97 -17.50
C SER B 327 34.35 -43.64 -16.70
N LYS B 328 34.95 -42.66 -17.39
CA LYS B 328 35.50 -41.44 -16.83
C LYS B 328 34.88 -40.17 -17.39
N SER B 329 34.65 -39.15 -16.55
CA SER B 329 34.27 -37.84 -17.01
C SER B 329 34.93 -36.75 -16.21
N SER B 330 35.09 -35.56 -16.80
CA SER B 330 35.57 -34.33 -16.16
C SER B 330 34.52 -33.16 -16.35
N ASN B 331 34.70 -32.06 -15.60
CA ASN B 331 34.34 -30.74 -16.06
C ASN B 331 35.17 -29.68 -15.33
N LEU B 332 35.29 -28.51 -15.94
CA LEU B 332 35.71 -27.30 -15.35
C LEU B 332 34.62 -26.29 -15.36
N LEU B 333 34.39 -25.65 -14.22
CA LEU B 333 33.23 -24.73 -14.13
C LEU B 333 33.68 -23.47 -13.42
N ASP B 334 32.94 -22.43 -13.67
CA ASP B 334 33.27 -21.06 -13.22
C ASP B 334 32.15 -20.60 -12.33
N LEU B 335 32.35 -20.72 -11.04
CA LEU B 335 31.34 -20.41 -10.02
C LEU B 335 30.97 -18.94 -9.93
N LYS B 336 31.74 -18.06 -10.54
CA LYS B 336 31.42 -16.63 -10.62
C LYS B 336 30.27 -16.31 -11.52
N ASN B 337 29.97 -17.17 -12.51
CA ASN B 337 28.90 -16.91 -13.50
C ASN B 337 27.90 -18.08 -13.53
N PRO B 338 27.16 -18.25 -12.42
CA PRO B 338 26.19 -19.32 -12.33
C PRO B 338 24.94 -19.04 -13.17
N PHE B 339 24.22 -20.08 -13.52
CA PHE B 339 22.98 -19.96 -14.23
C PHE B 339 21.85 -20.08 -13.23
N PHE B 340 21.11 -18.97 -13.04
CA PHE B 340 19.95 -18.93 -12.15
C PHE B 340 18.78 -19.48 -12.89
N ARG B 341 18.54 -20.78 -12.72
CA ARG B 341 17.52 -21.51 -13.49
C ARG B 341 16.15 -21.41 -12.82
N TYR B 342 16.11 -21.26 -11.50
CA TYR B 342 14.88 -20.93 -10.74
C TYR B 342 14.46 -19.50 -11.00
N SER C 1 -26.91 9.60 39.37
CA SER C 1 -27.07 8.14 39.29
C SER C 1 -25.79 7.47 38.84
N VAL C 2 -25.79 6.14 38.90
CA VAL C 2 -24.65 5.36 38.39
C VAL C 2 -24.49 5.58 36.86
N PHE C 3 -25.59 5.82 36.15
CA PHE C 3 -25.52 6.08 34.70
C PHE C 3 -24.88 7.43 34.39
N SER C 4 -25.38 8.50 35.02
CA SER C 4 -24.86 9.85 34.76
C SER C 4 -23.39 10.01 35.18
N GLU C 5 -22.98 9.34 36.26
CA GLU C 5 -21.58 9.37 36.73
C GLU C 5 -20.58 8.69 35.78
N ARG C 6 -21.03 7.65 35.06
CA ARG C 6 -20.16 6.95 34.11
C ARG C 6 -20.28 7.47 32.64
N THR C 7 -21.17 8.45 32.38
CA THR C 7 -21.50 8.81 31.00
C THR C 7 -21.48 10.35 30.82
N GLU C 8 -20.74 10.84 29.83
CA GLU C 8 -20.84 12.24 29.42
C GLU C 8 -22.24 12.53 28.90
N GLU C 9 -22.83 13.64 29.34
CA GLU C 9 -24.18 14.03 28.95
C GLU C 9 -24.31 14.10 27.41
N SER C 10 -23.31 14.66 26.76
CA SER C 10 -23.22 14.74 25.30
C SER C 10 -23.43 13.37 24.57
N SER C 11 -22.80 12.32 25.10
CA SER C 11 -22.89 10.98 24.54
C SER C 11 -24.27 10.38 24.81
N ALA C 12 -24.80 10.57 26.02
CA ALA C 12 -26.14 10.09 26.42
C ALA C 12 -27.25 10.65 25.54
N VAL C 13 -27.17 11.96 25.25
CA VAL C 13 -28.21 12.64 24.46
C VAL C 13 -28.20 12.04 23.04
N GLN C 14 -27.04 11.98 22.40
CA GLN C 14 -26.89 11.39 21.08
C GLN C 14 -27.37 9.91 21.02
N TYR C 15 -26.97 9.14 22.02
CA TYR C 15 -27.33 7.72 22.19
C TYR C 15 -28.83 7.50 22.25
N PHE C 16 -29.52 8.19 23.17
CA PHE C 16 -30.97 8.04 23.32
C PHE C 16 -31.77 8.67 22.17
N GLN C 17 -31.24 9.72 21.54
CA GLN C 17 -31.83 10.24 20.28
C GLN C 17 -31.83 9.18 19.15
N PHE C 18 -30.69 8.47 18.99
CA PHE C 18 -30.52 7.44 18.00
C PHE C 18 -31.58 6.28 18.20
N TYR C 19 -31.74 5.81 19.43
CA TYR C 19 -32.73 4.75 19.68
C TYR C 19 -34.19 5.19 19.75
N GLY C 20 -34.42 6.52 19.72
CA GLY C 20 -35.75 7.08 19.55
C GLY C 20 -36.36 6.94 18.15
N TYR C 21 -35.58 6.57 17.13
CA TYR C 21 -36.10 6.43 15.78
C TYR C 21 -36.74 5.06 15.54
N LEU C 22 -37.98 5.12 15.00
CA LEU C 22 -38.64 3.93 14.55
C LEU C 22 -37.85 3.15 13.48
N SER C 23 -37.18 3.87 12.60
CA SER C 23 -36.35 3.24 11.58
C SER C 23 -35.25 2.38 12.16
N GLN C 24 -34.67 2.81 13.27
CA GLN C 24 -33.64 2.03 13.91
C GLN C 24 -34.20 0.77 14.64
N GLN C 25 -35.34 0.91 15.29
CA GLN C 25 -36.06 -0.23 15.89
C GLN C 25 -36.39 -1.26 14.79
N GLN C 26 -36.87 -0.77 13.64
CA GLN C 26 -37.16 -1.61 12.52
C GLN C 26 -35.93 -2.37 11.99
N ASN C 27 -34.82 -1.65 11.83
CA ASN C 27 -33.59 -2.28 11.34
C ASN C 27 -33.21 -3.47 12.24
N MET C 28 -33.37 -3.31 13.54
CA MET C 28 -33.01 -4.34 14.48
C MET C 28 -34.03 -5.48 14.48
N MET C 29 -35.31 -5.16 14.46
CA MET C 29 -36.34 -6.18 14.37
C MET C 29 -36.25 -7.04 13.14
N GLN C 30 -35.87 -6.43 12.02
CA GLN C 30 -35.70 -7.16 10.72
C GLN C 30 -34.54 -8.11 10.65
N ASP C 31 -33.62 -8.07 11.60
CA ASP C 31 -32.57 -9.14 11.73
C ASP C 31 -33.27 -10.39 12.25
N TYR C 32 -33.62 -11.29 11.35
CA TYR C 32 -34.43 -12.46 11.72
C TYR C 32 -33.69 -13.42 12.67
N VAL C 33 -32.43 -13.59 12.51
CA VAL C 33 -31.63 -14.46 13.41
C VAL C 33 -31.73 -13.97 14.84
N ARG C 34 -31.58 -12.65 15.03
CA ARG C 34 -31.68 -12.01 16.30
C ARG C 34 -33.08 -12.20 16.86
N THR C 35 -34.10 -11.73 16.13
CA THR C 35 -35.43 -11.67 16.66
C THR C 35 -36.01 -13.04 16.88
N GLY C 36 -35.81 -13.92 15.93
CA GLY C 36 -36.26 -15.31 16.00
C GLY C 36 -35.61 -16.14 17.08
N THR C 37 -34.31 -15.94 17.30
CA THR C 37 -33.59 -16.66 18.36
C THR C 37 -34.03 -16.18 19.76
N TYR C 38 -34.22 -14.88 19.96
CA TYR C 38 -34.79 -14.35 21.18
C TYR C 38 -36.18 -14.96 21.45
N GLN C 39 -37.03 -14.97 20.44
CA GLN C 39 -38.38 -15.54 20.58
C GLN C 39 -38.32 -17.06 20.96
N ARG C 40 -37.47 -17.78 20.27
CA ARG C 40 -37.28 -19.21 20.52
C ARG C 40 -36.75 -19.45 21.96
N ALA C 41 -35.74 -18.67 22.39
CA ALA C 41 -35.21 -18.77 23.74
C ALA C 41 -36.27 -18.59 24.81
N ILE C 42 -37.12 -17.60 24.60
CA ILE C 42 -38.15 -17.28 25.57
C ILE C 42 -39.32 -18.31 25.53
N LEU C 43 -39.88 -18.56 24.34
CA LEU C 43 -41.01 -19.48 24.22
C LEU C 43 -40.67 -20.95 24.55
N GLN C 44 -39.49 -21.43 24.15
CA GLN C 44 -39.07 -22.78 24.51
C GLN C 44 -38.72 -22.96 25.98
N ASN C 45 -38.48 -21.85 26.69
CA ASN C 45 -38.30 -21.84 28.14
C ASN C 45 -39.49 -21.15 28.81
N HIS C 46 -40.69 -21.52 28.38
CA HIS C 46 -41.96 -20.91 28.86
C HIS C 46 -42.14 -21.02 30.38
N THR C 47 -41.65 -22.06 31.01
CA THR C 47 -41.72 -22.22 32.48
C THR C 47 -40.87 -21.18 33.23
N ASP C 48 -39.86 -20.59 32.59
CA ASP C 48 -39.13 -19.47 33.18
C ASP C 48 -39.89 -18.15 33.16
N PHE C 49 -41.00 -18.11 32.44
CA PHE C 49 -41.86 -16.95 32.33
C PHE C 49 -43.28 -17.14 32.85
N LYS C 50 -43.89 -18.32 32.74
CA LYS C 50 -45.28 -18.55 33.11
C LYS C 50 -45.58 -18.08 34.53
N ASP C 51 -46.53 -17.14 34.68
CA ASP C 51 -46.92 -16.58 35.97
C ASP C 51 -45.77 -15.90 36.76
N LYS C 52 -44.73 -15.46 36.09
CA LYS C 52 -43.59 -14.82 36.73
C LYS C 52 -43.57 -13.32 36.48
N ILE C 53 -42.72 -12.63 37.23
CA ILE C 53 -42.51 -11.20 37.13
C ILE C 53 -41.18 -11.00 36.39
N VAL C 54 -41.21 -10.15 35.37
CA VAL C 54 -40.14 -9.94 34.41
C VAL C 54 -39.77 -8.45 34.37
N LEU C 55 -38.47 -8.18 34.25
CA LEU C 55 -37.96 -6.87 33.97
C LEU C 55 -37.30 -6.92 32.56
N ASP C 56 -37.72 -6.01 31.66
CA ASP C 56 -37.13 -5.85 30.34
C ASP C 56 -36.28 -4.56 30.31
N VAL C 57 -34.94 -4.71 30.31
CA VAL C 57 -34.05 -3.57 30.44
C VAL C 57 -33.79 -3.01 29.01
N GLY C 58 -34.32 -1.81 28.75
CA GLY C 58 -34.13 -1.21 27.46
C GLY C 58 -35.04 -1.81 26.41
N CYS C 59 -36.34 -1.71 26.65
CA CYS C 59 -37.35 -2.46 25.88
C CYS C 59 -37.56 -1.99 24.47
N GLY C 60 -37.18 -0.77 24.17
CA GLY C 60 -37.32 -0.22 22.81
C GLY C 60 -38.80 -0.22 22.42
N SER C 61 -39.11 -0.80 21.26
CA SER C 61 -40.48 -0.96 20.75
C SER C 61 -41.34 -1.88 21.65
N GLY C 62 -40.71 -2.73 22.43
CA GLY C 62 -41.36 -3.60 23.40
C GLY C 62 -41.31 -5.08 23.04
N ILE C 63 -40.68 -5.42 21.92
CA ILE C 63 -40.77 -6.75 21.33
C ILE C 63 -40.49 -7.90 22.32
N LEU C 64 -39.44 -7.80 23.12
CA LEU C 64 -39.08 -8.88 24.07
C LEU C 64 -40.11 -9.02 25.21
N SER C 65 -40.70 -7.91 25.62
CA SER C 65 -41.76 -7.93 26.59
C SER C 65 -43.00 -8.66 26.04
N PHE C 66 -43.30 -8.44 24.75
CA PHE C 66 -44.35 -9.20 24.10
C PHE C 66 -44.06 -10.69 24.07
N PHE C 67 -42.81 -11.06 23.80
CA PHE C 67 -42.42 -12.47 23.87
C PHE C 67 -42.64 -13.06 25.28
N ALA C 68 -42.29 -12.28 26.32
CA ALA C 68 -42.50 -12.72 27.69
C ALA C 68 -43.97 -12.91 28.01
N ALA C 69 -44.81 -12.01 27.47
CA ALA C 69 -46.27 -12.10 27.61
C ALA C 69 -46.84 -13.31 26.86
N GLN C 70 -46.37 -13.57 25.63
CA GLN C 70 -46.77 -14.77 24.91
C GLN C 70 -46.47 -16.04 25.72
N ALA C 71 -45.37 -16.03 26.44
CA ALA C 71 -44.95 -17.17 27.28
C ALA C 71 -45.66 -17.29 28.63
N GLY C 72 -46.52 -16.33 28.96
CA GLY C 72 -47.38 -16.41 30.12
C GLY C 72 -46.98 -15.57 31.34
N ALA C 73 -46.02 -14.62 31.20
CA ALA C 73 -45.62 -13.81 32.32
C ALA C 73 -46.83 -13.10 32.93
N ARG C 74 -46.84 -12.99 34.26
CA ARG C 74 -47.93 -12.31 34.98
C ARG C 74 -47.76 -10.79 34.91
N LYS C 75 -46.53 -10.31 35.05
CA LYS C 75 -46.23 -8.92 34.96
C LYS C 75 -44.85 -8.67 34.41
N ILE C 76 -44.76 -7.71 33.50
CA ILE C 76 -43.51 -7.30 32.85
C ILE C 76 -43.33 -5.82 33.00
N TYR C 77 -42.25 -5.42 33.67
CA TYR C 77 -41.85 -4.00 33.74
C TYR C 77 -40.87 -3.74 32.60
N ALA C 78 -41.22 -2.84 31.70
CA ALA C 78 -40.49 -2.58 30.51
C ALA C 78 -39.89 -1.18 30.61
N VAL C 79 -38.57 -1.13 30.88
CA VAL C 79 -37.89 0.12 31.15
C VAL C 79 -37.21 0.62 29.87
N GLU C 80 -37.43 1.91 29.54
CA GLU C 80 -36.91 2.52 28.36
C GLU C 80 -36.69 4.00 28.55
N ALA C 81 -35.48 4.48 28.27
CA ALA C 81 -35.10 5.88 28.53
C ALA C 81 -35.28 6.81 27.31
N SER C 82 -35.27 6.27 26.10
CA SER C 82 -35.55 7.10 24.92
C SER C 82 -37.05 7.40 24.76
N THR C 83 -37.37 8.27 23.81
CA THR C 83 -38.73 8.56 23.45
C THR C 83 -39.51 7.35 22.86
N MET C 84 -38.79 6.30 22.53
CA MET C 84 -39.38 5.02 22.14
C MET C 84 -40.36 4.46 23.17
N ALA C 85 -40.22 4.86 24.44
CA ALA C 85 -41.15 4.41 25.48
C ALA C 85 -42.62 4.71 25.15
N GLN C 86 -42.88 5.85 24.51
CA GLN C 86 -44.22 6.26 24.12
C GLN C 86 -44.82 5.33 23.04
N HIS C 87 -43.98 4.97 22.07
CA HIS C 87 -44.38 4.07 21.00
C HIS C 87 -44.65 2.68 21.56
N ALA C 88 -43.80 2.22 22.47
CA ALA C 88 -44.06 0.95 23.20
C ALA C 88 -45.40 0.92 23.87
N GLU C 89 -45.76 2.02 24.59
CA GLU C 89 -47.05 2.10 25.29
C GLU C 89 -48.23 2.00 24.31
N VAL C 90 -48.12 2.67 23.15
CA VAL C 90 -49.10 2.54 22.09
C VAL C 90 -49.30 1.07 21.66
N LEU C 91 -48.23 0.33 21.47
CA LEU C 91 -48.31 -1.07 21.13
C LEU C 91 -48.91 -1.95 22.24
N VAL C 92 -48.59 -1.64 23.48
CA VAL C 92 -49.13 -2.37 24.59
C VAL C 92 -50.69 -2.21 24.63
N LYS C 93 -51.17 -1.01 24.42
CA LYS C 93 -52.64 -0.79 24.33
C LYS C 93 -53.26 -1.48 23.13
N SER C 94 -52.68 -1.31 21.94
CA SER C 94 -53.26 -1.91 20.72
C SER C 94 -53.24 -3.43 20.67
N ASN C 95 -52.36 -4.07 21.44
CA ASN C 95 -52.32 -5.54 21.56
C ASN C 95 -53.00 -6.04 22.83
N ASN C 96 -53.77 -5.18 23.51
CA ASN C 96 -54.60 -5.56 24.65
C ASN C 96 -53.83 -6.27 25.78
N LEU C 97 -52.68 -5.68 26.17
CA LEU C 97 -51.79 -6.24 27.16
C LEU C 97 -51.49 -5.26 28.30
N THR C 98 -52.38 -4.28 28.51
CA THR C 98 -52.23 -3.28 29.55
C THR C 98 -52.29 -3.87 30.94
N ASP C 99 -52.94 -5.01 31.11
CA ASP C 99 -52.95 -5.75 32.39
C ASP C 99 -51.63 -6.48 32.70
N ARG C 100 -50.71 -6.58 31.76
CA ARG C 100 -49.51 -7.41 31.94
C ARG C 100 -48.15 -6.73 31.64
N ILE C 101 -48.10 -5.78 30.68
CA ILE C 101 -46.92 -5.03 30.42
C ILE C 101 -47.04 -3.59 30.86
N VAL C 102 -46.14 -3.14 31.74
CA VAL C 102 -46.13 -1.82 32.28
C VAL C 102 -44.83 -1.15 31.81
N VAL C 103 -44.97 -0.16 30.95
CA VAL C 103 -43.86 0.63 30.53
C VAL C 103 -43.52 1.65 31.57
N ILE C 104 -42.23 1.71 31.90
CA ILE C 104 -41.66 2.67 32.87
C ILE C 104 -40.62 3.54 32.18
N PRO C 105 -40.95 4.79 31.87
CA PRO C 105 -39.99 5.66 31.19
C PRO C 105 -38.83 6.05 32.12
N GLY C 106 -37.62 6.05 31.58
CA GLY C 106 -36.43 6.47 32.27
C GLY C 106 -35.31 5.44 32.22
N LYS C 107 -34.21 5.77 32.90
CA LYS C 107 -33.02 4.88 32.93
C LYS C 107 -33.20 3.87 34.03
N VAL C 108 -32.82 2.62 33.80
CA VAL C 108 -32.93 1.53 34.80
C VAL C 108 -32.13 1.83 36.06
N GLU C 109 -31.11 2.70 35.95
CA GLU C 109 -30.37 3.21 37.10
C GLU C 109 -31.09 4.27 37.94
N GLU C 110 -32.23 4.81 37.47
CA GLU C 110 -32.89 5.96 38.05
C GLU C 110 -34.35 5.74 38.43
N VAL C 111 -35.05 4.85 37.77
CA VAL C 111 -36.45 4.55 38.07
C VAL C 111 -36.62 3.75 39.36
N SER C 112 -37.84 3.61 39.83
CA SER C 112 -38.24 2.70 40.92
C SER C 112 -39.19 1.62 40.37
N LEU C 113 -38.96 0.37 40.73
CA LEU C 113 -39.94 -0.69 40.47
C LEU C 113 -40.69 -1.03 41.74
N PRO C 114 -41.95 -1.42 41.63
CA PRO C 114 -42.75 -1.71 42.83
C PRO C 114 -42.47 -3.03 43.52
N GLU C 115 -41.86 -3.96 42.83
CA GLU C 115 -41.50 -5.29 43.44
C GLU C 115 -40.18 -5.81 42.76
N GLN C 116 -39.66 -6.89 43.34
CA GLN C 116 -38.53 -7.62 42.81
C GLN C 116 -39.03 -8.54 41.75
N VAL C 117 -38.14 -8.98 40.84
CA VAL C 117 -38.55 -9.79 39.68
C VAL C 117 -37.88 -11.14 39.64
N ASP C 118 -38.48 -12.06 38.93
CA ASP C 118 -37.98 -13.44 38.75
C ASP C 118 -36.91 -13.57 37.69
N ILE C 119 -36.96 -12.71 36.69
CA ILE C 119 -36.10 -12.85 35.52
C ILE C 119 -35.91 -11.51 34.82
N ILE C 120 -34.69 -11.22 34.42
CA ILE C 120 -34.38 -10.06 33.65
C ILE C 120 -34.09 -10.48 32.20
N ILE C 121 -34.68 -9.76 31.24
CA ILE C 121 -34.39 -9.94 29.84
C ILE C 121 -33.86 -8.63 29.24
N SER C 122 -32.96 -8.76 28.25
CA SER C 122 -32.41 -7.59 27.58
C SER C 122 -31.70 -7.98 26.31
N GLU C 123 -31.44 -6.98 25.48
CA GLU C 123 -30.52 -7.12 24.36
C GLU C 123 -29.36 -6.10 24.53
N PRO C 124 -28.44 -6.36 25.45
CA PRO C 124 -27.41 -5.37 25.76
C PRO C 124 -26.13 -5.44 24.91
N MET C 125 -26.09 -6.32 23.92
CA MET C 125 -24.84 -6.57 23.19
C MET C 125 -24.66 -5.54 22.08
N GLY C 126 -23.50 -4.90 22.03
CA GLY C 126 -23.07 -4.10 20.89
C GLY C 126 -22.00 -4.80 20.06
N TYR C 127 -21.40 -4.07 19.15
CA TYR C 127 -20.20 -4.57 18.39
C TYR C 127 -19.17 -5.03 19.38
N MET C 128 -18.50 -6.15 19.05
CA MET C 128 -17.49 -6.76 19.94
C MET C 128 -18.07 -7.07 21.31
N LEU C 129 -19.41 -7.31 21.39
CA LEU C 129 -20.16 -7.53 22.63
C LEU C 129 -20.30 -6.27 23.51
N PHE C 130 -19.17 -5.65 23.84
CA PHE C 130 -19.08 -4.64 24.88
C PHE C 130 -19.43 -3.19 24.47
N ASN C 131 -19.43 -2.89 23.17
CA ASN C 131 -19.70 -1.52 22.75
C ASN C 131 -21.08 -1.02 23.24
N GLU C 132 -21.14 0.29 23.57
CA GLU C 132 -22.34 0.96 24.13
C GLU C 132 -22.45 0.87 25.66
N ARG C 133 -21.67 -0.08 26.28
CA ARG C 133 -21.66 -0.23 27.76
C ARG C 133 -23.04 -0.50 28.34
N MET C 134 -23.89 -1.16 27.54
CA MET C 134 -25.22 -1.48 27.97
C MET C 134 -25.21 -2.69 28.89
N LEU C 135 -24.19 -3.52 28.80
CA LEU C 135 -24.05 -4.64 29.76
C LEU C 135 -24.02 -4.16 31.23
N GLU C 136 -23.48 -2.99 31.48
CA GLU C 136 -23.46 -2.41 32.81
C GLU C 136 -24.84 -2.09 33.35
N SER C 137 -25.73 -1.53 32.50
CA SER C 137 -27.12 -1.28 32.91
C SER C 137 -27.83 -2.60 33.18
N TYR C 138 -27.55 -3.61 32.36
CA TYR C 138 -28.11 -4.95 32.53
C TYR C 138 -27.70 -5.55 33.89
N LEU C 139 -26.43 -5.44 34.23
CA LEU C 139 -25.92 -5.97 35.50
C LEU C 139 -26.40 -5.12 36.68
N HIS C 140 -26.42 -3.79 36.51
CA HIS C 140 -27.02 -2.89 37.50
C HIS C 140 -28.45 -3.30 37.90
N ALA C 141 -29.22 -3.76 36.91
CA ALA C 141 -30.61 -4.19 37.11
C ALA C 141 -30.79 -5.39 38.02
N LYS C 142 -29.70 -6.10 38.33
CA LYS C 142 -29.74 -7.21 39.33
C LYS C 142 -30.14 -6.79 40.72
N LYS C 143 -30.03 -5.52 41.05
CA LYS C 143 -30.61 -5.01 42.31
C LYS C 143 -32.11 -5.30 42.43
N TYR C 144 -32.79 -5.49 41.29
CA TYR C 144 -34.21 -5.88 41.29
C TYR C 144 -34.46 -7.36 41.19
N LEU C 145 -33.40 -8.16 41.16
CA LEU C 145 -33.54 -9.60 40.90
C LEU C 145 -33.67 -10.35 42.23
N LYS C 146 -34.73 -11.13 42.36
CA LYS C 146 -34.93 -12.03 43.49
C LYS C 146 -33.72 -12.99 43.61
N PRO C 147 -33.43 -13.48 44.80
CA PRO C 147 -32.42 -14.54 44.91
C PRO C 147 -32.79 -15.73 44.06
N SER C 148 -31.82 -16.31 43.37
CA SER C 148 -32.09 -17.37 42.39
C SER C 148 -32.92 -16.93 41.15
N GLY C 149 -33.06 -15.61 40.90
CA GLY C 149 -33.63 -15.17 39.65
C GLY C 149 -32.68 -15.46 38.46
N ASN C 150 -33.22 -15.47 37.25
CA ASN C 150 -32.41 -15.78 36.08
C ASN C 150 -32.18 -14.50 35.25
N MET C 151 -31.30 -14.60 34.25
CA MET C 151 -30.97 -13.55 33.31
C MET C 151 -30.94 -14.12 31.90
N PHE C 152 -31.61 -13.43 30.96
CA PHE C 152 -31.73 -13.84 29.56
C PHE C 152 -31.26 -12.66 28.67
N PRO C 153 -30.04 -12.72 28.14
CA PRO C 153 -29.07 -13.82 28.15
C PRO C 153 -28.39 -14.05 29.48
N THR C 154 -27.89 -15.28 29.67
CA THR C 154 -27.26 -15.68 30.90
C THR C 154 -25.74 -15.47 30.87
N ILE C 155 -25.11 -15.83 29.75
CA ILE C 155 -23.70 -15.67 29.57
C ILE C 155 -23.37 -15.10 28.20
N GLY C 156 -22.16 -14.58 28.06
CA GLY C 156 -21.64 -14.08 26.80
C GLY C 156 -20.21 -14.57 26.60
N ASP C 157 -19.93 -15.11 25.40
CA ASP C 157 -18.61 -15.57 25.03
C ASP C 157 -18.08 -14.65 23.93
N VAL C 158 -16.94 -14.03 24.17
CA VAL C 158 -16.20 -13.33 23.15
C VAL C 158 -15.16 -14.30 22.56
N HIS C 159 -15.10 -14.34 21.24
CA HIS C 159 -14.15 -15.16 20.49
C HIS C 159 -13.18 -14.23 19.78
N LEU C 160 -11.90 -14.56 19.83
CA LEU C 160 -10.86 -13.91 19.05
C LEU C 160 -10.02 -14.91 18.30
N ALA C 161 -9.58 -14.50 17.10
CA ALA C 161 -8.67 -15.30 16.29
C ALA C 161 -7.84 -14.44 15.35
N PRO C 162 -6.57 -14.80 15.13
CA PRO C 162 -5.73 -14.05 14.18
C PRO C 162 -6.16 -14.28 12.78
N PHE C 163 -6.05 -13.26 11.91
CA PHE C 163 -6.43 -13.38 10.48
C PHE C 163 -5.40 -12.83 9.54
N THR C 164 -5.51 -13.27 8.28
CA THR C 164 -4.69 -12.74 7.16
C THR C 164 -5.64 -12.15 6.16
N ASP C 165 -5.43 -10.89 5.77
CA ASP C 165 -6.24 -10.22 4.74
C ASP C 165 -5.47 -9.02 4.16
N GLU C 166 -4.65 -9.31 3.18
CA GLU C 166 -3.78 -8.34 2.54
C GLU C 166 -4.59 -7.20 1.86
N GLN C 167 -5.71 -7.52 1.24
CA GLN C 167 -6.56 -6.51 0.57
C GLN C 167 -7.16 -5.49 1.60
N LEU C 168 -7.64 -5.99 2.75
CA LEU C 168 -8.10 -5.10 3.82
C LEU C 168 -7.00 -4.16 4.30
N TYR C 169 -5.84 -4.72 4.60
CA TYR C 169 -4.69 -3.95 5.06
C TYR C 169 -4.33 -2.84 4.06
N MET C 170 -4.23 -3.20 2.79
CA MET C 170 -3.87 -2.25 1.74
C MET C 170 -4.91 -1.12 1.53
N GLU C 171 -6.18 -1.44 1.69
CA GLU C 171 -7.22 -0.45 1.61
C GLU C 171 -6.99 0.72 2.64
N GLN C 172 -6.66 0.34 3.88
CA GLN C 172 -6.50 1.32 4.97
C GLN C 172 -5.22 2.12 4.77
N PHE C 173 -4.18 1.48 4.24
CA PHE C 173 -2.92 2.11 4.02
C PHE C 173 -3.02 3.09 2.85
N THR C 174 -3.74 2.67 1.81
CA THR C 174 -3.99 3.50 0.66
C THR C 174 -4.75 4.75 1.03
N LYS C 175 -5.74 4.66 1.91
CA LYS C 175 -6.44 5.83 2.42
C LYS C 175 -5.55 6.74 3.21
N ALA C 176 -4.77 6.22 4.13
CA ALA C 176 -3.84 7.05 4.93
C ALA C 176 -2.71 7.71 4.12
N ASN C 177 -2.33 7.06 3.02
CA ASN C 177 -1.23 7.51 2.18
C ASN C 177 -1.56 8.80 1.45
N PHE C 178 -2.83 9.18 1.41
CA PHE C 178 -3.23 10.54 1.03
C PHE C 178 -2.36 11.59 1.72
N TRP C 179 -2.06 11.39 3.00
CA TRP C 179 -1.31 12.36 3.77
C TRP C 179 0.20 12.33 3.53
N TYR C 180 0.69 11.46 2.67
CA TYR C 180 2.13 11.43 2.22
C TYR C 180 2.49 12.51 1.18
N GLN C 181 1.51 13.16 0.54
CA GLN C 181 1.73 13.93 -0.63
C GLN C 181 2.56 15.17 -0.26
N PRO C 182 3.72 15.41 -0.90
CA PRO C 182 4.45 16.65 -0.66
C PRO C 182 3.88 17.89 -1.34
N SER C 183 2.94 17.72 -2.27
CA SER C 183 2.35 18.88 -2.96
C SER C 183 0.90 18.64 -3.39
N PHE C 184 0.02 18.50 -2.41
CA PHE C 184 -1.42 18.48 -2.62
C PHE C 184 -1.89 19.89 -2.90
N HIS C 185 -2.14 20.21 -4.17
CA HIS C 185 -2.36 21.57 -4.63
C HIS C 185 -1.30 22.53 -4.08
N GLY C 186 -0.07 22.12 -4.08
CA GLY C 186 1.07 22.92 -3.62
C GLY C 186 1.40 22.87 -2.17
N VAL C 187 0.72 22.02 -1.41
CA VAL C 187 0.85 21.96 0.04
C VAL C 187 1.41 20.64 0.46
N ASP C 188 2.42 20.70 1.33
CA ASP C 188 3.07 19.51 1.83
C ASP C 188 2.30 18.99 3.04
N LEU C 189 1.62 17.87 2.86
CA LEU C 189 0.81 17.24 3.93
C LEU C 189 1.61 16.19 4.74
N SER C 190 2.84 15.87 4.33
CA SER C 190 3.53 14.67 4.77
C SER C 190 3.90 14.61 6.25
N ALA C 191 4.00 15.75 6.91
CA ALA C 191 4.22 15.74 8.36
C ALA C 191 3.04 15.13 9.19
N LEU C 192 1.87 15.06 8.61
CA LEU C 192 0.68 14.42 9.20
C LEU C 192 0.48 12.92 8.82
N ARG C 193 1.34 12.33 8.02
CA ARG C 193 1.16 10.96 7.56
C ARG C 193 1.13 9.94 8.71
N GLY C 194 2.03 10.06 9.66
CA GLY C 194 2.00 9.19 10.85
C GLY C 194 0.74 9.30 11.64
N ALA C 195 0.27 10.54 11.87
CA ALA C 195 -0.99 10.77 12.57
C ALA C 195 -2.15 10.18 11.80
N ALA C 196 -2.13 10.28 10.48
CA ALA C 196 -3.20 9.68 9.65
C ALA C 196 -3.24 8.19 9.70
N VAL C 197 -2.09 7.55 9.63
CA VAL C 197 -1.95 6.07 9.75
C VAL C 197 -2.52 5.63 11.07
N ASP C 198 -2.09 6.26 12.15
CA ASP C 198 -2.61 5.99 13.50
C ASP C 198 -4.12 6.06 13.54
N GLU C 199 -4.68 7.14 13.01
CA GLU C 199 -6.13 7.32 13.02
C GLU C 199 -6.88 6.23 12.23
N TYR C 200 -6.40 5.90 11.05
CA TYR C 200 -7.08 4.84 10.26
C TYR C 200 -6.98 3.46 10.93
N PHE C 201 -5.81 3.13 11.46
CA PHE C 201 -5.60 1.82 12.12
C PHE C 201 -6.25 1.74 13.47
N ARG C 202 -6.66 2.89 14.05
CA ARG C 202 -7.50 2.89 15.26
C ARG C 202 -8.94 2.47 15.02
N GLN C 203 -9.39 2.35 13.77
CA GLN C 203 -10.78 2.03 13.48
C GLN C 203 -11.02 0.54 13.39
N PRO C 204 -11.89 -0.02 14.27
CA PRO C 204 -12.22 -1.41 14.05
C PRO C 204 -13.05 -1.55 12.77
N VAL C 205 -12.84 -2.65 12.06
CA VAL C 205 -13.47 -2.89 10.79
C VAL C 205 -14.66 -3.83 11.00
N VAL C 206 -15.88 -3.30 10.79
CA VAL C 206 -17.11 -4.06 10.99
C VAL C 206 -17.55 -4.52 9.61
N ASP C 207 -17.51 -5.82 9.40
CA ASP C 207 -17.78 -6.47 8.12
C ASP C 207 -17.80 -7.97 8.35
N THR C 208 -18.15 -8.75 7.36
CA THR C 208 -17.99 -10.21 7.46
C THR C 208 -16.87 -10.66 6.55
N PHE C 209 -16.53 -11.94 6.67
CA PHE C 209 -15.41 -12.54 5.96
C PHE C 209 -15.51 -14.05 5.87
N ASP C 210 -14.83 -14.63 4.90
CA ASP C 210 -14.72 -16.07 4.78
C ASP C 210 -13.83 -16.61 5.91
N ILE C 211 -14.24 -17.69 6.54
CA ILE C 211 -13.46 -18.31 7.64
C ILE C 211 -12.06 -18.78 7.27
N ARG C 212 -11.76 -18.93 5.98
CA ARG C 212 -10.45 -19.38 5.54
C ARG C 212 -9.34 -18.36 5.81
N ILE C 213 -9.68 -17.10 6.07
CA ILE C 213 -8.69 -16.10 6.49
C ILE C 213 -8.13 -16.32 7.91
N LEU C 214 -8.82 -17.12 8.72
CA LEU C 214 -8.40 -17.36 10.10
C LEU C 214 -7.24 -18.30 10.18
N MET C 215 -6.25 -17.97 10.99
CA MET C 215 -4.97 -18.69 11.00
C MET C 215 -4.75 -19.59 12.24
N ALA C 216 -5.69 -19.61 13.17
CA ALA C 216 -5.70 -20.49 14.31
C ALA C 216 -7.13 -20.66 14.83
N LYS C 217 -7.34 -21.64 15.67
CA LYS C 217 -8.59 -21.81 16.36
C LYS C 217 -8.82 -20.63 17.30
N SER C 218 -10.08 -20.17 17.44
CA SER C 218 -10.39 -19.08 18.32
C SER C 218 -10.15 -19.35 19.80
N VAL C 219 -9.84 -18.31 20.56
CA VAL C 219 -9.79 -18.32 22.00
C VAL C 219 -11.11 -17.67 22.49
N LYS C 220 -11.61 -18.17 23.61
CA LYS C 220 -12.92 -17.82 24.16
C LYS C 220 -12.73 -17.13 25.51
N TYR C 221 -13.36 -16.00 25.74
CA TYR C 221 -13.42 -15.31 27.02
C TYR C 221 -14.91 -15.17 27.43
N THR C 222 -15.26 -15.66 28.62
CA THR C 222 -16.66 -15.80 29.06
C THR C 222 -17.03 -14.84 30.17
N VAL C 223 -18.11 -14.11 30.01
CA VAL C 223 -18.67 -13.27 31.04
C VAL C 223 -19.99 -13.91 31.49
N ASN C 224 -20.08 -14.23 32.78
CA ASN C 224 -21.26 -14.79 33.33
C ASN C 224 -22.11 -13.66 33.94
N PHE C 225 -23.27 -13.41 33.35
CA PHE C 225 -24.08 -12.23 33.75
C PHE C 225 -24.81 -12.44 35.10
N LEU C 226 -24.97 -13.70 35.52
CA LEU C 226 -25.51 -13.98 36.84
C LEU C 226 -24.53 -13.61 37.96
N GLU C 227 -23.22 -13.67 37.70
CA GLU C 227 -22.23 -13.47 38.73
C GLU C 227 -21.46 -12.15 38.59
N ALA C 228 -21.33 -11.59 37.38
CA ALA C 228 -20.53 -10.37 37.21
C ALA C 228 -21.19 -9.15 37.87
N LYS C 229 -20.38 -8.23 38.32
CA LYS C 229 -20.82 -6.94 38.89
C LYS C 229 -20.50 -5.88 37.82
N GLU C 230 -21.23 -4.78 37.83
CA GLU C 230 -20.99 -3.66 36.91
C GLU C 230 -19.54 -3.27 36.78
N GLY C 231 -18.89 -3.13 37.95
CA GLY C 231 -17.51 -2.69 37.99
C GLY C 231 -16.55 -3.61 37.30
N ASP C 232 -16.91 -4.88 37.16
CA ASP C 232 -16.07 -5.83 36.41
C ASP C 232 -15.89 -5.43 34.94
N LEU C 233 -16.79 -4.62 34.38
CA LEU C 233 -16.73 -4.22 32.99
C LEU C 233 -16.05 -2.91 32.69
N HIS C 234 -15.52 -2.24 33.73
CA HIS C 234 -14.72 -1.03 33.54
C HIS C 234 -13.37 -1.36 32.92
N ARG C 235 -12.81 -2.52 33.28
CA ARG C 235 -11.51 -2.95 32.76
C ARG C 235 -11.57 -4.42 32.42
N ILE C 236 -11.45 -4.79 31.15
CA ILE C 236 -11.61 -6.16 30.72
C ILE C 236 -10.31 -6.65 30.10
N GLU C 237 -9.66 -7.61 30.75
CA GLU C 237 -8.35 -8.08 30.32
C GLU C 237 -8.46 -9.48 29.73
N ILE C 238 -8.22 -9.63 28.46
CA ILE C 238 -8.38 -10.89 27.74
C ILE C 238 -7.01 -11.42 27.26
N PRO C 239 -6.41 -12.34 28.03
CA PRO C 239 -5.19 -12.94 27.59
C PRO C 239 -5.45 -13.97 26.47
N PHE C 240 -4.45 -14.15 25.59
CA PHE C 240 -4.57 -15.12 24.51
C PHE C 240 -3.25 -15.79 24.18
N LYS C 241 -3.35 -17.08 23.82
CA LYS C 241 -2.26 -17.87 23.31
C LYS C 241 -2.79 -18.68 22.10
N PHE C 242 -2.45 -18.27 20.87
CA PHE C 242 -2.88 -19.00 19.68
C PHE C 242 -1.79 -19.98 19.20
N HIS C 243 -2.17 -21.20 18.89
CA HIS C 243 -1.30 -22.12 18.17
C HIS C 243 -1.58 -22.00 16.66
N MET C 244 -0.63 -21.43 15.95
CA MET C 244 -0.81 -21.09 14.52
C MET C 244 -0.93 -22.33 13.66
N LEU C 245 -2.01 -22.42 12.88
CA LEU C 245 -2.27 -23.54 11.99
C LEU C 245 -1.78 -23.31 10.57
N HIS C 246 -1.55 -22.05 10.19
CA HIS C 246 -1.08 -21.72 8.82
C HIS C 246 0.05 -20.73 8.93
N SER C 247 0.97 -20.77 7.96
CA SER C 247 2.08 -19.81 7.88
C SER C 247 1.64 -18.59 7.07
N GLY C 248 2.01 -17.40 7.49
CA GLY C 248 1.68 -16.20 6.74
C GLY C 248 1.80 -14.94 7.58
N LEU C 249 1.36 -13.83 6.99
CA LEU C 249 1.33 -12.54 7.61
C LEU C 249 -0.02 -12.44 8.37
N VAL C 250 0.08 -12.17 9.69
CA VAL C 250 -1.07 -11.91 10.54
C VAL C 250 -1.30 -10.41 10.47
N HIS C 251 -2.44 -10.02 9.90
CA HIS C 251 -2.78 -8.63 9.75
C HIS C 251 -3.60 -8.08 10.92
N GLY C 252 -4.07 -8.96 11.82
CA GLY C 252 -4.81 -8.54 12.99
C GLY C 252 -5.59 -9.63 13.72
N LEU C 253 -6.49 -9.23 14.61
CA LEU C 253 -7.38 -10.14 15.30
C LEU C 253 -8.82 -9.86 14.91
N ALA C 254 -9.59 -10.95 14.72
CA ALA C 254 -11.02 -10.90 14.43
C ALA C 254 -11.76 -11.28 15.69
N PHE C 255 -12.89 -10.63 15.93
CA PHE C 255 -13.69 -10.79 17.11
C PHE C 255 -15.14 -11.05 16.75
N TRP C 256 -15.77 -11.94 17.51
CA TRP C 256 -17.21 -12.12 17.45
C TRP C 256 -17.69 -12.59 18.82
N PHE C 257 -19.00 -12.78 18.94
CA PHE C 257 -19.56 -13.22 20.23
C PHE C 257 -20.80 -14.09 20.11
N ASP C 258 -20.96 -14.95 21.10
CA ASP C 258 -22.15 -15.79 21.31
C ASP C 258 -22.74 -15.44 22.66
N VAL C 259 -24.06 -15.46 22.74
CA VAL C 259 -24.75 -15.40 24.07
C VAL C 259 -25.61 -16.66 24.22
N ALA C 260 -25.73 -17.10 25.45
CA ALA C 260 -26.54 -18.30 25.76
C ALA C 260 -27.64 -17.90 26.73
N PHE C 261 -28.85 -18.36 26.42
CA PHE C 261 -29.99 -18.19 27.27
C PHE C 261 -30.14 -19.57 27.96
N ILE C 262 -29.72 -19.64 29.23
CA ILE C 262 -29.67 -20.92 29.97
C ILE C 262 -30.94 -21.05 30.75
N GLY C 263 -31.96 -21.67 30.13
CA GLY C 263 -33.28 -21.82 30.77
C GLY C 263 -33.44 -23.14 31.46
N SER C 264 -34.58 -23.29 32.14
CA SER C 264 -34.92 -24.54 32.85
C SER C 264 -35.20 -25.68 31.87
N ILE C 265 -35.71 -25.40 30.66
CA ILE C 265 -36.05 -26.45 29.70
C ILE C 265 -34.87 -26.71 28.79
N MET C 266 -34.28 -25.66 28.24
CA MET C 266 -33.11 -25.83 27.35
C MET C 266 -32.25 -24.56 27.26
N THR C 267 -31.06 -24.75 26.73
CA THR C 267 -30.11 -23.71 26.49
C THR C 267 -30.15 -23.33 25.03
N VAL C 268 -30.44 -22.06 24.75
CA VAL C 268 -30.50 -21.56 23.35
C VAL C 268 -29.38 -20.54 23.16
N TRP C 269 -28.68 -20.69 22.04
CA TRP C 269 -27.53 -19.90 21.67
C TRP C 269 -27.88 -18.94 20.52
N LEU C 270 -27.45 -17.69 20.67
CA LEU C 270 -27.44 -16.71 19.60
C LEU C 270 -25.98 -16.42 19.26
N SER C 271 -25.54 -16.82 18.08
CA SER C 271 -24.15 -16.70 17.65
C SER C 271 -23.96 -15.67 16.52
N THR C 272 -22.90 -14.87 16.63
CA THR C 272 -22.50 -13.95 15.58
C THR C 272 -21.19 -14.41 14.87
N ALA C 273 -20.86 -15.69 14.99
CA ALA C 273 -19.70 -16.27 14.39
C ALA C 273 -19.74 -16.24 12.86
N PRO C 274 -18.59 -16.18 12.21
CA PRO C 274 -18.51 -16.20 10.76
C PRO C 274 -18.87 -17.55 10.12
N THR C 275 -18.97 -18.61 10.93
CA THR C 275 -19.54 -19.91 10.50
C THR C 275 -21.06 -19.97 10.52
N GLU C 276 -21.73 -18.95 11.05
CA GLU C 276 -23.16 -18.95 11.25
C GLU C 276 -23.82 -17.88 10.40
N PRO C 277 -25.17 -17.92 10.29
CA PRO C 277 -25.79 -16.94 9.37
C PRO C 277 -25.56 -15.50 9.86
N LEU C 278 -25.43 -14.61 8.92
CA LEU C 278 -25.10 -13.23 9.19
C LEU C 278 -26.17 -12.51 10.05
N THR C 279 -25.72 -11.65 10.99
CA THR C 279 -26.54 -10.77 11.79
C THR C 279 -26.08 -9.34 11.55
N HIS C 280 -26.82 -8.37 12.02
CA HIS C 280 -26.48 -6.98 11.91
C HIS C 280 -25.30 -6.56 12.86
N TRP C 281 -24.81 -7.47 13.71
CA TRP C 281 -23.53 -7.23 14.40
C TRP C 281 -22.30 -7.58 13.55
N TYR C 282 -22.51 -8.31 12.46
CA TYR C 282 -21.43 -8.76 11.59
C TYR C 282 -20.33 -9.42 12.40
N GLN C 283 -19.08 -9.15 12.09
CA GLN C 283 -17.93 -9.43 12.92
C GLN C 283 -17.04 -8.18 12.95
N VAL C 284 -16.04 -8.17 13.81
CA VAL C 284 -15.17 -7.01 13.97
C VAL C 284 -13.68 -7.41 13.87
N ARG C 285 -12.93 -6.64 13.08
CA ARG C 285 -11.49 -6.86 12.94
C ARG C 285 -10.69 -5.66 13.36
N CYS C 286 -9.67 -5.89 14.17
CA CYS C 286 -8.71 -4.87 14.56
C CYS C 286 -7.40 -5.15 13.83
N LEU C 287 -6.98 -4.21 12.96
CA LEU C 287 -5.79 -4.35 12.18
C LEU C 287 -4.57 -3.99 12.98
N PHE C 288 -3.44 -4.68 12.69
CA PHE C 288 -2.13 -4.27 13.21
C PHE C 288 -1.54 -3.32 12.19
N GLN C 289 -0.89 -2.28 12.65
CA GLN C 289 -0.27 -1.27 11.78
C GLN C 289 0.96 -1.82 11.04
N SER C 290 1.66 -2.75 11.70
CA SER C 290 2.65 -3.58 10.99
C SER C 290 2.26 -5.03 11.25
N PRO C 291 1.96 -5.79 10.20
CA PRO C 291 1.62 -7.17 10.35
C PRO C 291 2.80 -8.02 10.86
N LEU C 292 2.52 -9.19 11.42
CA LEU C 292 3.51 -10.05 12.01
C LEU C 292 3.56 -11.37 11.25
N PHE C 293 4.77 -11.81 10.91
CA PHE C 293 4.96 -13.10 10.31
C PHE C 293 4.95 -14.21 11.34
N ALA C 294 4.20 -15.27 11.07
CA ALA C 294 4.28 -16.49 11.86
C ALA C 294 4.24 -17.72 10.97
N LYS C 295 4.98 -18.77 11.38
CA LYS C 295 4.95 -20.05 10.70
C LYS C 295 3.96 -20.94 11.43
N ALA C 296 3.38 -21.91 10.72
CA ALA C 296 2.56 -22.91 11.34
C ALA C 296 3.37 -23.58 12.45
N GLY C 297 2.71 -23.80 13.61
CA GLY C 297 3.42 -24.32 14.80
C GLY C 297 3.92 -23.28 15.79
N ASP C 298 4.05 -22.01 15.37
CA ASP C 298 4.38 -20.95 16.28
C ASP C 298 3.22 -20.60 17.24
N THR C 299 3.54 -19.80 18.26
CA THR C 299 2.56 -19.33 19.18
C THR C 299 2.50 -17.82 19.10
N LEU C 300 1.25 -17.30 18.96
CA LEU C 300 1.02 -15.87 19.04
C LEU C 300 0.31 -15.61 20.38
N SER C 301 0.94 -14.81 21.22
CA SER C 301 0.46 -14.53 22.56
C SER C 301 0.39 -13.05 22.85
N GLY C 302 -0.42 -12.69 23.85
CA GLY C 302 -0.55 -11.33 24.32
C GLY C 302 -1.88 -11.07 25.00
N THR C 303 -2.32 -9.82 24.92
CA THR C 303 -3.45 -9.34 25.67
C THR C 303 -4.31 -8.39 24.85
N CYS C 304 -5.63 -8.56 24.97
CA CYS C 304 -6.54 -7.56 24.52
C CYS C 304 -7.12 -6.91 25.81
N LEU C 305 -6.93 -5.59 25.95
CA LEU C 305 -7.33 -4.85 27.16
C LEU C 305 -8.36 -3.81 26.77
N LEU C 306 -9.55 -3.90 27.36
CA LEU C 306 -10.60 -2.95 27.05
C LEU C 306 -10.80 -2.06 28.30
N ILE C 307 -10.69 -0.74 28.10
CA ILE C 307 -10.86 0.25 29.19
C ILE C 307 -12.07 1.13 28.89
N ALA C 308 -13.07 1.06 29.76
CA ALA C 308 -14.34 1.78 29.57
C ALA C 308 -14.12 3.28 29.61
N ASN C 309 -14.71 4.01 28.67
CA ASN C 309 -14.62 5.51 28.71
C ASN C 309 -16.04 6.08 28.91
N LYS C 310 -16.09 7.37 29.14
CA LYS C 310 -17.41 8.03 29.36
C LYS C 310 -18.22 8.34 28.09
N ARG C 311 -17.76 7.91 26.93
CA ARG C 311 -18.49 8.01 25.67
C ARG C 311 -19.24 6.72 25.35
N GLN C 312 -19.53 5.94 26.38
CA GLN C 312 -20.26 4.67 26.27
C GLN C 312 -19.54 3.69 25.35
N SER C 313 -18.22 3.71 25.38
CA SER C 313 -17.45 2.77 24.57
C SER C 313 -16.17 2.38 25.30
N TYR C 314 -15.22 1.86 24.54
CA TYR C 314 -13.97 1.39 25.09
C TYR C 314 -12.78 1.86 24.29
N ASP C 315 -11.71 2.17 25.01
CA ASP C 315 -10.36 2.29 24.42
C ASP C 315 -9.74 0.90 24.48
N ILE C 316 -9.30 0.37 23.35
CA ILE C 316 -8.85 -0.99 23.27
C ILE C 316 -7.35 -0.99 23.03
N SER C 317 -6.64 -1.76 23.83
CA SER C 317 -5.23 -1.96 23.61
C SER C 317 -5.01 -3.46 23.27
N ILE C 318 -4.33 -3.69 22.15
CA ILE C 318 -3.96 -5.03 21.74
C ILE C 318 -2.46 -5.16 21.59
N VAL C 319 -1.89 -6.09 22.33
CA VAL C 319 -0.46 -6.36 22.28
C VAL C 319 -0.35 -7.84 21.89
N ALA C 320 0.43 -8.09 20.83
CA ALA C 320 0.61 -9.46 20.33
C ALA C 320 2.06 -9.69 20.00
N GLN C 321 2.54 -10.90 20.26
CA GLN C 321 3.89 -11.27 19.91
C GLN C 321 3.95 -12.70 19.41
N VAL C 322 4.87 -12.95 18.47
CA VAL C 322 5.19 -14.30 18.05
C VAL C 322 6.28 -14.77 19.01
N ASP C 323 5.97 -15.76 19.83
CA ASP C 323 6.90 -16.15 20.91
C ASP C 323 8.23 -16.65 20.40
N GLN C 324 8.23 -17.36 19.26
CA GLN C 324 9.49 -17.96 18.74
C GLN C 324 10.49 -16.92 18.21
N THR C 325 10.05 -15.74 17.77
CA THR C 325 10.96 -14.70 17.23
C THR C 325 11.05 -13.41 18.01
N GLY C 326 10.15 -13.21 18.99
CA GLY C 326 10.03 -11.92 19.71
C GLY C 326 9.44 -10.75 18.91
N SER C 327 8.88 -11.01 17.72
CA SER C 327 8.26 -9.97 16.91
C SER C 327 6.92 -9.52 17.55
N LYS C 328 6.79 -8.21 17.78
CA LYS C 328 5.73 -7.58 18.57
C LYS C 328 4.93 -6.57 17.74
N SER C 329 3.62 -6.57 17.95
CA SER C 329 2.77 -5.46 17.51
C SER C 329 1.89 -4.99 18.68
N SER C 330 1.83 -3.67 18.82
CA SER C 330 1.09 -2.97 19.91
C SER C 330 0.18 -1.98 19.25
N ASN C 331 -1.12 -2.03 19.55
CA ASN C 331 -2.13 -1.29 18.80
C ASN C 331 -3.16 -0.71 19.75
N LEU C 332 -3.69 0.41 19.35
CA LEU C 332 -4.75 1.12 20.09
C LEU C 332 -5.91 1.25 19.19
N LEU C 333 -7.10 0.90 19.65
CA LEU C 333 -8.29 1.10 18.87
C LEU C 333 -9.35 1.84 19.62
N ASP C 334 -10.18 2.49 18.85
CA ASP C 334 -11.17 3.43 19.37
C ASP C 334 -12.49 2.88 18.87
N LEU C 335 -13.15 2.14 19.81
CA LEU C 335 -14.34 1.42 19.44
C LEU C 335 -15.54 2.32 19.12
N LYS C 336 -15.47 3.58 19.48
CA LYS C 336 -16.49 4.56 19.16
C LYS C 336 -16.57 4.96 17.68
N ASN C 337 -15.52 4.77 16.92
CA ASN C 337 -15.45 5.21 15.49
C ASN C 337 -15.09 4.04 14.54
N PRO C 338 -15.97 3.05 14.44
CA PRO C 338 -15.73 1.91 13.53
C PRO C 338 -15.85 2.22 12.11
N PHE C 339 -15.20 1.45 11.25
CA PHE C 339 -15.35 1.57 9.80
C PHE C 339 -16.31 0.48 9.35
N PHE C 340 -17.49 0.89 8.89
CA PHE C 340 -18.54 -0.03 8.42
C PHE C 340 -18.27 -0.34 6.99
N ARG C 341 -17.56 -1.44 6.76
CA ARG C 341 -17.03 -1.75 5.42
C ARG C 341 -18.03 -2.50 4.55
N TYR C 342 -18.95 -3.24 5.17
CA TYR C 342 -20.13 -3.81 4.46
C TYR C 342 -20.97 -2.75 3.64
N SER D 1 41.89 7.43 -23.36
CA SER D 1 40.92 7.66 -24.47
C SER D 1 39.65 8.34 -23.93
N VAL D 2 38.79 8.72 -24.85
CA VAL D 2 37.47 9.26 -24.51
C VAL D 2 36.65 8.21 -23.76
N PHE D 3 36.82 6.92 -24.08
CA PHE D 3 36.07 5.85 -23.38
C PHE D 3 36.53 5.68 -21.92
N SER D 4 37.85 5.54 -21.72
CA SER D 4 38.39 5.33 -20.37
C SER D 4 38.12 6.55 -19.44
N GLU D 5 38.16 7.76 -19.99
CA GLU D 5 37.92 8.98 -19.21
C GLU D 5 36.46 9.14 -18.73
N ARG D 6 35.49 8.60 -19.51
CA ARG D 6 34.08 8.68 -19.15
C ARG D 6 33.57 7.41 -18.36
N THR D 7 34.43 6.41 -18.15
CA THR D 7 33.98 5.12 -17.65
C THR D 7 34.89 4.60 -16.52
N GLU D 8 34.29 4.28 -15.38
CA GLU D 8 35.01 3.56 -14.32
C GLU D 8 35.45 2.20 -14.82
N GLU D 9 36.72 1.84 -14.57
CA GLU D 9 37.28 0.56 -15.00
C GLU D 9 36.41 -0.63 -14.53
N SER D 10 35.92 -0.56 -13.29
CA SER D 10 35.06 -1.57 -12.72
C SER D 10 33.78 -1.88 -13.58
N SER D 11 33.16 -0.82 -14.08
CA SER D 11 31.96 -0.91 -14.89
C SER D 11 32.31 -1.48 -16.30
N ALA D 12 33.42 -1.00 -16.89
CA ALA D 12 33.89 -1.46 -18.21
C ALA D 12 34.18 -2.96 -18.23
N VAL D 13 34.84 -3.46 -17.18
CA VAL D 13 35.20 -4.88 -17.08
C VAL D 13 33.94 -5.72 -17.09
N GLN D 14 33.02 -5.43 -16.16
CA GLN D 14 31.72 -6.12 -16.09
C GLN D 14 30.93 -6.07 -17.41
N TYR D 15 30.88 -4.88 -18.02
CA TYR D 15 30.17 -4.61 -19.30
C TYR D 15 30.73 -5.49 -20.45
N PHE D 16 32.04 -5.44 -20.68
CA PHE D 16 32.65 -6.23 -21.76
C PHE D 16 32.69 -7.74 -21.46
N GLN D 17 32.77 -8.13 -20.19
CA GLN D 17 32.64 -9.56 -19.82
C GLN D 17 31.23 -10.07 -20.17
N PHE D 18 30.18 -9.28 -19.87
CA PHE D 18 28.81 -9.61 -20.17
C PHE D 18 28.57 -9.85 -21.69
N TYR D 19 29.08 -8.94 -22.53
CA TYR D 19 28.94 -9.12 -23.98
C TYR D 19 29.89 -10.18 -24.63
N GLY D 20 30.85 -10.66 -23.84
CA GLY D 20 31.70 -11.80 -24.22
C GLY D 20 31.00 -13.18 -24.24
N TYR D 21 29.82 -13.30 -23.63
CA TYR D 21 29.10 -14.57 -23.61
C TYR D 21 28.27 -14.80 -24.90
N LEU D 22 28.46 -15.95 -25.50
CA LEU D 22 27.63 -16.37 -26.62
C LEU D 22 26.16 -16.45 -26.26
N SER D 23 25.85 -16.84 -25.01
CA SER D 23 24.44 -16.86 -24.58
C SER D 23 23.77 -15.50 -24.68
N GLN D 24 24.52 -14.46 -24.39
CA GLN D 24 23.99 -13.12 -24.47
C GLN D 24 23.81 -12.64 -25.93
N GLN D 25 24.77 -12.94 -26.77
CA GLN D 25 24.66 -12.68 -28.24
C GLN D 25 23.42 -13.41 -28.79
N GLN D 26 23.26 -14.67 -28.40
CA GLN D 26 22.10 -15.47 -28.78
C GLN D 26 20.77 -14.85 -28.35
N ASN D 27 20.70 -14.43 -27.10
CA ASN D 27 19.47 -13.81 -26.57
C ASN D 27 19.09 -12.62 -27.43
N MET D 28 20.06 -11.83 -27.84
CA MET D 28 19.79 -10.63 -28.65
C MET D 28 19.42 -11.01 -30.09
N MET D 29 20.15 -11.97 -30.69
CA MET D 29 19.84 -12.40 -32.03
C MET D 29 18.43 -13.01 -32.13
N GLN D 30 17.99 -13.71 -31.09
CA GLN D 30 16.66 -14.36 -31.07
C GLN D 30 15.48 -13.37 -30.92
N ASP D 31 15.72 -12.11 -30.64
CA ASP D 31 14.71 -11.08 -30.75
C ASP D 31 14.43 -10.84 -32.23
N TYR D 32 13.42 -11.46 -32.79
CA TYR D 32 13.20 -11.46 -34.23
C TYR D 32 12.85 -10.06 -34.76
N VAL D 33 12.09 -9.28 -34.01
CA VAL D 33 11.76 -7.93 -34.42
C VAL D 33 13.02 -7.08 -34.64
N ARG D 34 13.95 -7.19 -33.70
N ARG D 34 14.03 -7.20 -33.73
CA ARG D 34 15.23 -6.52 -33.80
CA ARG D 34 15.27 -6.42 -33.91
C ARG D 34 16.04 -7.00 -34.98
C ARG D 34 16.13 -6.97 -35.01
N THR D 35 16.31 -8.30 -35.05
CA THR D 35 17.20 -8.87 -36.04
C THR D 35 16.62 -8.71 -37.44
N GLY D 36 15.33 -9.00 -37.57
CA GLY D 36 14.63 -8.93 -38.86
C GLY D 36 14.46 -7.51 -39.38
N THR D 37 14.23 -6.54 -38.48
CA THR D 37 14.12 -5.15 -38.88
C THR D 37 15.48 -4.57 -39.32
N TYR D 38 16.54 -4.90 -38.62
CA TYR D 38 17.91 -4.51 -39.05
C TYR D 38 18.20 -5.09 -40.46
N GLN D 39 17.92 -6.38 -40.66
CA GLN D 39 18.16 -6.99 -41.96
C GLN D 39 17.33 -6.30 -43.10
N ARG D 40 16.06 -6.04 -42.81
CA ARG D 40 15.19 -5.38 -43.76
C ARG D 40 15.71 -3.94 -44.08
N ALA D 41 16.09 -3.17 -43.05
CA ALA D 41 16.63 -1.83 -43.23
C ALA D 41 17.87 -1.81 -44.14
N ILE D 42 18.74 -2.78 -43.95
CA ILE D 42 19.96 -2.88 -44.73
C ILE D 42 19.72 -3.41 -46.14
N LEU D 43 19.04 -4.54 -46.26
CA LEU D 43 18.80 -5.15 -47.59
C LEU D 43 17.85 -4.33 -48.49
N GLN D 44 16.81 -3.72 -47.93
CA GLN D 44 15.94 -2.85 -48.71
C GLN D 44 16.58 -1.54 -49.12
N ASN D 45 17.67 -1.16 -48.45
CA ASN D 45 18.50 0.00 -48.81
C ASN D 45 19.87 -0.46 -49.33
N HIS D 46 19.84 -1.47 -50.22
CA HIS D 46 21.06 -2.09 -50.76
C HIS D 46 22.03 -1.12 -51.46
N THR D 47 21.47 -0.09 -52.10
CA THR D 47 22.25 0.98 -52.74
C THR D 47 23.09 1.81 -51.74
N ASP D 48 22.70 1.86 -50.46
CA ASP D 48 23.53 2.51 -49.44
C ASP D 48 24.73 1.67 -49.00
N PHE D 49 24.75 0.41 -49.43
CA PHE D 49 25.85 -0.52 -49.14
C PHE D 49 26.64 -1.00 -50.34
N LYS D 50 26.02 -1.15 -51.52
CA LYS D 50 26.68 -1.73 -52.69
C LYS D 50 28.02 -1.02 -53.01
N ASP D 51 29.10 -1.76 -53.01
CA ASP D 51 30.47 -1.24 -53.28
C ASP D 51 30.94 -0.14 -52.33
N LYS D 52 30.39 -0.10 -51.13
CA LYS D 52 30.75 0.94 -50.15
C LYS D 52 31.65 0.38 -49.06
N ILE D 53 32.25 1.28 -48.33
CA ILE D 53 33.06 0.99 -47.16
C ILE D 53 32.17 1.26 -45.92
N VAL D 54 32.12 0.28 -45.02
CA VAL D 54 31.27 0.28 -43.87
C VAL D 54 32.06 0.10 -42.57
N LEU D 55 31.62 0.79 -41.53
CA LEU D 55 32.07 0.59 -40.17
C LEU D 55 30.93 0.03 -39.33
N ASP D 56 31.18 -1.11 -38.67
CA ASP D 56 30.20 -1.75 -37.73
C ASP D 56 30.74 -1.52 -36.30
N VAL D 57 30.10 -0.60 -35.56
CA VAL D 57 30.57 -0.24 -34.23
C VAL D 57 29.96 -1.20 -33.19
N GLY D 58 30.80 -2.06 -32.63
CA GLY D 58 30.38 -2.99 -31.62
C GLY D 58 29.66 -4.17 -32.26
N CYS D 59 30.39 -4.88 -33.12
CA CYS D 59 29.79 -5.84 -34.04
C CYS D 59 29.29 -7.13 -33.36
N GLY D 60 29.82 -7.42 -32.17
CA GLY D 60 29.41 -8.63 -31.43
C GLY D 60 29.77 -9.87 -32.23
N SER D 61 28.80 -10.73 -32.42
CA SER D 61 28.93 -11.95 -33.25
C SER D 61 29.19 -11.63 -34.74
N GLY D 62 28.86 -10.41 -35.20
CA GLY D 62 29.11 -9.95 -36.53
C GLY D 62 27.89 -9.83 -37.44
N ILE D 63 26.71 -10.13 -36.89
CA ILE D 63 25.50 -10.28 -37.67
C ILE D 63 25.22 -9.11 -38.65
N LEU D 64 25.37 -7.88 -38.19
CA LEU D 64 25.05 -6.70 -39.04
C LEU D 64 26.07 -6.53 -40.15
N SER D 65 27.32 -6.90 -39.89
CA SER D 65 28.34 -6.87 -40.92
C SER D 65 28.02 -7.89 -42.02
N PHE D 66 27.51 -9.05 -41.65
CA PHE D 66 27.02 -10.02 -42.65
C PHE D 66 25.87 -9.49 -43.46
N PHE D 67 24.93 -8.76 -42.83
CA PHE D 67 23.89 -8.10 -43.58
C PHE D 67 24.45 -7.08 -44.58
N ALA D 68 25.46 -6.32 -44.17
CA ALA D 68 26.10 -5.34 -45.04
C ALA D 68 26.77 -6.02 -46.22
N ALA D 69 27.38 -7.19 -45.97
CA ALA D 69 27.99 -8.00 -47.03
C ALA D 69 26.95 -8.59 -47.98
N GLN D 70 25.85 -9.12 -47.46
CA GLN D 70 24.74 -9.58 -48.29
C GLN D 70 24.24 -8.46 -49.25
N ALA D 71 24.27 -7.23 -48.79
CA ALA D 71 23.82 -6.06 -49.58
C ALA D 71 24.86 -5.51 -50.55
N GLY D 72 26.07 -6.09 -50.55
CA GLY D 72 27.08 -5.78 -51.55
C GLY D 72 28.24 -4.86 -51.11
N ALA D 73 28.41 -4.63 -49.80
CA ALA D 73 29.52 -3.78 -49.35
C ALA D 73 30.84 -4.34 -49.86
N ARG D 74 31.75 -3.43 -50.21
CA ARG D 74 33.09 -3.82 -50.69
C ARG D 74 34.00 -4.17 -49.52
N LYS D 75 33.92 -3.39 -48.43
CA LYS D 75 34.69 -3.64 -47.25
C LYS D 75 33.95 -3.18 -46.02
N ILE D 76 34.01 -4.00 -44.97
CA ILE D 76 33.38 -3.71 -43.68
C ILE D 76 34.39 -3.88 -42.59
N TYR D 77 34.69 -2.81 -41.87
CA TYR D 77 35.51 -2.90 -40.66
C TYR D 77 34.56 -3.10 -39.45
N ALA D 78 34.75 -4.23 -38.75
CA ALA D 78 33.89 -4.64 -37.69
C ALA D 78 34.64 -4.53 -36.37
N VAL D 79 34.32 -3.47 -35.59
CA VAL D 79 35.03 -3.17 -34.37
C VAL D 79 34.29 -3.77 -33.16
N GLU D 80 35.05 -4.46 -32.30
CA GLU D 80 34.47 -5.12 -31.12
C GLU D 80 35.50 -5.21 -30.03
N ALA D 81 35.16 -4.74 -28.82
CA ALA D 81 36.11 -4.65 -27.68
C ALA D 81 36.07 -5.86 -26.77
N SER D 82 34.96 -6.60 -26.71
CA SER D 82 34.92 -7.84 -25.94
C SER D 82 35.62 -8.99 -26.66
N THR D 83 35.80 -10.10 -25.94
CA THR D 83 36.39 -11.32 -26.48
C THR D 83 35.49 -11.95 -27.59
N MET D 84 34.26 -11.48 -27.74
CA MET D 84 33.41 -11.84 -28.86
C MET D 84 34.05 -11.60 -30.24
N ALA D 85 35.02 -10.69 -30.32
CA ALA D 85 35.74 -10.44 -31.59
C ALA D 85 36.35 -11.71 -32.21
N GLN D 86 36.85 -12.62 -31.37
CA GLN D 86 37.42 -13.88 -31.83
C GLN D 86 36.34 -14.80 -32.48
N HIS D 87 35.15 -14.85 -31.87
CA HIS D 87 34.06 -15.65 -32.37
C HIS D 87 33.57 -15.06 -33.68
N ALA D 88 33.48 -13.72 -33.77
CA ALA D 88 33.14 -13.05 -35.04
C ALA D 88 34.11 -13.45 -36.18
N GLU D 89 35.42 -13.46 -35.88
CA GLU D 89 36.42 -13.83 -36.88
C GLU D 89 36.22 -15.30 -37.38
N VAL D 90 35.94 -16.22 -36.46
CA VAL D 90 35.61 -17.58 -36.82
C VAL D 90 34.41 -17.62 -37.79
N LEU D 91 33.37 -16.85 -37.56
CA LEU D 91 32.25 -16.81 -38.49
C LEU D 91 32.55 -16.21 -39.83
N VAL D 92 33.40 -15.19 -39.84
CA VAL D 92 33.81 -14.56 -41.09
C VAL D 92 34.55 -15.62 -41.99
N LYS D 93 35.43 -16.41 -41.39
CA LYS D 93 36.14 -17.44 -42.13
C LYS D 93 35.19 -18.55 -42.58
N SER D 94 34.34 -19.06 -41.70
CA SER D 94 33.45 -20.15 -42.08
C SER D 94 32.37 -19.78 -43.09
N ASN D 95 32.05 -18.51 -43.23
CA ASN D 95 31.12 -18.03 -44.29
C ASN D 95 31.83 -17.46 -45.51
N ASN D 96 33.16 -17.68 -45.62
CA ASN D 96 33.95 -17.28 -46.79
C ASN D 96 33.82 -15.82 -47.17
N LEU D 97 33.95 -14.94 -46.16
CA LEU D 97 33.81 -13.50 -46.33
C LEU D 97 35.04 -12.73 -45.84
N THR D 98 36.20 -13.40 -45.81
CA THR D 98 37.46 -12.79 -45.40
C THR D 98 37.90 -11.69 -46.34
N ASP D 99 37.47 -11.71 -47.60
CA ASP D 99 37.75 -10.62 -48.54
C ASP D 99 36.91 -9.36 -48.30
N ARG D 100 35.87 -9.43 -47.46
CA ARG D 100 34.97 -8.28 -47.28
C ARG D 100 34.75 -7.80 -45.85
N ILE D 101 34.83 -8.68 -44.84
CA ILE D 101 34.69 -8.27 -43.45
C ILE D 101 36.00 -8.42 -42.69
N VAL D 102 36.46 -7.34 -42.12
CA VAL D 102 37.71 -7.28 -41.39
C VAL D 102 37.39 -6.92 -39.94
N VAL D 103 37.57 -7.87 -39.04
CA VAL D 103 37.39 -7.66 -37.64
C VAL D 103 38.61 -6.92 -37.07
N ILE D 104 38.32 -5.87 -36.31
CA ILE D 104 39.31 -5.04 -35.62
C ILE D 104 39.07 -5.10 -34.10
N PRO D 105 39.88 -5.83 -33.35
CA PRO D 105 39.63 -5.93 -31.91
C PRO D 105 39.96 -4.60 -31.19
N GLY D 106 39.11 -4.18 -30.26
CA GLY D 106 39.36 -3.05 -29.41
C GLY D 106 38.19 -2.09 -29.36
N LYS D 107 38.38 -0.99 -28.63
CA LYS D 107 37.36 0.04 -28.47
C LYS D 107 37.41 0.98 -29.66
N VAL D 108 36.24 1.38 -30.18
CA VAL D 108 36.19 2.29 -31.34
C VAL D 108 36.87 3.65 -31.05
N GLU D 109 36.95 4.02 -29.76
CA GLU D 109 37.70 5.17 -29.31
C GLU D 109 39.23 5.03 -29.30
N GLU D 110 39.75 3.83 -29.48
CA GLU D 110 41.18 3.52 -29.33
C GLU D 110 41.87 2.93 -30.56
N VAL D 111 41.16 2.23 -31.40
CA VAL D 111 41.73 1.59 -32.58
C VAL D 111 42.05 2.59 -33.71
N SER D 112 42.77 2.14 -34.72
CA SER D 112 43.02 2.93 -35.96
C SER D 112 42.41 2.22 -37.14
N LEU D 113 41.69 2.93 -37.99
CA LEU D 113 41.20 2.35 -39.26
C LEU D 113 42.05 2.86 -40.39
N PRO D 114 42.28 2.03 -41.42
CA PRO D 114 43.14 2.47 -42.54
C PRO D 114 42.49 3.48 -43.51
N GLU D 115 41.19 3.58 -43.53
CA GLU D 115 40.48 4.56 -44.36
C GLU D 115 39.19 5.10 -43.67
N GLN D 116 38.63 6.12 -44.25
CA GLN D 116 37.35 6.68 -43.89
C GLN D 116 36.27 5.82 -44.55
N VAL D 117 35.05 5.88 -44.02
CA VAL D 117 33.97 4.99 -44.44
C VAL D 117 32.74 5.77 -44.94
N ASP D 118 31.92 5.09 -45.74
CA ASP D 118 30.73 5.68 -46.33
C ASP D 118 29.53 5.64 -45.41
N ILE D 119 29.48 4.66 -44.52
CA ILE D 119 28.33 4.43 -43.69
C ILE D 119 28.70 3.70 -42.41
N ILE D 120 28.09 4.14 -41.31
CA ILE D 120 28.28 3.48 -40.01
C ILE D 120 27.00 2.76 -39.68
N ILE D 121 27.13 1.50 -39.22
CA ILE D 121 26.05 0.71 -38.66
C ILE D 121 26.33 0.31 -37.22
N SER D 122 25.27 0.18 -36.41
CA SER D 122 25.41 -0.23 -35.02
C SER D 122 24.06 -0.47 -34.41
N GLU D 123 24.07 -1.15 -33.26
CA GLU D 123 22.93 -1.29 -32.40
C GLU D 123 23.27 -0.70 -31.00
N PRO D 124 23.33 0.63 -30.90
CA PRO D 124 23.79 1.26 -29.66
C PRO D 124 22.68 1.53 -28.59
N MET D 125 21.44 1.11 -28.84
CA MET D 125 20.33 1.43 -27.99
C MET D 125 20.27 0.53 -26.78
N GLY D 126 20.15 1.12 -25.59
CA GLY D 126 19.81 0.38 -24.36
C GLY D 126 18.40 0.69 -23.90
N TYR D 127 18.06 0.27 -22.68
CA TYR D 127 16.78 0.66 -22.04
C TYR D 127 16.62 2.14 -22.07
N MET D 128 15.41 2.62 -22.37
CA MET D 128 15.13 4.07 -22.46
C MET D 128 16.01 4.74 -23.50
N LEU D 129 16.45 3.96 -24.52
CA LEU D 129 17.40 4.39 -25.57
C LEU D 129 18.84 4.61 -25.06
N PHE D 130 19.01 5.42 -24.02
CA PHE D 130 20.29 5.93 -23.62
C PHE D 130 21.12 5.03 -22.67
N ASN D 131 20.51 4.07 -22.00
CA ASN D 131 21.27 3.23 -21.05
C ASN D 131 22.43 2.50 -21.73
N GLU D 132 23.54 2.33 -20.99
CA GLU D 132 24.83 1.77 -21.45
C GLU D 132 25.77 2.81 -22.09
N ARG D 133 25.22 4.00 -22.48
CA ARG D 133 26.03 5.10 -23.05
C ARG D 133 26.80 4.67 -24.32
N MET D 134 26.24 3.71 -25.06
CA MET D 134 26.83 3.25 -26.27
C MET D 134 26.58 4.22 -27.40
N LEU D 135 25.55 5.03 -27.31
CA LEU D 135 25.32 6.09 -28.33
C LEU D 135 26.53 7.03 -28.49
N GLU D 136 27.23 7.27 -27.39
CA GLU D 136 28.43 8.08 -27.42
C GLU D 136 29.56 7.46 -28.28
N SER D 137 29.79 6.15 -28.14
CA SER D 137 30.77 5.44 -28.98
C SER D 137 30.35 5.49 -30.45
N TYR D 138 29.05 5.34 -30.71
CA TYR D 138 28.50 5.43 -32.06
C TYR D 138 28.78 6.81 -32.67
N LEU D 139 28.54 7.88 -31.91
CA LEU D 139 28.75 9.23 -32.39
C LEU D 139 30.25 9.55 -32.49
N HIS D 140 31.03 9.09 -31.54
CA HIS D 140 32.49 9.20 -31.57
C HIS D 140 33.06 8.65 -32.88
N ALA D 141 32.47 7.53 -33.38
CA ALA D 141 32.89 6.89 -34.62
C ALA D 141 32.72 7.74 -35.87
N LYS D 142 31.99 8.84 -35.79
CA LYS D 142 31.88 9.81 -36.91
C LYS D 142 33.16 10.47 -37.32
N LYS D 143 34.18 10.43 -36.47
CA LYS D 143 35.55 10.81 -36.91
C LYS D 143 36.03 10.01 -38.10
N TYR D 144 35.49 8.80 -38.29
CA TYR D 144 35.82 7.96 -39.47
C TYR D 144 34.86 8.12 -40.63
N LEU D 145 33.87 8.99 -40.50
CA LEU D 145 32.81 9.09 -41.50
C LEU D 145 33.17 10.14 -42.54
N LYS D 146 33.20 9.76 -43.79
CA LYS D 146 33.38 10.71 -44.91
C LYS D 146 32.28 11.77 -44.87
N PRO D 147 32.59 12.98 -45.36
CA PRO D 147 31.51 13.99 -45.44
C PRO D 147 30.33 13.44 -46.24
N SER D 148 29.12 13.72 -45.76
CA SER D 148 27.92 13.12 -46.42
C SER D 148 27.78 11.58 -46.28
N GLY D 149 28.55 10.93 -45.42
CA GLY D 149 28.26 9.57 -45.04
C GLY D 149 26.98 9.40 -44.26
N ASN D 150 26.43 8.19 -44.23
CA ASN D 150 25.14 7.94 -43.57
C ASN D 150 25.37 7.18 -42.26
N MET D 151 24.31 7.13 -41.44
CA MET D 151 24.32 6.37 -40.17
C MET D 151 23.07 5.54 -40.08
N PHE D 152 23.24 4.27 -39.70
CA PHE D 152 22.16 3.31 -39.60
C PHE D 152 22.19 2.67 -38.20
N PRO D 153 21.33 3.12 -37.28
CA PRO D 153 20.21 4.02 -37.43
C PRO D 153 20.59 5.50 -37.60
N THR D 154 19.69 6.27 -38.19
CA THR D 154 19.92 7.66 -38.51
C THR D 154 19.42 8.59 -37.40
N ILE D 155 18.24 8.31 -36.87
CA ILE D 155 17.67 9.09 -35.78
C ILE D 155 17.08 8.18 -34.71
N GLY D 156 16.90 8.74 -33.52
CA GLY D 156 16.27 8.07 -32.39
C GLY D 156 15.22 9.01 -31.77
N ASP D 157 14.00 8.48 -31.55
CA ASP D 157 12.94 9.20 -30.91
C ASP D 157 12.65 8.54 -29.56
N VAL D 158 12.77 9.31 -28.48
CA VAL D 158 12.29 8.91 -27.16
C VAL D 158 10.87 9.41 -27.00
N HIS D 159 9.99 8.54 -26.55
CA HIS D 159 8.58 8.87 -26.27
C HIS D 159 8.35 8.78 -24.78
N LEU D 160 7.66 9.77 -24.23
CA LEU D 160 7.21 9.75 -22.85
C LEU D 160 5.72 10.04 -22.75
N ALA D 161 5.07 9.39 -21.79
CA ALA D 161 3.65 9.60 -21.53
C ALA D 161 3.31 9.27 -20.08
N PRO D 162 2.41 10.04 -19.46
CA PRO D 162 1.97 9.74 -18.09
C PRO D 162 1.09 8.50 -18.07
N PHE D 163 1.17 7.71 -17.00
CA PHE D 163 0.36 6.49 -16.84
C PHE D 163 -0.28 6.37 -15.46
N THR D 164 -1.31 5.53 -15.39
CA THR D 164 -1.97 5.16 -14.15
C THR D 164 -1.84 3.67 -13.99
N ASP D 165 -1.33 3.21 -12.86
CA ASP D 165 -1.20 1.79 -12.55
C ASP D 165 -1.07 1.59 -11.03
N GLU D 166 -2.21 1.50 -10.39
CA GLU D 166 -2.31 1.39 -8.95
C GLU D 166 -1.62 0.11 -8.42
N GLN D 167 -1.76 -0.99 -9.12
CA GLN D 167 -1.15 -2.28 -8.72
C GLN D 167 0.42 -2.21 -8.74
N LEU D 168 1.00 -1.59 -9.78
CA LEU D 168 2.43 -1.37 -9.83
C LEU D 168 2.91 -0.52 -8.62
N TYR D 169 2.26 0.60 -8.40
CA TYR D 169 2.58 1.47 -7.28
C TYR D 169 2.53 0.74 -5.94
N MET D 170 1.48 -0.02 -5.70
CA MET D 170 1.30 -0.77 -4.46
C MET D 170 2.32 -1.87 -4.25
N GLU D 171 2.74 -2.52 -5.32
CA GLU D 171 3.79 -3.52 -5.24
C GLU D 171 5.11 -2.94 -4.60
N GLN D 172 5.47 -1.73 -5.07
CA GLN D 172 6.73 -1.12 -4.65
C GLN D 172 6.61 -0.62 -3.22
N PHE D 173 5.45 -0.14 -2.84
CA PHE D 173 5.20 0.38 -1.54
C PHE D 173 5.14 -0.76 -0.51
N THR D 174 4.50 -1.87 -0.91
CA THR D 174 4.46 -3.06 -0.11
C THR D 174 5.85 -3.61 0.19
N LYS D 175 6.74 -3.60 -0.80
CA LYS D 175 8.13 -4.03 -0.58
C LYS D 175 8.85 -3.10 0.37
N ALA D 176 8.75 -1.79 0.16
CA ALA D 176 9.42 -0.83 1.05
C ALA D 176 8.89 -0.81 2.49
N ASN D 177 7.62 -1.15 2.64
CA ASN D 177 6.93 -1.13 3.92
C ASN D 177 7.48 -2.16 4.90
N PHE D 178 8.22 -3.14 4.37
CA PHE D 178 9.01 -4.01 5.21
C PHE D 178 9.81 -3.23 6.25
N TRP D 179 10.37 -2.09 5.88
CA TRP D 179 11.18 -1.30 6.78
C TRP D 179 10.38 -0.45 7.79
N TYR D 180 9.04 -0.53 7.80
CA TYR D 180 8.25 0.11 8.88
C TYR D 180 8.16 -0.65 10.20
N GLN D 181 8.59 -1.93 10.24
CA GLN D 181 8.33 -2.79 11.33
C GLN D 181 8.99 -2.28 12.59
N PRO D 182 8.23 -2.03 13.69
CA PRO D 182 8.88 -1.68 14.95
C PRO D 182 9.49 -2.85 15.70
N SER D 183 9.18 -4.09 15.28
CA SER D 183 9.73 -5.27 15.96
C SER D 183 9.87 -6.46 15.00
N PHE D 184 10.77 -6.32 14.04
CA PHE D 184 11.19 -7.41 13.18
C PHE D 184 12.13 -8.28 14.00
N HIS D 185 11.66 -9.44 14.47
CA HIS D 185 12.39 -10.26 15.42
C HIS D 185 12.92 -9.42 16.61
N GLY D 186 12.11 -8.49 17.09
CA GLY D 186 12.45 -7.65 18.20
C GLY D 186 13.25 -6.40 17.91
N VAL D 187 13.43 -6.09 16.64
CA VAL D 187 14.26 -4.96 16.22
C VAL D 187 13.43 -3.95 15.50
N ASP D 188 13.60 -2.70 15.87
CA ASP D 188 12.89 -1.59 15.27
C ASP D 188 13.62 -1.13 14.02
N LEU D 189 13.06 -1.41 12.87
CA LEU D 189 13.67 -1.04 11.57
C LEU D 189 13.19 0.34 11.04
N SER D 190 12.20 0.93 11.70
CA SER D 190 11.40 2.01 11.13
C SER D 190 12.17 3.31 10.82
N ALA D 191 13.30 3.55 11.48
CA ALA D 191 14.10 4.71 11.12
C ALA D 191 14.71 4.66 9.69
N LEU D 192 14.77 3.50 9.08
CA LEU D 192 15.17 3.31 7.69
C LEU D 192 14.05 3.30 6.64
N ARG D 193 12.80 3.44 7.04
CA ARG D 193 11.67 3.39 6.10
C ARG D 193 11.77 4.40 4.95
N GLY D 194 12.12 5.65 5.27
CA GLY D 194 12.29 6.68 4.26
C GLY D 194 13.37 6.31 3.24
N ALA D 195 14.51 5.82 3.74
CA ALA D 195 15.62 5.43 2.89
C ALA D 195 15.20 4.26 1.99
N ALA D 196 14.41 3.32 2.52
CA ALA D 196 13.97 2.18 1.74
C ALA D 196 13.00 2.59 0.62
N VAL D 197 12.06 3.48 0.95
CA VAL D 197 11.12 4.01 -0.05
C VAL D 197 11.88 4.67 -1.17
N ASP D 198 12.80 5.55 -0.83
CA ASP D 198 13.67 6.21 -1.83
C ASP D 198 14.36 5.22 -2.74
N GLU D 199 14.96 4.18 -2.16
CA GLU D 199 15.68 3.18 -2.94
C GLU D 199 14.75 2.44 -3.91
N TYR D 200 13.60 2.00 -3.43
CA TYR D 200 12.68 1.27 -4.31
C TYR D 200 12.13 2.15 -5.45
N PHE D 201 11.76 3.38 -5.12
CA PHE D 201 11.20 4.31 -6.13
C PHE D 201 12.24 4.87 -7.06
N ARG D 202 13.53 4.74 -6.72
CA ARG D 202 14.61 5.05 -7.67
C ARG D 202 14.77 4.02 -8.79
N GLN D 203 14.10 2.87 -8.72
CA GLN D 203 14.29 1.82 -9.71
C GLN D 203 13.30 1.95 -10.88
N PRO D 204 13.82 2.12 -12.11
CA PRO D 204 12.92 2.05 -13.23
C PRO D 204 12.36 0.68 -13.41
N VAL D 205 11.10 0.59 -13.80
CA VAL D 205 10.40 -0.68 -13.95
C VAL D 205 10.40 -1.07 -15.40
N VAL D 206 11.12 -2.15 -15.71
CA VAL D 206 11.24 -2.66 -17.08
C VAL D 206 10.26 -3.79 -17.21
N ASP D 207 9.23 -3.57 -18.02
CA ASP D 207 8.19 -4.57 -18.35
C ASP D 207 7.32 -3.96 -19.43
N THR D 208 6.31 -4.67 -19.84
CA THR D 208 5.34 -4.13 -20.78
C THR D 208 4.01 -3.92 -20.09
N PHE D 209 3.09 -3.29 -20.81
CA PHE D 209 1.79 -2.92 -20.28
C PHE D 209 0.78 -2.67 -21.37
N ASP D 210 -0.49 -2.76 -21.02
CA ASP D 210 -1.58 -2.41 -21.93
C ASP D 210 -1.58 -0.90 -22.13
N ILE D 211 -1.76 -0.46 -23.38
CA ILE D 211 -1.78 0.99 -23.70
C ILE D 211 -2.88 1.80 -23.02
N ARG D 212 -3.90 1.13 -22.50
CA ARG D 212 -5.03 1.82 -21.84
C ARG D 212 -4.64 2.49 -20.54
N ILE D 213 -3.48 2.13 -19.95
CA ILE D 213 -2.98 2.83 -18.77
C ILE D 213 -2.46 4.26 -19.07
N LEU D 214 -2.21 4.57 -20.33
CA LEU D 214 -1.71 5.90 -20.69
C LEU D 214 -2.78 6.96 -20.63
N MET D 215 -2.47 8.10 -20.05
CA MET D 215 -3.42 9.17 -19.79
C MET D 215 -3.35 10.39 -20.70
N ALA D 216 -2.33 10.43 -21.58
CA ALA D 216 -2.24 11.48 -22.59
C ALA D 216 -1.44 10.91 -23.77
N LYS D 217 -1.50 11.64 -24.89
CA LYS D 217 -0.71 11.31 -26.05
C LYS D 217 0.78 11.54 -25.66
N SER D 218 1.69 10.73 -26.21
CA SER D 218 3.09 10.88 -25.91
C SER D 218 3.74 12.16 -26.45
N VAL D 219 4.79 12.62 -25.78
CA VAL D 219 5.65 13.67 -26.23
C VAL D 219 6.93 12.98 -26.78
N LYS D 220 7.51 13.54 -27.84
CA LYS D 220 8.60 12.98 -28.60
C LYS D 220 9.83 13.86 -28.44
N TYR D 221 10.98 13.28 -28.14
CA TYR D 221 12.27 13.99 -28.15
C TYR D 221 13.21 13.24 -29.13
N THR D 222 13.74 13.94 -30.10
CA THR D 222 14.45 13.41 -31.22
C THR D 222 15.95 13.72 -31.16
N VAL D 223 16.78 12.69 -31.31
CA VAL D 223 18.20 12.85 -31.46
C VAL D 223 18.55 12.47 -32.90
N ASN D 224 19.13 13.39 -33.64
CA ASN D 224 19.59 13.12 -34.98
C ASN D 224 21.09 12.69 -34.90
N PHE D 225 21.36 11.44 -35.24
CA PHE D 225 22.73 10.91 -35.10
C PHE D 225 23.71 11.45 -36.17
N LEU D 226 23.20 11.95 -37.28
CA LEU D 226 24.01 12.62 -38.27
C LEU D 226 24.56 13.96 -37.77
N GLU D 227 23.83 14.65 -36.86
CA GLU D 227 24.24 15.97 -36.41
C GLU D 227 24.78 15.99 -34.97
N ALA D 228 24.32 15.08 -34.09
CA ALA D 228 24.71 15.12 -32.71
C ALA D 228 26.21 14.83 -32.48
N LYS D 229 26.77 15.47 -31.47
CA LYS D 229 28.14 15.20 -31.01
C LYS D 229 28.02 14.35 -29.72
N GLU D 230 29.05 13.60 -29.41
CA GLU D 230 29.03 12.80 -28.18
C GLU D 230 28.71 13.63 -26.92
N GLY D 231 29.28 14.84 -26.85
CA GLY D 231 29.05 15.69 -25.70
C GLY D 231 27.60 16.07 -25.48
N ASP D 232 26.80 16.04 -26.55
CA ASP D 232 25.36 16.31 -26.43
C ASP D 232 24.65 15.33 -25.50
N LEU D 233 25.19 14.14 -25.30
CA LEU D 233 24.57 13.10 -24.49
C LEU D 233 25.01 13.05 -23.04
N HIS D 234 25.90 13.93 -22.62
CA HIS D 234 26.28 13.99 -21.20
C HIS D 234 25.14 14.52 -20.33
N ARG D 235 24.37 15.47 -20.90
CA ARG D 235 23.25 16.08 -20.19
C ARG D 235 22.09 16.23 -21.13
N ILE D 236 21.01 15.54 -20.88
CA ILE D 236 19.86 15.49 -21.83
C ILE D 236 18.65 16.08 -21.11
N GLU D 237 18.18 17.22 -21.60
CA GLU D 237 17.05 17.93 -20.99
C GLU D 237 15.82 17.76 -21.89
N ILE D 238 14.80 17.06 -21.38
CA ILE D 238 13.57 16.76 -22.14
C ILE D 238 12.38 17.51 -21.49
N PRO D 239 12.01 18.67 -22.05
CA PRO D 239 10.80 19.33 -21.51
C PRO D 239 9.55 18.60 -22.00
N PHE D 240 8.47 18.69 -21.22
CA PHE D 240 7.19 18.08 -21.61
C PHE D 240 6.00 18.90 -21.17
N LYS D 241 4.95 18.87 -22.00
CA LYS D 241 3.65 19.46 -21.71
C LYS D 241 2.58 18.46 -22.20
N PHE D 242 1.94 17.72 -21.30
CA PHE D 242 0.90 16.75 -21.68
C PHE D 242 -0.50 17.38 -21.50
N HIS D 243 -1.35 17.19 -22.48
CA HIS D 243 -2.78 17.53 -22.35
CA HIS D 243 -2.77 17.53 -22.37
C HIS D 243 -3.52 16.24 -21.94
N MET D 244 -3.97 16.19 -20.71
CA MET D 244 -4.55 14.99 -20.12
C MET D 244 -5.88 14.61 -20.78
N LEU D 245 -5.99 13.37 -21.23
CA LEU D 245 -7.19 12.85 -21.90
C LEU D 245 -8.12 12.10 -20.94
N HIS D 246 -7.61 11.68 -19.80
CA HIS D 246 -8.41 10.95 -18.80
C HIS D 246 -8.15 11.54 -17.43
N SER D 247 -9.17 11.47 -16.57
CA SER D 247 -9.06 11.90 -15.17
C SER D 247 -8.57 10.73 -14.33
N GLY D 248 -7.68 10.97 -13.38
CA GLY D 248 -7.23 9.93 -12.49
C GLY D 248 -5.91 10.29 -11.81
N LEU D 249 -5.35 9.27 -11.14
CA LEU D 249 -4.08 9.38 -10.48
C LEU D 249 -2.98 9.03 -11.49
N VAL D 250 -2.03 9.95 -11.67
CA VAL D 250 -0.82 9.73 -12.45
C VAL D 250 0.22 9.16 -11.54
N HIS D 251 0.58 7.90 -11.78
CA HIS D 251 1.58 7.21 -10.95
C HIS D 251 3.01 7.38 -11.48
N GLY D 252 3.18 7.92 -12.71
CA GLY D 252 4.50 8.14 -13.26
C GLY D 252 4.55 8.41 -14.78
N LEU D 253 5.75 8.34 -15.34
CA LEU D 253 5.95 8.45 -16.78
C LEU D 253 6.48 7.14 -17.35
N ALA D 254 5.94 6.78 -18.52
CA ALA D 254 6.36 5.60 -19.27
C ALA D 254 7.23 6.10 -20.43
N PHE D 255 8.26 5.34 -20.76
CA PHE D 255 9.21 5.67 -21.79
C PHE D 255 9.35 4.53 -22.77
N TRP D 256 9.48 4.87 -24.05
CA TRP D 256 9.91 3.92 -25.06
C TRP D 256 10.67 4.67 -26.14
N PHE D 257 11.14 3.94 -27.15
CA PHE D 257 11.88 4.60 -28.24
C PHE D 257 11.70 3.91 -29.59
N ASP D 258 11.83 4.73 -30.63
CA ASP D 258 11.87 4.29 -32.03
C ASP D 258 13.20 4.76 -32.61
N VAL D 259 13.80 3.94 -33.49
CA VAL D 259 14.89 4.44 -34.34
C VAL D 259 14.47 4.28 -35.81
N ALA D 260 14.94 5.22 -36.64
CA ALA D 260 14.68 5.15 -38.07
C ALA D 260 15.98 5.01 -38.84
N PHE D 261 15.96 4.11 -39.82
CA PHE D 261 17.06 3.91 -40.75
C PHE D 261 16.62 4.66 -42.02
N ILE D 262 17.16 5.87 -42.24
CA ILE D 262 16.73 6.74 -43.33
C ILE D 262 17.64 6.50 -44.53
N GLY D 263 17.24 5.51 -45.37
CA GLY D 263 18.04 5.14 -46.52
C GLY D 263 17.61 5.84 -47.81
N SER D 264 18.36 5.61 -48.87
CA SER D 264 18.07 6.18 -50.18
C SER D 264 16.80 5.60 -50.82
N ILE D 265 16.49 4.33 -50.56
CA ILE D 265 15.32 3.67 -51.13
C ILE D 265 14.12 3.86 -50.24
N MET D 266 14.27 3.60 -48.94
CA MET D 266 13.16 3.78 -48.00
C MET D 266 13.61 4.00 -46.54
N THR D 267 12.67 4.48 -45.76
CA THR D 267 12.88 4.65 -44.34
C THR D 267 12.27 3.50 -43.60
N VAL D 268 13.07 2.80 -42.79
CA VAL D 268 12.60 1.66 -42.00
C VAL D 268 12.71 1.99 -40.52
N TRP D 269 11.62 1.70 -39.81
CA TRP D 269 11.47 2.01 -38.40
C TRP D 269 11.57 0.73 -37.56
N LEU D 270 12.33 0.82 -36.47
CA LEU D 270 12.33 -0.21 -35.42
C LEU D 270 11.74 0.45 -34.18
N SER D 271 10.54 0.00 -33.79
CA SER D 271 9.80 0.65 -32.70
C SER D 271 9.69 -0.28 -31.49
N THR D 272 9.86 0.30 -30.29
CA THR D 272 9.64 -0.43 -29.04
C THR D 272 8.41 0.07 -28.30
N ALA D 273 7.50 0.71 -29.03
CA ALA D 273 6.23 1.19 -28.49
C ALA D 273 5.35 0.06 -27.96
N PRO D 274 4.53 0.35 -26.93
CA PRO D 274 3.59 -0.64 -26.40
C PRO D 274 2.44 -1.00 -27.37
N THR D 275 2.25 -0.22 -28.44
CA THR D 275 1.35 -0.61 -29.54
C THR D 275 1.96 -1.58 -30.57
N GLU D 276 3.24 -1.90 -30.44
CA GLU D 276 3.97 -2.69 -31.42
C GLU D 276 4.43 -4.00 -30.79
N PRO D 277 4.87 -4.96 -31.63
CA PRO D 277 5.23 -6.23 -31.02
C PRO D 277 6.42 -6.09 -30.03
N LEU D 278 6.38 -6.91 -29.00
CA LEU D 278 7.30 -6.88 -27.92
C LEU D 278 8.76 -7.18 -28.38
N THR D 279 9.74 -6.42 -27.82
CA THR D 279 11.16 -6.64 -28.02
C THR D 279 11.79 -6.85 -26.66
N HIS D 280 13.05 -7.24 -26.62
CA HIS D 280 13.79 -7.42 -25.37
C HIS D 280 14.14 -6.08 -24.67
N TRP D 281 13.85 -4.93 -25.29
CA TRP D 281 13.93 -3.64 -24.58
C TRP D 281 12.66 -3.34 -23.75
N TYR D 282 11.56 -4.06 -24.02
CA TYR D 282 10.29 -3.87 -23.34
C TYR D 282 9.92 -2.36 -23.39
N GLN D 283 9.38 -1.84 -22.29
CA GLN D 283 9.24 -0.43 -22.04
C GLN D 283 9.70 -0.15 -20.62
N VAL D 284 9.84 1.13 -20.29
CA VAL D 284 10.36 1.54 -18.98
C VAL D 284 9.44 2.55 -18.31
N ARG D 285 9.13 2.26 -17.02
CA ARG D 285 8.32 3.21 -16.25
C ARG D 285 9.06 3.73 -15.05
N CYS D 286 8.99 5.04 -14.86
CA CYS D 286 9.50 5.67 -13.66
C CYS D 286 8.30 6.11 -12.81
N LEU D 287 8.20 5.55 -11.59
CA LEU D 287 7.15 5.85 -10.67
C LEU D 287 7.41 7.15 -9.94
N PHE D 288 6.33 7.87 -9.61
CA PHE D 288 6.40 8.98 -8.69
C PHE D 288 6.15 8.43 -7.29
N GLN D 289 6.85 8.97 -6.31
CA GLN D 289 6.74 8.51 -4.92
C GLN D 289 5.40 8.86 -4.29
N SER D 290 4.82 9.97 -4.71
CA SER D 290 3.43 10.34 -4.46
C SER D 290 2.81 10.61 -5.82
N PRO D 291 1.73 9.91 -6.17
CA PRO D 291 1.05 10.16 -7.39
C PRO D 291 0.35 11.53 -7.41
N LEU D 292 0.02 12.04 -8.61
CA LEU D 292 -0.59 13.32 -8.78
C LEU D 292 -1.98 13.14 -9.42
N PHE D 293 -2.99 13.80 -8.85
CA PHE D 293 -4.31 13.83 -9.45
C PHE D 293 -4.40 14.83 -10.57
N ALA D 294 -4.97 14.41 -11.70
CA ALA D 294 -5.33 15.34 -12.76
C ALA D 294 -6.68 15.00 -13.37
N LYS D 295 -7.41 16.04 -13.78
CA LYS D 295 -8.67 15.86 -14.50
C LYS D 295 -8.38 15.93 -16.00
N ALA D 296 -9.22 15.29 -16.78
CA ALA D 296 -9.16 15.42 -18.24
C ALA D 296 -9.25 16.91 -18.58
N GLY D 297 -8.40 17.36 -19.52
CA GLY D 297 -8.29 18.78 -19.86
C GLY D 297 -7.19 19.55 -19.15
N ASP D 298 -6.67 19.01 -18.03
CA ASP D 298 -5.53 19.63 -17.35
C ASP D 298 -4.25 19.45 -18.14
N THR D 299 -3.22 20.18 -17.72
CA THR D 299 -1.92 20.13 -18.34
C THR D 299 -0.92 19.65 -17.29
N LEU D 300 -0.13 18.66 -17.67
CA LEU D 300 0.97 18.15 -16.84
C LEU D 300 2.25 18.55 -17.54
N SER D 301 3.04 19.37 -16.87
CA SER D 301 4.27 19.94 -17.44
C SER D 301 5.45 19.72 -16.53
N GLY D 302 6.63 19.79 -17.12
CA GLY D 302 7.90 19.70 -16.40
C GLY D 302 9.05 19.26 -17.25
N THR D 303 10.03 18.61 -16.62
CA THR D 303 11.28 18.25 -17.25
C THR D 303 11.76 16.87 -16.84
N CYS D 304 12.26 16.12 -17.81
N CYS D 304 12.26 16.13 -17.83
CA CYS D 304 13.02 14.93 -17.56
CA CYS D 304 13.05 14.94 -17.61
C CYS D 304 14.49 15.28 -17.88
C CYS D 304 14.50 15.36 -17.89
N LEU D 305 15.36 15.17 -16.89
CA LEU D 305 16.77 15.54 -17.01
C LEU D 305 17.65 14.29 -16.82
N LEU D 306 18.42 13.93 -17.81
CA LEU D 306 19.25 12.74 -17.77
C LEU D 306 20.72 13.19 -17.67
N ILE D 307 21.42 12.76 -16.64
CA ILE D 307 22.83 13.13 -16.40
C ILE D 307 23.71 11.87 -16.45
N ALA D 308 24.59 11.82 -17.44
CA ALA D 308 25.45 10.66 -17.66
C ALA D 308 26.39 10.46 -16.46
N ASN D 309 26.52 9.21 -15.99
CA ASN D 309 27.47 8.89 -14.92
C ASN D 309 28.59 7.96 -15.44
N LYS D 310 29.61 7.75 -14.62
CA LYS D 310 30.72 6.90 -15.06
C LYS D 310 30.47 5.36 -14.95
N ARG D 311 29.25 4.95 -14.60
CA ARG D 311 28.87 3.55 -14.59
C ARG D 311 28.11 3.19 -15.86
N GLN D 312 28.35 3.94 -16.92
CA GLN D 312 27.74 3.68 -18.23
C GLN D 312 26.22 3.78 -18.18
N SER D 313 25.70 4.67 -17.33
CA SER D 313 24.28 4.87 -17.23
C SER D 313 23.93 6.31 -16.95
N TYR D 314 22.71 6.56 -16.47
CA TYR D 314 22.24 7.91 -16.22
C TYR D 314 21.55 8.04 -14.87
N ASP D 315 21.76 9.17 -14.23
CA ASP D 315 20.94 9.64 -13.10
C ASP D 315 19.81 10.44 -13.73
N ILE D 316 18.57 10.10 -13.41
CA ILE D 316 17.41 10.69 -14.05
C ILE D 316 16.69 11.54 -13.01
N SER D 317 16.41 12.75 -13.38
CA SER D 317 15.58 13.62 -12.57
C SER D 317 14.26 13.90 -13.36
N ILE D 318 13.14 13.65 -12.71
CA ILE D 318 11.83 13.96 -13.28
C ILE D 318 11.05 14.87 -12.37
N VAL D 319 10.71 16.03 -12.87
CA VAL D 319 9.93 17.04 -12.11
C VAL D 319 8.65 17.27 -12.95
N ALA D 320 7.51 17.15 -12.31
CA ALA D 320 6.22 17.20 -13.00
C ALA D 320 5.23 17.96 -12.15
N GLN D 321 4.39 18.76 -12.80
CA GLN D 321 3.36 19.48 -12.09
C GLN D 321 2.07 19.54 -12.89
N VAL D 322 0.94 19.53 -12.17
CA VAL D 322 -0.36 19.76 -12.77
C VAL D 322 -0.56 21.27 -12.74
N ASP D 323 -0.58 21.91 -13.91
CA ASP D 323 -0.53 23.39 -13.95
C ASP D 323 -1.74 24.06 -13.30
N GLN D 324 -2.91 23.45 -13.41
CA GLN D 324 -4.14 24.01 -12.88
C GLN D 324 -4.22 24.04 -11.34
N THR D 325 -3.51 23.14 -10.64
CA THR D 325 -3.53 23.09 -9.17
C THR D 325 -2.23 23.39 -8.48
N GLY D 326 -1.11 23.43 -9.22
CA GLY D 326 0.25 23.53 -8.64
C GLY D 326 0.75 22.28 -7.90
N SER D 327 0.07 21.14 -8.06
CA SER D 327 0.53 19.88 -7.48
C SER D 327 1.80 19.36 -8.19
N LYS D 328 2.86 19.12 -7.43
CA LYS D 328 4.23 18.86 -7.88
C LYS D 328 4.73 17.49 -7.40
N SER D 329 5.41 16.76 -8.30
CA SER D 329 6.19 15.60 -7.90
C SER D 329 7.60 15.70 -8.51
N SER D 330 8.59 15.38 -7.67
CA SER D 330 10.02 15.49 -8.02
C SER D 330 10.66 14.17 -7.67
N ASN D 331 11.34 13.54 -8.65
CA ASN D 331 11.77 12.16 -8.48
C ASN D 331 13.16 11.98 -9.07
N LEU D 332 13.90 11.08 -8.44
CA LEU D 332 15.26 10.74 -8.86
C LEU D 332 15.26 9.27 -9.20
N LEU D 333 15.85 8.90 -10.32
CA LEU D 333 15.93 7.50 -10.67
C LEU D 333 17.37 7.15 -11.02
N ASP D 334 17.65 5.87 -10.84
CA ASP D 334 18.99 5.32 -11.03
C ASP D 334 18.82 4.23 -12.05
N LEU D 335 19.14 4.60 -13.30
CA LEU D 335 18.91 3.70 -14.40
C LEU D 335 19.84 2.47 -14.42
N LYS D 336 20.88 2.46 -13.62
CA LYS D 336 21.77 1.32 -13.45
C LYS D 336 21.14 0.15 -12.67
N ASN D 337 20.12 0.38 -11.88
CA ASN D 337 19.49 -0.70 -11.03
C ASN D 337 17.98 -0.83 -11.32
N PRO D 338 17.63 -1.25 -12.54
CA PRO D 338 16.21 -1.43 -12.89
C PRO D 338 15.58 -2.62 -12.23
N PHE D 339 14.25 -2.59 -12.06
CA PHE D 339 13.50 -3.74 -11.60
C PHE D 339 12.89 -4.41 -12.82
N PHE D 340 13.36 -5.62 -13.10
CA PHE D 340 12.89 -6.43 -14.24
C PHE D 340 11.66 -7.16 -13.82
N ARG D 341 10.51 -6.57 -14.07
CA ARG D 341 9.24 -7.08 -13.55
C ARG D 341 8.62 -8.15 -14.43
N TYR D 342 8.89 -8.13 -15.73
CA TYR D 342 8.38 -9.21 -16.66
C TYR D 342 8.25 -10.74 -16.13
#